data_5FFJ
#
_entry.id   5FFJ
#
_cell.length_a   87.400
_cell.length_b   222.290
_cell.length_c   117.410
_cell.angle_alpha   90.00
_cell.angle_beta   105.14
_cell.angle_gamma   90.00
#
_symmetry.space_group_name_H-M   'P 1 21 1'
#
loop_
_entity.id
_entity.type
_entity.pdbx_description
1 polymer 'Endonuclease and methylase LlaGI'
2 polymer "DNA (5'-D(P*TP*CP*CP*TP*CP*CP*AP*TP*CP*CP*AP*GP*TP*CP*TP*AP*TP*TP*AP*GP*CP*T)-3')"
3 polymer "DNA (5'-D(P*TP*AP*GP*CP*TP*AP*AP*TP*AP*GP*AP*CP*TP*GP*GP*AP*TP*GP*GP*AP*GP*G)-3')"
4 water water
#
loop_
_entity_poly.entity_id
_entity_poly.type
_entity_poly.pdbx_seq_one_letter_code
_entity_poly.pdbx_strand_id
1 'polypeptide(L)'
;MRPENVVVKKPKKLRDYQQTAKENALAHFKENDRGQLIMAPGTGKTFTSLKISEALSKDKNGPFKVLYLVPSIQLLTQTL
RGWNNDTELTITSMAVTSDRDASRGTDGTEDIKASDIGYPATTSSKKILQNWHDFESLPKQTDMLVVFSTYQSIEVIGEA
QKEGFPEFDFIISDEAHRTTGAHEAAKEASAFSKVHSNNNVKGLKRMYQTATPKIYGESAKKNAKDKSILLSSMDDESKY
GEVFFRMGFGQAVSRDILTDYKVMVLAVDEAAIQKDMQRTLADPENGLNIDDVGRIVGIWNGMMRRNGYKNPIKNSPYDG
APLERAIAFTRTIEESKKVSSQFEEVVNEYISEAIEDESIHLSMRHADGKMNALQKGEILDWLADPNKPADEARIVSNVR
FLTEGIDIPTLDAVIFLSPKKSQVDIVQAVGRIMRKAEGKDYGYIILPIVIPTGEKPETILDNNKNYETVWQVINALRSV
DERFEAMIDKLNMAKPKQLKVIGVGSAPEQVNDQDKTIENTPVQTELELEWNKFEGAIFGKIVQKVGDRKYLENWSKDVA
KIAERQINWIKNKLSDKKDPISLEFKKFVSSLQHNINDSIDEKQAAEMLSQHLITKPIFEALFSEYSFVNQNPVSQAMES
IVSELEKAGFAKEQENLEPLYESVRMRAEGIEKAEDKQKIIVTLYDKFFKTAFKATTERLGIVFTPIEVVDFIVHSVDDV
LKKHFGKSLASKDVHILDPFTGTGTFIVRTLTYLKEQMDAGEISLSDITRKFMKELHANEIVLLSYYIAAINIEATFDEI
NGEEEGYVPFEGIVLTDTFESTETEETLDDDYFGTNDERLKRQQEVPITAIIGNPPYSKGQSNENDNNKNIEYPRLFKSI
ADSYVKNSKTTSVLGMYDSYVLSIRWASNRLNDKGVIGFVSNGSYIDSQSADGLRKSLFKEFNHLYIFNLRGDQRTQGET
SRKEGGKIFGSGSRTSIAISILVKDDSDNHEVHYHDIGDYLTRDDKLDILRDKESILNIDWENISPDENNDWINQRDQNY
LNYRPLADENGSIFSVKDIGIVTNRDAWVSNFSKINVSDNVQIMIKNYNLEVDRLENIDVKLNDKTVVDYVTNDERKISW
SRSLKQRAARREKTQFSHSDIMLAMYRPFTKKYLYRNRFLNENVRKTYQTFPDKNSKNLLINISGQGDKADFATLISEYL
SDMHVIGGQARNLPRFTYETDGMFAGRTDNIVSDDEFYYVYGVLHSSAYRKRYANDLKKDLPRIPLLKNKDKYVEIGRKL
SDLHLNYENQPIWDGIEVEISQPDYRVKKMKHPKKGVLDTIIYNESITIKNIPERAYEYVVNGRPAIEWIIDQYQVKTDK
KSGITDDPNEFSDNPKYILNLLLSVITVSMRTLELIEELPEFEIQE
;
A,B
2 'polydeoxyribonucleotide'
;(DT)(DC)(DC)(DT)(DC)(DC)(DA)(DT)(DC)(DC)(DA)(DG)(DT)(DC)(DT)(DA)(DT)(DT)(DA)(DG)
(DC)(DT)(DA)
;
D,E
3 'polydeoxyribonucleotide'
;(DT)(DT)(DA)(DG)(DC)(DT)(DA)(DA)(DT)(DA)(DG)(DA)(DC)(DT)(DG)(DG)(DA)(DT)(DG)(DG)
(DA)(DG)(DG)
;
C,F
#
# COMPACT_ATOMS: atom_id res chain seq x y z
N LYS A 12 5.29 2.41 47.29
CA LYS A 12 4.16 1.50 47.45
C LYS A 12 4.64 0.04 47.48
N LYS A 13 3.74 -0.86 47.86
CA LYS A 13 4.04 -2.29 47.86
C LYS A 13 3.18 -2.99 46.82
N LEU A 14 3.84 -3.58 45.82
CA LEU A 14 3.15 -4.23 44.71
C LEU A 14 2.11 -5.23 45.19
N ARG A 15 0.91 -5.12 44.64
CA ARG A 15 -0.20 -6.02 44.96
C ARG A 15 0.16 -7.48 44.67
N ASP A 16 -0.64 -8.41 45.18
CA ASP A 16 -0.30 -9.82 45.16
C ASP A 16 -0.23 -10.40 43.74
N TYR A 17 -1.23 -10.07 42.91
CA TYR A 17 -1.25 -10.58 41.54
C TYR A 17 -0.22 -9.85 40.68
N GLN A 18 0.20 -8.68 41.12
CA GLN A 18 1.26 -7.94 40.45
C GLN A 18 2.57 -8.67 40.63
N GLN A 19 2.79 -9.19 41.83
CA GLN A 19 3.94 -10.03 42.14
C GLN A 19 3.96 -11.23 41.21
N THR A 20 2.79 -11.86 41.06
CA THR A 20 2.61 -12.98 40.14
C THR A 20 3.03 -12.57 38.73
N ALA A 21 2.49 -11.45 38.25
CA ALA A 21 2.85 -10.91 36.94
C ALA A 21 4.35 -10.66 36.83
N LYS A 22 4.92 -10.11 37.89
CA LYS A 22 6.35 -9.88 37.94
C LYS A 22 7.10 -11.21 37.85
N GLU A 23 6.66 -12.19 38.64
CA GLU A 23 7.26 -13.52 38.62
C GLU A 23 7.16 -14.16 37.23
N ASN A 24 5.96 -14.19 36.67
CA ASN A 24 5.74 -14.75 35.34
C ASN A 24 6.60 -14.03 34.29
N ALA A 25 6.66 -12.72 34.40
CA ALA A 25 7.44 -11.89 33.48
C ALA A 25 8.89 -12.35 33.48
N LEU A 26 9.51 -12.36 34.66
CA LEU A 26 10.89 -12.77 34.81
C LEU A 26 11.12 -14.17 34.26
N ALA A 27 10.26 -15.10 34.65
CA ALA A 27 10.34 -16.49 34.18
C ALA A 27 10.26 -16.55 32.66
N HIS A 28 9.33 -15.79 32.10
CA HIS A 28 9.11 -15.76 30.66
C HIS A 28 10.33 -15.20 29.91
N PHE A 29 10.78 -14.02 30.32
CA PHE A 29 11.90 -13.35 29.66
C PHE A 29 13.23 -14.06 29.90
N LYS A 30 13.21 -15.08 30.76
CA LYS A 30 14.39 -15.88 31.04
C LYS A 30 14.86 -16.62 29.79
N GLU A 31 13.90 -17.14 29.02
CA GLU A 31 14.20 -17.88 27.79
C GLU A 31 13.80 -17.10 26.55
N ASN A 32 12.70 -16.37 26.63
CA ASN A 32 12.16 -15.63 25.48
C ASN A 32 12.70 -14.21 25.42
N ASP A 33 12.26 -13.45 24.41
CA ASP A 33 12.67 -12.06 24.23
C ASP A 33 11.47 -11.16 23.97
N ARG A 34 10.28 -11.77 23.90
CA ARG A 34 9.04 -11.03 23.68
C ARG A 34 7.91 -11.62 24.52
N GLY A 35 7.17 -10.74 25.19
CA GLY A 35 6.03 -11.16 25.99
C GLY A 35 4.98 -10.07 26.08
N GLN A 36 3.74 -10.46 26.31
CA GLN A 36 2.64 -9.51 26.47
C GLN A 36 2.14 -9.50 27.90
N LEU A 37 1.52 -8.40 28.29
CA LEU A 37 1.03 -8.19 29.64
C LEU A 37 -0.39 -7.64 29.60
N ILE A 38 -1.38 -8.49 29.90
CA ILE A 38 -2.78 -8.08 29.84
C ILE A 38 -3.36 -7.86 31.24
N MET A 39 -3.87 -6.65 31.47
CA MET A 39 -4.53 -6.31 32.72
C MET A 39 -5.68 -5.36 32.48
N ALA A 40 -6.76 -5.51 33.26
CA ALA A 40 -7.85 -4.54 33.23
C ALA A 40 -7.30 -3.15 33.56
N PRO A 41 -7.99 -2.09 33.10
CA PRO A 41 -7.50 -0.73 33.36
C PRO A 41 -7.42 -0.41 34.85
N GLY A 42 -8.19 -1.14 35.66
CA GLY A 42 -8.31 -0.87 37.07
C GLY A 42 -7.05 -1.06 37.89
N THR A 43 -6.33 -2.16 37.65
CA THR A 43 -5.17 -2.51 38.48
C THR A 43 -4.01 -1.52 38.36
N GLY A 44 -3.77 -1.04 37.15
CA GLY A 44 -2.65 -0.16 36.89
C GLY A 44 -1.40 -0.93 36.50
N LYS A 45 -1.27 -1.21 35.22
CA LYS A 45 -0.11 -1.95 34.71
C LYS A 45 1.13 -1.07 34.71
N THR A 46 0.92 0.25 34.73
CA THR A 46 2.02 1.21 34.72
C THR A 46 2.94 1.04 35.92
N PHE A 47 2.35 0.89 37.09
CA PHE A 47 3.13 0.67 38.31
C PHE A 47 3.89 -0.65 38.22
N THR A 48 3.18 -1.70 37.83
CA THR A 48 3.76 -3.03 37.73
C THR A 48 4.94 -3.08 36.77
N SER A 49 4.84 -2.32 35.69
CA SER A 49 5.91 -2.28 34.69
C SER A 49 7.20 -1.74 35.29
N LEU A 50 7.07 -0.75 36.16
CA LEU A 50 8.22 -0.22 36.89
C LEU A 50 8.85 -1.32 37.74
N LYS A 51 8.01 -2.00 38.52
CA LYS A 51 8.49 -3.05 39.41
C LYS A 51 9.13 -4.21 38.65
N ILE A 52 8.62 -4.49 37.45
CA ILE A 52 9.24 -5.49 36.58
C ILE A 52 10.60 -4.98 36.10
N SER A 53 10.62 -3.73 35.65
CA SER A 53 11.84 -3.10 35.16
C SER A 53 12.93 -3.11 36.22
N GLU A 54 12.51 -2.94 37.47
CA GLU A 54 13.44 -2.95 38.60
C GLU A 54 14.14 -4.30 38.72
N ALA A 55 13.37 -5.38 38.57
CA ALA A 55 13.90 -6.73 38.76
C ALA A 55 14.99 -7.05 37.74
N LEU A 56 14.80 -6.62 36.50
CA LEU A 56 15.81 -6.79 35.47
C LEU A 56 17.00 -5.87 35.75
N SER A 57 16.72 -4.72 36.36
CA SER A 57 17.76 -3.77 36.75
C SER A 57 18.64 -4.36 37.84
N LYS A 58 18.00 -5.02 38.80
CA LYS A 58 18.71 -5.72 39.87
C LYS A 58 19.74 -6.69 39.31
N ASP A 59 19.35 -7.38 38.25
CA ASP A 59 20.15 -8.47 37.68
C ASP A 59 21.34 -7.97 36.85
N LYS A 60 21.20 -6.80 36.23
CA LYS A 60 22.12 -6.41 35.16
C LYS A 60 23.48 -5.89 35.65
N ASN A 61 23.50 -5.21 36.78
CA ASN A 61 24.73 -4.67 37.34
C ASN A 61 25.42 -3.64 36.42
N GLY A 62 24.64 -2.68 35.98
CA GLY A 62 25.13 -1.58 35.15
C GLY A 62 23.98 -0.62 34.93
N PRO A 63 24.20 0.47 34.18
CA PRO A 63 23.03 1.28 33.87
C PRO A 63 22.02 0.52 32.99
N PHE A 64 20.78 0.43 33.46
CA PHE A 64 19.76 -0.37 32.82
C PHE A 64 18.83 0.52 31.97
N LYS A 65 18.78 0.29 30.66
CA LYS A 65 18.11 1.19 29.74
C LYS A 65 16.73 0.67 29.36
N VAL A 66 15.71 1.50 29.61
CA VAL A 66 14.32 1.15 29.31
C VAL A 66 13.73 2.13 28.31
N LEU A 67 12.98 1.61 27.35
CA LEU A 67 12.22 2.45 26.42
C LEU A 67 10.73 2.25 26.68
N TYR A 68 10.05 3.32 27.09
CA TYR A 68 8.63 3.27 27.37
C TYR A 68 7.85 4.07 26.34
N LEU A 69 7.28 3.36 25.37
CA LEU A 69 6.56 3.98 24.27
C LEU A 69 5.09 4.16 24.62
N VAL A 70 4.53 5.27 24.17
CA VAL A 70 3.18 5.66 24.56
C VAL A 70 2.48 6.49 23.47
N PRO A 71 1.17 6.27 23.25
CA PRO A 71 0.51 7.04 22.19
C PRO A 71 0.32 8.53 22.51
N SER A 72 -0.54 8.84 23.47
CA SER A 72 -0.94 10.22 23.74
C SER A 72 0.11 10.97 24.56
N ILE A 73 0.01 12.30 24.58
CA ILE A 73 0.93 13.13 25.35
C ILE A 73 0.59 13.07 26.83
N GLN A 74 -0.71 12.96 27.12
CA GLN A 74 -1.20 12.92 28.49
C GLN A 74 -0.65 11.71 29.24
N LEU A 75 -0.56 10.59 28.53
CA LEU A 75 -0.02 9.36 29.11
C LEU A 75 1.47 9.49 29.37
N LEU A 76 2.19 10.14 28.45
CA LEU A 76 3.64 10.30 28.57
C LEU A 76 4.00 10.99 29.87
N THR A 77 3.23 12.03 30.22
CA THR A 77 3.48 12.80 31.42
C THR A 77 2.99 12.08 32.67
N GLN A 78 1.89 11.33 32.53
CA GLN A 78 1.33 10.58 33.65
C GLN A 78 2.25 9.45 34.08
N THR A 79 3.00 8.91 33.11
CA THR A 79 3.93 7.82 33.39
C THR A 79 5.28 8.33 33.89
N LEU A 80 5.77 9.41 33.29
CA LEU A 80 7.05 10.00 33.67
C LEU A 80 7.03 10.43 35.14
N ARG A 81 5.95 11.10 35.54
CA ARG A 81 5.82 11.58 36.91
C ARG A 81 5.52 10.43 37.87
N GLY A 82 4.55 9.60 37.50
CA GLY A 82 4.10 8.51 38.34
C GLY A 82 5.16 7.46 38.61
N TRP A 83 6.10 7.30 37.68
CA TRP A 83 7.19 6.34 37.86
C TRP A 83 8.14 6.83 38.94
N ASN A 84 8.55 8.08 38.88
CA ASN A 84 9.53 8.62 39.81
C ASN A 84 9.02 8.66 41.25
N ASN A 85 7.71 8.74 41.42
CA ASN A 85 7.11 8.74 42.76
C ASN A 85 7.09 7.34 43.36
N ASP A 86 6.81 6.35 42.52
CA ASP A 86 6.68 4.96 42.95
C ASP A 86 8.01 4.22 42.94
N THR A 87 9.01 4.82 42.29
CA THR A 87 10.32 4.20 42.14
C THR A 87 11.02 3.96 43.47
N GLU A 88 11.39 2.71 43.71
CA GLU A 88 12.24 2.36 44.86
C GLU A 88 13.70 2.63 44.54
N LEU A 89 14.04 2.53 43.26
CA LEU A 89 15.42 2.65 42.79
C LEU A 89 15.87 4.09 42.53
N THR A 90 17.11 4.22 42.06
CA THR A 90 17.61 5.46 41.48
C THR A 90 17.27 5.50 40.00
N ILE A 91 16.41 6.44 39.61
CA ILE A 91 15.94 6.51 38.23
C ILE A 91 16.33 7.83 37.58
N THR A 92 16.81 7.73 36.35
CA THR A 92 17.07 8.90 35.52
C THR A 92 16.07 8.85 34.36
N SER A 93 15.33 9.93 34.18
CA SER A 93 14.24 9.97 33.21
C SER A 93 14.60 10.77 31.96
N MET A 94 13.98 10.38 30.85
CA MET A 94 14.16 11.06 29.57
C MET A 94 12.83 11.15 28.83
N ALA A 95 12.50 12.36 28.40
CA ALA A 95 11.33 12.59 27.57
C ALA A 95 11.75 12.95 26.16
N VAL A 96 11.02 12.46 25.17
CA VAL A 96 11.23 12.91 23.80
C VAL A 96 9.87 13.34 23.25
N THR A 97 9.79 14.60 22.81
CA THR A 97 8.54 15.21 22.41
C THR A 97 8.80 16.64 21.92
N SER A 98 7.88 17.17 21.10
CA SER A 98 7.94 18.55 20.62
C SER A 98 7.32 19.54 21.63
N ASP A 99 7.22 19.11 22.89
CA ASP A 99 6.73 19.97 23.97
C ASP A 99 7.70 19.94 25.15
N ARG A 100 8.33 21.08 25.42
CA ARG A 100 9.29 21.18 26.52
C ARG A 100 8.58 20.98 27.86
N ASP A 101 7.36 21.51 27.97
CA ASP A 101 6.58 21.40 29.19
C ASP A 101 6.21 19.96 29.53
N ALA A 102 6.37 19.05 28.57
CA ALA A 102 6.01 17.65 28.76
C ALA A 102 6.91 16.93 29.77
N SER A 103 8.05 17.54 30.10
CA SER A 103 8.98 16.99 31.10
C SER A 103 9.02 17.80 32.39
N ARG A 104 7.89 17.82 33.10
CA ARG A 104 7.70 18.65 34.27
C ARG A 104 6.74 17.97 35.24
N GLY A 105 6.52 18.59 36.39
CA GLY A 105 5.64 18.05 37.41
C GLY A 105 4.97 19.15 38.20
N LYS A 113 5.19 23.47 41.59
CA LYS A 113 5.18 22.04 41.90
C LYS A 113 6.53 21.40 41.59
N ALA A 114 6.83 21.26 40.30
CA ALA A 114 8.11 20.72 39.85
C ALA A 114 8.42 21.20 38.43
N SER A 115 9.66 21.03 38.01
CA SER A 115 10.10 21.49 36.69
C SER A 115 11.39 20.80 36.28
N ASP A 116 11.44 20.40 35.01
CA ASP A 116 12.61 19.72 34.45
C ASP A 116 12.91 18.42 35.19
N ILE A 117 11.91 17.53 35.22
CA ILE A 117 12.08 16.22 35.83
C ILE A 117 12.83 15.29 34.88
N GLY A 118 14.13 15.13 35.13
CA GLY A 118 14.99 14.38 34.24
C GLY A 118 15.48 15.28 33.12
N TYR A 119 16.18 14.72 32.14
CA TYR A 119 16.60 15.49 30.97
C TYR A 119 15.37 16.07 30.27
N PRO A 120 15.44 17.36 29.87
CA PRO A 120 14.26 18.00 29.27
C PRO A 120 13.78 17.33 27.97
N ALA A 121 12.50 17.46 27.69
CA ALA A 121 11.90 16.88 26.48
C ALA A 121 12.56 17.45 25.23
N THR A 122 12.72 16.62 24.21
CA THR A 122 13.36 17.07 22.97
C THR A 122 13.08 16.12 21.82
N THR A 123 13.14 16.66 20.61
CA THR A 123 12.96 15.88 19.38
C THR A 123 14.30 15.83 18.65
N SER A 124 15.25 16.61 19.12
CA SER A 124 16.58 16.67 18.53
C SER A 124 17.40 15.44 18.90
N SER A 125 17.65 14.57 17.92
CA SER A 125 18.40 13.34 18.15
C SER A 125 19.81 13.64 18.64
N LYS A 126 20.43 14.67 18.06
CA LYS A 126 21.76 15.08 18.46
C LYS A 126 21.76 15.56 19.92
N LYS A 127 20.63 16.11 20.36
CA LYS A 127 20.47 16.55 21.74
C LYS A 127 20.26 15.36 22.65
N ILE A 128 19.58 14.33 22.14
CA ILE A 128 19.29 13.14 22.93
C ILE A 128 20.54 12.26 23.03
N LEU A 129 21.37 12.28 22.00
CA LEU A 129 22.63 11.53 22.01
C LEU A 129 23.64 12.17 22.94
N GLN A 130 23.81 13.49 22.82
CA GLN A 130 24.75 14.21 23.66
C GLN A 130 24.31 14.18 25.12
N ASN A 131 23.01 14.07 25.33
CA ASN A 131 22.47 13.95 26.69
C ASN A 131 22.92 12.66 27.36
N TRP A 132 23.03 11.59 26.58
CA TRP A 132 23.48 10.33 27.13
C TRP A 132 24.99 10.37 27.40
N HIS A 133 25.71 11.10 26.55
CA HIS A 133 27.13 11.34 26.79
C HIS A 133 27.31 12.03 28.13
N ASP A 134 26.38 12.94 28.45
CA ASP A 134 26.39 13.62 29.73
C ASP A 134 26.18 12.60 30.85
N PHE A 135 25.15 11.78 30.71
CA PHE A 135 24.81 10.78 31.71
C PHE A 135 25.98 9.85 32.01
N GLU A 136 26.81 9.59 31.00
CA GLU A 136 27.98 8.75 31.17
C GLU A 136 29.14 9.56 31.77
N SER A 137 29.17 10.85 31.47
CA SER A 137 30.23 11.73 31.97
C SER A 137 30.10 11.97 33.47
N LEU A 138 28.94 11.65 34.02
CA LEU A 138 28.68 11.84 35.45
C LEU A 138 29.73 11.14 36.31
N PRO A 139 29.97 11.66 37.53
CA PRO A 139 30.84 10.95 38.47
C PRO A 139 30.16 9.67 38.98
N LYS A 140 28.83 9.67 38.95
CA LYS A 140 28.05 8.50 39.34
C LYS A 140 26.77 8.39 38.52
N GLN A 141 26.51 7.19 38.00
CA GLN A 141 25.30 6.93 37.22
C GLN A 141 24.25 6.23 38.07
N THR A 142 22.98 6.57 37.85
CA THR A 142 21.88 5.95 38.58
C THR A 142 21.66 4.52 38.09
N ASP A 143 20.74 3.81 38.73
CA ASP A 143 20.57 2.38 38.52
C ASP A 143 20.06 2.05 37.13
N MET A 144 19.01 2.75 36.70
CA MET A 144 18.42 2.50 35.39
C MET A 144 17.92 3.79 34.72
N LEU A 145 18.03 3.82 33.40
CA LEU A 145 17.65 4.97 32.58
C LEU A 145 16.41 4.66 31.76
N VAL A 146 15.35 5.43 32.02
CA VAL A 146 14.07 5.21 31.37
C VAL A 146 13.72 6.36 30.43
N VAL A 147 13.76 6.07 29.14
CA VAL A 147 13.41 7.05 28.12
C VAL A 147 11.94 6.89 27.74
N PHE A 148 11.12 7.85 28.17
CA PHE A 148 9.70 7.87 27.80
C PHE A 148 9.53 8.56 26.45
N SER A 149 8.87 7.88 25.52
CA SER A 149 8.76 8.39 24.15
C SER A 149 7.39 8.15 23.52
N THR A 150 7.05 9.01 22.57
CA THR A 150 5.83 8.82 21.79
C THR A 150 6.13 7.93 20.59
N TYR A 151 5.13 7.14 20.18
CA TYR A 151 5.27 6.32 18.99
C TYR A 151 5.51 7.18 17.75
N GLN A 152 4.98 8.40 17.78
CA GLN A 152 5.01 9.26 16.60
C GLN A 152 6.44 9.64 16.23
N SER A 153 7.24 9.96 17.25
CA SER A 153 8.60 10.46 17.05
C SER A 153 9.64 9.38 17.27
N ILE A 154 9.22 8.12 17.30
CA ILE A 154 10.11 7.01 17.61
C ILE A 154 11.35 6.97 16.73
N GLU A 155 11.23 7.48 15.51
CA GLU A 155 12.32 7.45 14.54
C GLU A 155 13.57 8.19 15.03
N VAL A 156 13.38 9.16 15.92
CA VAL A 156 14.50 9.94 16.44
C VAL A 156 15.42 9.03 17.25
N ILE A 157 14.83 7.99 17.83
CA ILE A 157 15.60 6.99 18.56
C ILE A 157 16.48 6.24 17.55
N GLY A 158 15.88 5.84 16.44
CA GLY A 158 16.64 5.24 15.35
C GLY A 158 17.70 6.20 14.87
N GLU A 159 17.36 7.49 14.83
CA GLU A 159 18.32 8.53 14.47
C GLU A 159 19.35 8.72 15.57
N ALA A 160 19.04 8.23 16.77
CA ALA A 160 19.95 8.33 17.91
C ALA A 160 20.86 7.10 18.01
N GLN A 161 20.27 5.91 17.97
CA GLN A 161 21.03 4.67 18.05
C GLN A 161 22.02 4.55 16.90
N LYS A 162 21.71 5.22 15.80
CA LYS A 162 22.63 5.29 14.67
C LYS A 162 23.74 6.29 14.96
N GLU A 163 23.37 7.42 15.56
CA GLU A 163 24.32 8.49 15.85
C GLU A 163 25.28 8.13 16.99
N GLY A 164 24.92 7.13 17.80
CA GLY A 164 25.78 6.61 18.84
C GLY A 164 25.09 6.44 20.18
N PHE A 165 23.86 5.93 20.14
CA PHE A 165 23.05 5.74 21.36
C PHE A 165 23.00 4.23 21.69
N PRO A 166 23.08 3.84 22.97
CA PRO A 166 23.19 2.40 23.23
C PRO A 166 21.91 1.63 22.95
N GLU A 167 21.97 0.30 23.02
CA GLU A 167 20.80 -0.55 22.86
C GLU A 167 19.90 -0.43 24.09
N PHE A 168 18.68 -0.94 23.98
CA PHE A 168 17.73 -0.92 25.09
C PHE A 168 17.64 -2.29 25.74
N ASP A 169 18.04 -2.36 27.01
CA ASP A 169 17.95 -3.60 27.77
C ASP A 169 16.50 -4.07 27.86
N PHE A 170 15.58 -3.13 27.70
CA PHE A 170 14.15 -3.43 27.82
C PHE A 170 13.35 -2.41 27.03
N ILE A 171 12.29 -2.85 26.36
CA ILE A 171 11.40 -1.95 25.63
C ILE A 171 9.95 -2.28 25.98
N ILE A 172 9.18 -1.25 26.30
CA ILE A 172 7.81 -1.41 26.75
C ILE A 172 6.84 -0.58 25.90
N SER A 173 5.90 -1.28 25.26
CA SER A 173 4.85 -0.65 24.48
C SER A 173 3.52 -0.69 25.26
N ASP A 174 3.04 0.49 25.66
CA ASP A 174 1.76 0.59 26.35
C ASP A 174 0.67 0.91 25.32
N GLU A 175 -0.57 0.53 25.62
CA GLU A 175 -1.68 0.67 24.68
C GLU A 175 -1.31 -0.07 23.39
N ALA A 176 -0.81 -1.29 23.56
CA ALA A 176 -0.10 -2.00 22.50
C ALA A 176 -0.98 -2.38 21.31
N HIS A 177 -2.28 -2.14 21.40
CA HIS A 177 -3.16 -2.38 20.25
C HIS A 177 -2.94 -1.28 19.20
N ARG A 178 -1.76 -1.29 18.60
CA ARG A 178 -1.37 -0.31 17.59
C ARG A 178 0.06 -0.57 17.10
N SER A 190 2.19 5.06 10.69
CA SER A 190 2.80 3.78 10.38
C SER A 190 4.05 3.53 11.23
N ALA A 191 4.38 4.49 12.09
CA ALA A 191 5.51 4.34 12.99
C ALA A 191 5.10 3.55 14.24
N PHE A 192 3.79 3.40 14.43
CA PHE A 192 3.26 2.57 15.50
C PHE A 192 3.77 1.14 15.39
N SER A 193 3.99 0.70 14.15
CA SER A 193 4.40 -0.67 13.88
C SER A 193 5.91 -0.80 13.68
N LYS A 194 6.63 0.31 13.84
CA LYS A 194 8.07 0.32 13.61
C LYS A 194 8.82 -0.40 14.73
N VAL A 195 8.23 -0.45 15.91
CA VAL A 195 8.88 -0.97 17.10
C VAL A 195 9.34 -2.42 17.01
N HIS A 196 8.54 -3.25 16.37
CA HIS A 196 8.71 -4.70 16.42
C HIS A 196 10.07 -5.16 15.91
N SER A 197 10.58 -4.50 14.88
CA SER A 197 11.85 -4.90 14.27
C SER A 197 13.03 -4.22 14.96
N ASN A 198 14.10 -4.96 15.19
CA ASN A 198 15.34 -4.39 15.71
C ASN A 198 15.91 -3.33 14.78
N ASN A 199 15.67 -3.53 13.48
CA ASN A 199 16.15 -2.63 12.45
C ASN A 199 15.77 -1.16 12.69
N ASN A 200 14.60 -0.96 13.27
CA ASN A 200 14.11 0.38 13.60
C ASN A 200 14.60 0.84 14.98
N VAL A 201 14.52 -0.06 15.97
CA VAL A 201 15.00 0.25 17.32
C VAL A 201 15.75 -0.94 17.92
N LYS A 202 16.98 -0.69 18.36
CA LYS A 202 17.83 -1.72 18.95
C LYS A 202 17.43 -1.99 20.40
N GLY A 203 16.94 -3.19 20.67
CA GLY A 203 16.56 -3.58 22.01
C GLY A 203 16.60 -5.08 22.20
N LEU A 204 16.98 -5.52 23.39
CA LEU A 204 17.12 -6.95 23.68
C LEU A 204 15.77 -7.62 23.91
N LYS A 205 15.00 -7.10 24.86
CA LYS A 205 13.70 -7.66 25.20
C LYS A 205 12.58 -6.64 24.94
N ARG A 206 11.39 -7.15 24.66
CA ARG A 206 10.24 -6.30 24.35
C ARG A 206 8.97 -6.79 25.04
N MET A 207 8.48 -6.00 25.99
CA MET A 207 7.22 -6.30 26.67
C MET A 207 6.08 -5.47 26.09
N TYR A 208 4.90 -6.07 26.03
CA TYR A 208 3.70 -5.41 25.53
C TYR A 208 2.62 -5.38 26.59
N GLN A 209 2.11 -4.18 26.89
CA GLN A 209 1.08 -4.03 27.89
C GLN A 209 -0.15 -3.30 27.35
N THR A 210 -1.29 -3.95 27.49
CA THR A 210 -2.58 -3.35 27.23
C THR A 210 -3.66 -3.97 28.10
N ALA A 211 -4.85 -3.39 28.05
CA ALA A 211 -6.02 -3.95 28.72
C ALA A 211 -6.97 -4.58 27.70
N THR A 212 -6.68 -4.41 26.42
CA THR A 212 -7.60 -4.81 25.36
C THR A 212 -6.92 -5.18 24.03
N PRO A 213 -6.35 -6.39 23.93
CA PRO A 213 -5.66 -6.69 22.67
C PRO A 213 -6.64 -6.82 21.51
N LYS A 214 -7.92 -7.00 21.82
CA LYS A 214 -8.96 -7.16 20.81
C LYS A 214 -9.67 -5.84 20.50
N ILE A 215 -9.69 -5.45 19.23
CA ILE A 215 -10.34 -4.23 18.80
C ILE A 215 -11.70 -4.53 18.19
N TYR A 216 -12.73 -3.83 18.67
CA TYR A 216 -14.09 -4.00 18.17
C TYR A 216 -14.46 -2.83 17.26
N ILE A 229 -17.34 -7.09 13.47
CA ILE A 229 -16.15 -7.80 13.01
C ILE A 229 -14.97 -7.61 13.96
N LEU A 230 -13.78 -8.00 13.50
CA LEU A 230 -12.56 -7.87 14.27
C LEU A 230 -11.45 -7.23 13.42
N LEU A 231 -11.05 -6.01 13.81
CA LEU A 231 -10.06 -5.23 13.06
C LEU A 231 -8.65 -5.47 13.55
N SER A 232 -8.47 -5.43 14.87
CA SER A 232 -7.15 -5.59 15.47
C SER A 232 -7.20 -6.63 16.58
N SER A 233 -6.29 -7.59 16.48
CA SER A 233 -6.09 -8.59 17.51
C SER A 233 -4.62 -8.91 17.67
N MET A 234 -4.21 -9.01 18.93
CA MET A 234 -2.84 -9.30 19.30
C MET A 234 -2.54 -10.80 19.36
N ASP A 235 -2.26 -11.40 18.21
CA ASP A 235 -1.98 -12.84 18.13
C ASP A 235 -0.55 -13.09 17.62
N ASP A 236 0.41 -12.44 18.27
CA ASP A 236 1.82 -12.62 17.97
C ASP A 236 2.15 -12.06 16.59
N GLU A 237 1.72 -12.77 15.56
CA GLU A 237 2.15 -12.49 14.18
C GLU A 237 3.68 -12.54 14.10
N SER A 238 4.27 -13.37 14.95
CA SER A 238 5.72 -13.50 15.09
C SER A 238 6.36 -12.25 15.70
N LYS A 239 5.52 -11.33 16.17
CA LYS A 239 5.99 -10.04 16.69
C LYS A 239 5.61 -9.84 18.16
N TYR A 240 4.32 -9.78 18.45
CA TYR A 240 3.85 -9.51 19.82
C TYR A 240 4.33 -10.57 20.81
N GLY A 241 4.43 -11.82 20.35
CA GLY A 241 4.91 -12.91 21.17
C GLY A 241 3.84 -13.50 22.07
N GLU A 242 4.23 -14.52 22.85
CA GLU A 242 3.29 -15.16 23.76
C GLU A 242 2.97 -14.23 24.94
N VAL A 243 2.00 -14.61 25.75
CA VAL A 243 1.60 -13.83 26.91
C VAL A 243 1.92 -14.60 28.19
N PHE A 244 2.63 -13.95 29.11
CA PHE A 244 3.05 -14.59 30.35
C PHE A 244 2.08 -14.31 31.50
N PHE A 245 1.21 -13.32 31.31
CA PHE A 245 0.21 -12.99 32.31
C PHE A 245 -1.07 -12.47 31.67
N ARG A 246 -2.19 -12.65 32.37
CA ARG A 246 -3.48 -12.18 31.89
C ARG A 246 -4.44 -11.93 33.06
N MET A 247 -5.23 -10.86 32.93
CA MET A 247 -6.23 -10.51 33.93
C MET A 247 -7.54 -10.14 33.24
N GLY A 248 -8.58 -10.94 33.51
CA GLY A 248 -9.90 -10.67 32.99
C GLY A 248 -10.60 -9.68 33.91
N PHE A 249 -11.43 -8.82 33.34
CA PHE A 249 -12.20 -7.88 34.14
C PHE A 249 -13.09 -8.66 35.09
N GLY A 250 -13.66 -9.75 34.59
CA GLY A 250 -14.50 -10.63 35.40
C GLY A 250 -13.73 -11.27 36.54
N GLN A 251 -12.43 -11.46 36.36
CA GLN A 251 -11.60 -12.02 37.41
C GLN A 251 -11.55 -11.07 38.60
N ALA A 252 -11.11 -9.84 38.33
CA ALA A 252 -10.94 -8.83 39.36
C ALA A 252 -12.20 -8.69 40.22
N VAL A 253 -13.35 -8.62 39.57
CA VAL A 253 -14.62 -8.53 40.30
C VAL A 253 -14.79 -9.75 41.17
N SER A 254 -14.35 -10.90 40.65
CA SER A 254 -14.38 -12.15 41.40
C SER A 254 -13.19 -12.25 42.34
N ARG A 255 -12.14 -11.49 42.04
CA ARG A 255 -10.92 -11.45 42.85
C ARG A 255 -11.01 -10.35 43.91
N ASP A 256 -12.22 -9.83 44.11
CA ASP A 256 -12.49 -8.77 45.10
C ASP A 256 -12.03 -7.39 44.62
N ILE A 257 -11.31 -7.35 43.50
CA ILE A 257 -10.81 -6.10 42.93
C ILE A 257 -11.60 -5.69 41.69
N ASN A 554 -14.26 -20.40 20.36
CA ASN A 554 -13.99 -21.81 20.16
C ASN A 554 -12.54 -22.06 19.78
N TRP A 555 -11.68 -21.11 20.13
CA TRP A 555 -10.25 -21.20 19.86
C TRP A 555 -9.50 -21.69 21.10
N SER A 556 -9.30 -23.00 21.20
CA SER A 556 -8.61 -23.59 22.36
C SER A 556 -7.66 -24.71 21.94
N LYS A 557 -6.39 -24.34 21.77
CA LYS A 557 -5.31 -25.30 21.57
C LYS A 557 -4.43 -25.33 22.82
N ASP A 558 -4.76 -24.47 23.79
CA ASP A 558 -4.01 -24.39 25.03
C ASP A 558 -4.33 -25.57 25.95
N VAL A 559 -5.44 -26.24 25.69
CA VAL A 559 -5.80 -27.43 26.46
C VAL A 559 -4.72 -28.49 26.31
N ALA A 560 -4.04 -28.47 25.16
CA ALA A 560 -2.90 -29.34 24.92
C ALA A 560 -1.73 -28.96 25.81
N LYS A 561 -1.43 -27.67 25.86
CA LYS A 561 -0.30 -27.15 26.62
C LYS A 561 -0.42 -27.51 28.10
N ILE A 562 -1.57 -27.21 28.69
CA ILE A 562 -1.80 -27.48 30.11
C ILE A 562 -1.80 -28.97 30.41
N ALA A 563 -2.36 -29.76 29.50
CA ALA A 563 -2.47 -31.20 29.70
C ALA A 563 -1.11 -31.85 29.56
N GLU A 564 -0.34 -31.37 28.59
CA GLU A 564 1.03 -31.85 28.39
C GLU A 564 1.86 -31.61 29.64
N ARG A 565 1.59 -30.51 30.33
CA ARG A 565 2.27 -30.22 31.60
C ARG A 565 1.83 -31.20 32.67
N GLN A 566 0.52 -31.44 32.75
CA GLN A 566 -0.04 -32.36 33.73
C GLN A 566 0.46 -33.78 33.47
N ILE A 567 0.23 -34.28 32.26
CA ILE A 567 0.60 -35.64 31.89
C ILE A 567 2.09 -35.92 32.12
N ASN A 568 2.94 -34.97 31.77
CA ASN A 568 4.38 -35.15 31.89
C ASN A 568 4.85 -35.14 33.35
N TRP A 569 4.28 -34.26 34.16
CA TRP A 569 4.70 -34.13 35.55
C TRP A 569 4.42 -35.41 36.32
N ILE A 570 3.39 -36.15 35.90
CA ILE A 570 3.06 -37.42 36.52
C ILE A 570 4.17 -38.42 36.21
N LYS A 571 4.30 -38.76 34.92
CA LYS A 571 5.27 -39.74 34.46
C LYS A 571 6.65 -39.52 35.10
N ASN A 572 7.01 -38.25 35.28
CA ASN A 572 8.25 -37.90 35.97
C ASN A 572 8.20 -38.30 37.44
N LYS A 573 7.18 -37.83 38.14
CA LYS A 573 7.02 -38.12 39.56
C LYS A 573 6.73 -39.58 39.83
N LEU A 574 6.24 -40.31 38.82
CA LEU A 574 6.03 -41.74 38.95
C LEU A 574 7.36 -42.42 39.29
N SER A 575 8.25 -42.47 38.31
CA SER A 575 9.61 -42.94 38.51
C SER A 575 9.69 -44.28 39.25
N LYS A 578 10.39 -44.26 44.08
CA LYS A 578 9.34 -45.08 44.67
C LYS A 578 8.36 -44.21 45.46
N ASP A 579 8.13 -43.00 44.97
CA ASP A 579 7.22 -42.06 45.62
C ASP A 579 5.84 -42.69 45.80
N PRO A 580 5.40 -42.89 47.07
CA PRO A 580 4.11 -43.53 47.38
C PRO A 580 2.91 -43.02 46.59
N ILE A 581 3.03 -41.85 45.98
CA ILE A 581 1.99 -41.36 45.08
C ILE A 581 1.86 -42.32 43.92
N SER A 582 2.99 -42.77 43.39
CA SER A 582 3.01 -43.80 42.37
C SER A 582 2.32 -45.05 42.89
N LEU A 583 2.58 -45.38 44.14
CA LEU A 583 1.93 -46.53 44.78
C LEU A 583 0.43 -46.31 44.89
N GLU A 584 0.01 -45.05 45.03
CA GLU A 584 -1.40 -44.71 45.14
C GLU A 584 -2.01 -44.51 43.75
N PHE A 585 -1.23 -43.94 42.85
CA PHE A 585 -1.71 -43.69 41.49
C PHE A 585 -1.69 -44.97 40.68
N LYS A 586 -0.67 -45.80 40.90
CA LYS A 586 -0.66 -47.14 40.31
C LYS A 586 -1.80 -47.96 40.89
N LYS A 587 -2.34 -47.49 42.02
CA LYS A 587 -3.55 -48.07 42.59
C LYS A 587 -4.78 -47.43 41.97
N PHE A 588 -4.64 -46.20 41.50
CA PHE A 588 -5.73 -45.50 40.83
C PHE A 588 -5.94 -46.03 39.41
N VAL A 589 -4.86 -46.43 38.75
CA VAL A 589 -4.97 -46.99 37.41
C VAL A 589 -5.59 -48.38 37.49
N SER A 590 -5.17 -49.16 38.49
CA SER A 590 -5.66 -50.52 38.67
C SER A 590 -7.15 -50.51 38.97
N SER A 591 -7.58 -49.48 39.69
CA SER A 591 -9.00 -49.29 39.97
C SER A 591 -9.74 -48.96 38.68
N LEU A 592 -9.14 -48.11 37.86
CA LEU A 592 -9.68 -47.80 36.54
C LEU A 592 -9.65 -49.05 35.67
N GLN A 593 -8.55 -49.80 35.75
CA GLN A 593 -8.41 -51.02 34.97
C GLN A 593 -9.51 -52.01 35.34
N HIS A 594 -9.84 -52.03 36.62
CA HIS A 594 -10.95 -52.83 37.14
C HIS A 594 -12.27 -52.48 36.48
N ASN A 595 -12.63 -51.21 36.52
CA ASN A 595 -13.92 -50.75 36.04
C ASN A 595 -14.13 -50.81 34.51
N ILE A 596 -13.04 -50.91 33.74
CA ILE A 596 -13.16 -50.95 32.28
C ILE A 596 -12.21 -51.98 31.65
N ASN A 597 -10.92 -51.67 31.61
CA ASN A 597 -9.98 -52.39 30.75
C ASN A 597 -8.55 -52.43 31.27
N ASP A 598 -7.83 -53.50 30.96
CA ASP A 598 -6.38 -53.54 31.14
C ASP A 598 -5.73 -52.67 30.05
N SER A 599 -6.51 -52.34 29.03
CA SER A 599 -6.12 -51.43 27.95
C SER A 599 -5.53 -50.13 28.47
N ILE A 600 -6.06 -49.67 29.60
CA ILE A 600 -5.60 -48.44 30.23
C ILE A 600 -4.30 -48.67 30.99
N ASP A 601 -3.45 -47.66 31.00
CA ASP A 601 -2.22 -47.68 31.79
C ASP A 601 -1.88 -46.26 32.23
N GLU A 602 -0.62 -46.05 32.62
CA GLU A 602 -0.15 -44.75 33.11
C GLU A 602 -0.55 -43.60 32.20
N LYS A 603 -0.20 -43.71 30.92
CA LYS A 603 -0.52 -42.68 29.94
C LYS A 603 -2.04 -42.46 29.84
N GLN A 604 -2.75 -43.51 29.43
CA GLN A 604 -4.20 -43.41 29.21
C GLN A 604 -4.95 -42.96 30.46
N ALA A 605 -4.59 -43.53 31.61
CA ALA A 605 -5.24 -43.17 32.87
C ALA A 605 -4.99 -41.71 33.23
N ALA A 606 -3.74 -41.28 33.06
CA ALA A 606 -3.37 -39.90 33.33
C ALA A 606 -4.13 -38.95 32.42
N GLU A 607 -4.30 -39.35 31.17
CA GLU A 607 -5.07 -38.55 30.21
C GLU A 607 -6.51 -38.39 30.64
N MET A 608 -7.08 -39.44 31.22
CA MET A 608 -8.47 -39.40 31.66
C MET A 608 -8.66 -38.39 32.79
N LEU A 609 -7.66 -38.26 33.65
CA LEU A 609 -7.76 -37.32 34.77
C LEU A 609 -7.58 -35.90 34.29
N SER A 610 -6.76 -35.70 33.25
CA SER A 610 -6.59 -34.38 32.66
C SER A 610 -7.95 -33.82 32.28
N GLN A 611 -8.65 -34.54 31.41
CA GLN A 611 -9.97 -34.16 30.95
C GLN A 611 -10.91 -33.82 32.11
N HIS A 612 -10.76 -34.52 33.22
CA HIS A 612 -11.57 -34.25 34.41
C HIS A 612 -11.23 -32.89 35.01
N LEU A 613 -9.93 -32.61 35.15
CA LEU A 613 -9.48 -31.35 35.73
C LEU A 613 -9.99 -30.15 34.95
N ILE A 614 -10.03 -30.29 33.62
CA ILE A 614 -10.42 -29.19 32.76
C ILE A 614 -11.91 -28.88 32.85
N THR A 615 -12.73 -29.93 32.86
CA THR A 615 -14.17 -29.78 32.73
C THR A 615 -14.86 -29.61 34.09
N LYS A 616 -14.17 -29.93 35.18
CA LYS A 616 -14.73 -29.80 36.51
C LYS A 616 -15.27 -28.38 36.77
N PRO A 617 -14.44 -27.35 36.57
CA PRO A 617 -14.91 -25.96 36.71
C PRO A 617 -16.08 -25.63 35.78
N ILE A 618 -16.11 -26.22 34.58
CA ILE A 618 -17.23 -26.01 33.66
C ILE A 618 -18.52 -26.56 34.26
N PHE A 619 -18.43 -27.76 34.82
CA PHE A 619 -19.59 -28.41 35.42
C PHE A 619 -20.05 -27.66 36.67
N GLU A 620 -19.09 -27.20 37.47
CA GLU A 620 -19.40 -26.39 38.65
C GLU A 620 -20.10 -25.09 38.23
N ALA A 621 -19.56 -24.47 37.19
CA ALA A 621 -20.11 -23.22 36.67
C ALA A 621 -21.54 -23.42 36.16
N LEU A 622 -21.76 -24.54 35.48
CA LEU A 622 -23.07 -24.86 34.94
C LEU A 622 -24.10 -25.06 36.04
N PHE A 623 -23.68 -25.75 37.11
CA PHE A 623 -24.56 -26.07 38.22
C PHE A 623 -24.96 -24.84 39.03
N SER A 624 -24.00 -23.94 39.24
CA SER A 624 -24.22 -22.67 39.93
C SER A 624 -24.60 -22.86 41.41
N GLU A 625 -25.75 -23.47 41.67
CA GLU A 625 -26.29 -23.56 43.04
C GLU A 625 -25.97 -24.89 43.72
N TYR A 626 -26.11 -25.99 42.97
CA TYR A 626 -25.89 -27.32 43.53
C TYR A 626 -24.83 -28.06 42.73
N SER A 627 -23.78 -28.48 43.42
CA SER A 627 -22.61 -29.05 42.75
C SER A 627 -22.84 -30.45 42.22
N PHE A 628 -22.69 -30.60 40.91
CA PHE A 628 -22.73 -31.90 40.25
C PHE A 628 -21.51 -32.73 40.67
N VAL A 629 -20.38 -32.05 40.81
CA VAL A 629 -19.10 -32.70 41.12
C VAL A 629 -19.11 -33.42 42.48
N ASN A 630 -19.50 -32.74 43.54
CA ASN A 630 -19.45 -33.32 44.87
C ASN A 630 -20.35 -34.55 45.00
N GLN A 631 -21.47 -34.54 44.27
CA GLN A 631 -22.44 -35.63 44.34
C GLN A 631 -21.96 -36.88 43.63
N ASN A 632 -21.40 -36.71 42.43
CA ASN A 632 -21.05 -37.84 41.56
C ASN A 632 -19.92 -38.70 42.12
N PRO A 633 -20.00 -40.03 41.92
CA PRO A 633 -18.94 -40.94 42.38
C PRO A 633 -17.63 -40.81 41.60
N VAL A 634 -17.72 -40.77 40.27
CA VAL A 634 -16.55 -40.66 39.43
C VAL A 634 -15.84 -39.33 39.68
N SER A 635 -16.63 -38.25 39.72
CA SER A 635 -16.11 -36.94 40.08
C SER A 635 -15.38 -37.04 41.41
N GLN A 636 -16.09 -37.48 42.44
CA GLN A 636 -15.49 -37.68 43.76
C GLN A 636 -14.25 -38.57 43.67
N ALA A 637 -14.35 -39.66 42.90
CA ALA A 637 -13.23 -40.56 42.72
C ALA A 637 -12.07 -39.86 42.04
N MET A 638 -12.40 -38.95 41.12
CA MET A 638 -11.39 -38.15 40.45
C MET A 638 -10.96 -36.99 41.36
N GLU A 639 -11.94 -36.37 42.03
CA GLU A 639 -11.67 -35.25 42.92
C GLU A 639 -10.99 -35.72 44.21
N SER A 640 -10.91 -37.04 44.39
CA SER A 640 -10.16 -37.62 45.50
C SER A 640 -8.70 -37.81 45.12
N ILE A 641 -8.47 -38.55 44.04
CA ILE A 641 -7.11 -38.87 43.59
C ILE A 641 -6.26 -37.63 43.36
N VAL A 642 -6.91 -36.54 42.96
CA VAL A 642 -6.20 -35.27 42.77
C VAL A 642 -5.56 -34.81 44.07
N SER A 643 -6.19 -35.15 45.19
CA SER A 643 -5.74 -34.70 46.51
C SER A 643 -4.31 -35.13 46.82
N GLU A 644 -4.05 -36.44 46.74
CA GLU A 644 -2.75 -36.98 47.09
C GLU A 644 -1.65 -36.41 46.19
N LEU A 645 -2.02 -36.05 44.97
CA LEU A 645 -1.08 -35.39 44.06
C LEU A 645 -1.02 -33.90 44.40
N GLU A 646 -2.17 -33.32 44.75
CA GLU A 646 -2.25 -31.91 45.13
C GLU A 646 -1.38 -31.67 46.37
N LYS A 647 -1.33 -32.67 47.24
CA LYS A 647 -0.50 -32.61 48.44
C LYS A 647 0.99 -32.60 48.10
N ALA A 648 1.32 -33.12 46.93
CA ALA A 648 2.70 -33.44 46.59
C ALA A 648 3.43 -32.33 45.84
N GLY A 649 2.85 -31.14 45.82
CA GLY A 649 3.46 -30.03 45.11
C GLY A 649 3.09 -30.05 43.64
N PHE A 650 1.82 -30.34 43.37
CA PHE A 650 1.26 -30.30 42.02
C PHE A 650 -0.06 -29.55 42.06
N ALA A 651 -0.16 -28.51 41.24
CA ALA A 651 -1.37 -27.69 41.18
C ALA A 651 -2.10 -27.91 39.86
N LYS A 652 -3.32 -27.39 39.77
CA LYS A 652 -4.05 -27.34 38.51
C LYS A 652 -3.50 -26.19 37.68
N GLU A 653 -2.97 -26.50 36.50
CA GLU A 653 -2.31 -25.49 35.68
C GLU A 653 -3.30 -24.74 34.80
N GLN A 654 -4.55 -24.64 35.27
CA GLN A 654 -5.62 -24.10 34.43
C GLN A 654 -5.85 -22.61 34.65
N GLU A 655 -4.86 -21.91 35.20
CA GLU A 655 -4.96 -20.46 35.35
C GLU A 655 -5.12 -19.78 33.99
N ASN A 656 -4.49 -20.37 32.98
CA ASN A 656 -4.58 -19.87 31.61
C ASN A 656 -5.97 -20.06 31.00
N LEU A 657 -6.76 -20.96 31.57
CA LEU A 657 -8.08 -21.30 31.06
C LEU A 657 -9.21 -20.47 31.68
N GLU A 658 -8.87 -19.59 32.61
CA GLU A 658 -9.90 -18.90 33.39
C GLU A 658 -10.90 -18.08 32.55
N PRO A 659 -10.46 -17.43 31.45
CA PRO A 659 -11.48 -16.67 30.72
C PRO A 659 -12.55 -17.57 30.11
N LEU A 660 -12.18 -18.79 29.76
CA LEU A 660 -13.14 -19.77 29.27
C LEU A 660 -14.17 -20.09 30.36
N TYR A 661 -13.69 -20.31 31.58
CA TYR A 661 -14.54 -20.59 32.72
C TYR A 661 -15.50 -19.43 32.99
N GLU A 662 -14.98 -18.21 32.89
CA GLU A 662 -15.76 -17.01 33.13
C GLU A 662 -16.93 -16.90 32.15
N SER A 663 -16.67 -17.21 30.88
CA SER A 663 -17.71 -17.19 29.86
C SER A 663 -18.83 -18.17 30.20
N VAL A 664 -18.43 -19.36 30.67
CA VAL A 664 -19.40 -20.37 31.08
C VAL A 664 -20.22 -19.89 32.27
N ARG A 665 -19.53 -19.37 33.28
CA ARG A 665 -20.17 -18.84 34.48
C ARG A 665 -21.21 -17.77 34.12
N MET A 666 -20.86 -16.94 33.14
CA MET A 666 -21.79 -15.93 32.63
C MET A 666 -22.95 -16.59 31.90
N ARG A 667 -22.62 -17.54 31.04
CA ARG A 667 -23.62 -18.19 30.18
C ARG A 667 -24.64 -19.01 30.98
N ALA A 668 -24.24 -19.48 32.17
CA ALA A 668 -25.07 -20.37 32.98
C ALA A 668 -25.55 -19.71 34.28
N GLU A 669 -25.60 -18.38 34.29
CA GLU A 669 -26.13 -17.64 35.43
C GLU A 669 -27.65 -17.51 35.34
N GLY A 670 -28.35 -18.00 36.37
CA GLY A 670 -29.79 -17.91 36.45
C GLY A 670 -30.47 -18.91 35.51
N ILE A 671 -31.19 -18.39 34.52
CA ILE A 671 -31.89 -19.21 33.53
C ILE A 671 -32.95 -20.08 34.18
N GLU A 675 -35.61 -25.93 29.56
CA GLU A 675 -35.01 -26.37 28.30
C GLU A 675 -34.02 -25.35 27.76
N ASP A 676 -33.98 -24.17 28.39
CA ASP A 676 -33.00 -23.15 28.02
C ASP A 676 -31.61 -23.52 28.52
N LYS A 677 -31.59 -24.40 29.54
CA LYS A 677 -30.33 -24.89 30.09
C LYS A 677 -29.79 -26.02 29.21
N GLN A 678 -30.69 -26.89 28.75
CA GLN A 678 -30.32 -27.95 27.82
C GLN A 678 -29.77 -27.33 26.53
N LYS A 679 -30.28 -26.16 26.18
CA LYS A 679 -29.81 -25.43 25.00
C LYS A 679 -28.32 -25.11 25.11
N ILE A 680 -27.88 -24.82 26.33
CA ILE A 680 -26.46 -24.58 26.58
C ILE A 680 -25.67 -25.88 26.41
N ILE A 681 -26.25 -26.98 26.90
CA ILE A 681 -25.61 -28.28 26.80
C ILE A 681 -25.38 -28.66 25.35
N VAL A 682 -26.30 -28.27 24.48
CA VAL A 682 -26.14 -28.48 23.05
C VAL A 682 -24.88 -27.77 22.54
N THR A 683 -24.78 -26.48 22.86
CA THR A 683 -23.68 -25.65 22.37
C THR A 683 -22.31 -26.08 22.89
N LEU A 684 -22.15 -26.05 24.21
CA LEU A 684 -20.87 -26.34 24.86
C LEU A 684 -20.22 -27.62 24.31
N TYR A 685 -21.05 -28.61 24.00
CA TYR A 685 -20.59 -29.83 23.39
C TYR A 685 -19.98 -29.56 22.01
N ASP A 686 -20.70 -28.79 21.20
CA ASP A 686 -20.31 -28.54 19.82
C ASP A 686 -19.13 -27.56 19.72
N LYS A 687 -19.09 -26.61 20.64
CA LYS A 687 -18.05 -25.58 20.64
C LYS A 687 -16.77 -26.09 21.27
N PHE A 688 -16.84 -26.42 22.56
CA PHE A 688 -15.66 -26.79 23.33
C PHE A 688 -15.23 -28.24 23.08
N PHE A 689 -16.06 -29.19 23.52
CA PHE A 689 -15.69 -30.61 23.59
C PHE A 689 -15.30 -31.22 22.23
N LYS A 690 -16.03 -30.85 21.19
CA LYS A 690 -15.77 -31.34 19.84
C LYS A 690 -14.34 -31.01 19.42
N THR A 691 -13.98 -29.74 19.60
CA THR A 691 -12.66 -29.23 19.26
C THR A 691 -11.59 -29.66 20.27
N ALA A 692 -11.93 -29.56 21.54
CA ALA A 692 -10.95 -29.54 22.63
C ALA A 692 -9.97 -30.72 22.68
N PHE A 693 -10.48 -31.95 22.60
CA PHE A 693 -9.68 -33.16 22.84
C PHE A 693 -9.62 -34.13 21.65
N LYS A 694 -10.67 -34.12 20.84
CA LYS A 694 -10.87 -35.03 19.70
C LYS A 694 -9.62 -35.75 19.18
N ILE A 702 -17.41 -41.01 18.86
CA ILE A 702 -18.75 -40.54 19.15
C ILE A 702 -19.62 -40.53 17.90
N VAL A 703 -20.89 -40.90 18.07
CA VAL A 703 -21.87 -40.84 16.99
C VAL A 703 -23.21 -40.39 17.55
N PHE A 704 -23.75 -39.31 16.99
CA PHE A 704 -25.04 -38.79 17.41
C PHE A 704 -26.17 -39.57 16.74
N THR A 705 -27.00 -40.21 17.55
CA THR A 705 -28.10 -41.02 17.03
C THR A 705 -29.32 -40.18 16.72
N PRO A 706 -29.86 -40.27 15.48
CA PRO A 706 -31.07 -39.55 15.11
C PRO A 706 -32.24 -39.77 16.06
N ILE A 707 -32.89 -38.69 16.47
CA ILE A 707 -34.01 -38.74 17.40
C ILE A 707 -35.19 -39.53 16.82
N GLU A 708 -35.40 -39.42 15.52
CA GLU A 708 -36.49 -40.14 14.86
C GLU A 708 -36.29 -41.65 14.98
N VAL A 709 -35.04 -42.07 15.09
CA VAL A 709 -34.70 -43.48 15.24
C VAL A 709 -34.89 -43.92 16.68
N VAL A 710 -34.31 -43.17 17.61
CA VAL A 710 -34.36 -43.47 19.03
C VAL A 710 -35.81 -43.59 19.50
N ASP A 711 -36.63 -42.61 19.12
CA ASP A 711 -38.04 -42.61 19.48
C ASP A 711 -38.77 -43.82 18.92
N PHE A 712 -38.36 -44.26 17.74
CA PHE A 712 -39.08 -45.33 17.05
C PHE A 712 -39.07 -46.64 17.82
N ILE A 713 -37.92 -47.01 18.38
CA ILE A 713 -37.81 -48.29 19.08
C ILE A 713 -38.41 -48.22 20.48
N VAL A 714 -38.41 -47.04 21.08
CA VAL A 714 -39.03 -46.86 22.40
C VAL A 714 -40.52 -47.18 22.32
N HIS A 715 -41.21 -46.51 21.41
CA HIS A 715 -42.61 -46.84 21.13
C HIS A 715 -42.76 -48.30 20.78
N SER A 716 -41.85 -48.79 19.94
CA SER A 716 -41.88 -50.17 19.48
C SER A 716 -41.64 -51.15 20.62
N VAL A 717 -40.73 -50.79 21.52
CA VAL A 717 -40.44 -51.61 22.70
C VAL A 717 -41.63 -51.57 23.65
N ASP A 718 -42.17 -50.36 23.85
CA ASP A 718 -43.32 -50.16 24.72
C ASP A 718 -44.54 -50.93 24.23
N ASP A 719 -44.90 -50.73 22.97
CA ASP A 719 -46.07 -51.39 22.39
C ASP A 719 -45.89 -52.91 22.36
N VAL A 720 -44.64 -53.36 22.34
CA VAL A 720 -44.34 -54.78 22.39
C VAL A 720 -44.61 -55.33 23.79
N LEU A 721 -44.13 -54.62 24.80
CA LEU A 721 -44.38 -54.99 26.19
C LEU A 721 -45.88 -55.06 26.47
N LYS A 722 -46.64 -54.21 25.79
CA LYS A 722 -48.08 -54.14 26.00
C LYS A 722 -48.81 -55.29 25.31
N LYS A 723 -48.66 -55.37 23.99
CA LYS A 723 -49.39 -56.35 23.19
C LYS A 723 -49.09 -57.79 23.62
N HIS A 724 -47.82 -58.06 23.93
CA HIS A 724 -47.40 -59.43 24.25
C HIS A 724 -47.66 -59.79 25.71
N PHE A 725 -46.85 -59.25 26.61
CA PHE A 725 -46.87 -59.66 28.02
C PHE A 725 -48.14 -59.19 28.73
N GLY A 726 -48.71 -58.10 28.24
CA GLY A 726 -49.80 -57.43 28.94
C GLY A 726 -49.26 -56.40 29.90
N LYS A 727 -47.95 -56.47 30.18
CA LYS A 727 -47.26 -55.50 31.02
C LYS A 727 -47.04 -54.21 30.23
N SER A 728 -46.11 -53.37 30.68
CA SER A 728 -45.80 -52.15 29.95
C SER A 728 -44.44 -51.57 30.35
N LEU A 729 -44.11 -50.40 29.81
CA LEU A 729 -42.80 -49.79 30.06
C LEU A 729 -42.62 -49.39 31.52
N ALA A 730 -43.71 -49.08 32.22
CA ALA A 730 -43.63 -48.41 33.50
C ALA A 730 -43.93 -49.32 34.70
N SER A 731 -43.96 -50.63 34.49
CA SER A 731 -44.27 -51.55 35.58
C SER A 731 -43.09 -51.67 36.54
N LYS A 732 -43.39 -52.10 37.77
CA LYS A 732 -42.39 -52.24 38.83
C LYS A 732 -41.35 -53.31 38.51
N ASP A 733 -41.80 -54.39 37.88
CA ASP A 733 -40.94 -55.55 37.63
C ASP A 733 -40.40 -55.53 36.20
N VAL A 734 -40.31 -54.33 35.63
CA VAL A 734 -39.69 -54.14 34.31
C VAL A 734 -38.48 -53.22 34.44
N HIS A 735 -37.33 -53.72 33.98
CA HIS A 735 -36.08 -52.98 34.07
C HIS A 735 -35.47 -52.78 32.68
N ILE A 736 -34.92 -51.58 32.47
CA ILE A 736 -34.43 -51.14 31.18
C ILE A 736 -32.94 -50.81 31.26
N LEU A 737 -32.14 -51.49 30.45
CA LEU A 737 -30.70 -51.23 30.38
C LEU A 737 -30.34 -50.63 29.03
N ASP A 738 -29.49 -49.61 29.09
CA ASP A 738 -28.89 -49.01 27.89
C ASP A 738 -27.38 -49.23 27.96
N PRO A 739 -26.90 -50.40 27.48
CA PRO A 739 -25.51 -50.82 27.67
C PRO A 739 -24.46 -49.89 27.07
N PHE A 740 -24.85 -49.06 26.12
CA PHE A 740 -23.92 -48.12 25.48
C PHE A 740 -24.59 -46.75 25.40
N THR A 741 -24.74 -46.14 26.57
CA THR A 741 -25.55 -44.95 26.75
C THR A 741 -25.10 -43.78 25.86
N GLY A 742 -23.80 -43.70 25.59
CA GLY A 742 -23.26 -42.53 24.90
C GLY A 742 -23.57 -41.27 25.66
N THR A 743 -24.54 -40.50 25.16
CA THR A 743 -24.99 -39.28 25.82
C THR A 743 -26.33 -39.49 26.54
N GLY A 744 -26.78 -40.73 26.60
CA GLY A 744 -28.01 -41.06 27.30
C GLY A 744 -29.24 -40.69 26.50
N THR A 745 -29.06 -40.49 25.19
CA THR A 745 -30.16 -40.19 24.27
C THR A 745 -31.31 -41.19 24.40
N PHE A 746 -30.96 -42.46 24.60
CA PHE A 746 -31.96 -43.52 24.70
C PHE A 746 -32.65 -43.56 26.06
N ILE A 747 -32.22 -42.68 26.96
CA ILE A 747 -32.92 -42.47 28.23
C ILE A 747 -33.68 -41.16 28.18
N VAL A 748 -32.98 -40.10 27.75
CA VAL A 748 -33.57 -38.78 27.59
C VAL A 748 -34.90 -38.85 26.84
N ARG A 749 -34.92 -39.63 25.76
CA ARG A 749 -36.11 -39.78 24.95
C ARG A 749 -37.09 -40.79 25.54
N THR A 750 -36.61 -41.61 26.48
CA THR A 750 -37.46 -42.59 27.14
C THR A 750 -38.30 -41.92 28.22
N LEU A 751 -37.65 -41.13 29.09
CA LEU A 751 -38.36 -40.41 30.14
C LEU A 751 -39.27 -39.34 29.53
N THR A 752 -38.96 -38.92 28.30
CA THR A 752 -39.78 -37.94 27.60
C THR A 752 -41.06 -38.61 27.14
N TYR A 753 -40.93 -39.88 26.73
CA TYR A 753 -42.10 -40.67 26.38
C TYR A 753 -42.99 -40.78 27.62
N LEU A 754 -42.37 -41.12 28.75
CA LEU A 754 -43.08 -41.23 30.02
C LEU A 754 -43.81 -39.92 30.35
N LYS A 755 -43.17 -38.80 30.06
CA LYS A 755 -43.76 -37.48 30.29
C LYS A 755 -45.01 -37.32 29.45
N GLU A 756 -44.92 -37.71 28.18
CA GLU A 756 -46.05 -37.66 27.27
C GLU A 756 -47.18 -38.57 27.77
N GLN A 757 -46.79 -39.70 28.36
CA GLN A 757 -47.77 -40.66 28.90
C GLN A 757 -48.46 -40.07 30.13
N MET A 758 -47.68 -39.40 30.97
CA MET A 758 -48.19 -38.79 32.20
C MET A 758 -49.18 -37.66 31.91
N ASP A 759 -48.88 -36.86 30.88
CA ASP A 759 -49.76 -35.78 30.46
C ASP A 759 -51.07 -36.34 29.92
N ALA A 760 -50.98 -37.41 29.12
CA ALA A 760 -52.16 -38.13 28.66
C ALA A 760 -52.88 -38.79 29.84
N GLY A 761 -52.18 -38.92 30.96
CA GLY A 761 -52.77 -39.35 32.22
C GLY A 761 -52.73 -40.85 32.44
N GLU A 762 -52.16 -41.58 31.49
CA GLU A 762 -52.07 -43.02 31.59
C GLU A 762 -51.06 -43.45 32.66
N ILE A 763 -50.22 -42.50 33.09
CA ILE A 763 -49.11 -42.80 34.00
C ILE A 763 -49.10 -41.87 35.21
N SER A 764 -48.60 -42.37 36.32
CA SER A 764 -48.39 -41.57 37.52
C SER A 764 -46.95 -41.07 37.53
N LEU A 765 -46.73 -39.81 37.90
CA LEU A 765 -45.37 -39.32 38.12
C LEU A 765 -44.67 -40.16 39.19
N SER A 766 -45.47 -40.66 40.14
CA SER A 766 -44.98 -41.60 41.15
C SER A 766 -44.49 -42.89 40.49
N ASP A 767 -45.10 -43.25 39.36
CA ASP A 767 -44.64 -44.40 38.58
C ASP A 767 -43.37 -44.04 37.79
N ILE A 768 -43.25 -42.78 37.37
CA ILE A 768 -42.03 -42.33 36.69
C ILE A 768 -40.85 -42.30 37.66
N THR A 769 -41.04 -41.62 38.78
CA THR A 769 -39.97 -41.33 39.74
C THR A 769 -39.18 -42.58 40.11
N ARG A 770 -39.87 -43.68 40.36
CA ARG A 770 -39.21 -44.93 40.72
C ARG A 770 -38.33 -45.45 39.59
N LYS A 771 -38.78 -45.28 38.35
CA LYS A 771 -38.00 -45.72 37.20
C LYS A 771 -36.67 -44.99 37.16
N PHE A 772 -36.75 -43.66 37.16
CA PHE A 772 -35.56 -42.82 37.17
C PHE A 772 -34.65 -43.20 38.32
N MET A 773 -35.24 -43.49 39.48
CA MET A 773 -34.46 -43.79 40.68
C MET A 773 -33.86 -45.20 40.61
N LYS A 774 -34.73 -46.21 40.60
CA LYS A 774 -34.30 -47.60 40.72
C LYS A 774 -34.24 -48.37 39.40
N GLU A 775 -35.25 -48.22 38.55
CA GLU A 775 -35.47 -49.17 37.46
C GLU A 775 -34.87 -48.80 36.10
N LEU A 776 -34.17 -47.67 36.00
CA LEU A 776 -33.48 -47.32 34.76
C LEU A 776 -31.97 -47.38 34.94
N HIS A 777 -31.31 -48.10 34.04
CA HIS A 777 -29.86 -48.29 34.11
C HIS A 777 -29.20 -48.01 32.78
N ALA A 778 -27.97 -47.50 32.84
CA ALA A 778 -27.18 -47.27 31.64
C ALA A 778 -25.72 -47.09 32.01
N ASN A 779 -24.85 -47.12 31.01
CA ASN A 779 -23.42 -47.06 31.26
C ASN A 779 -22.64 -46.67 30.02
N GLU A 780 -21.52 -46.00 30.23
CA GLU A 780 -20.64 -45.57 29.14
C GLU A 780 -19.19 -45.91 29.48
N ILE A 781 -18.36 -45.99 28.45
CA ILE A 781 -16.96 -46.38 28.61
C ILE A 781 -16.05 -45.15 28.58
N VAL A 782 -16.59 -44.03 28.12
CA VAL A 782 -15.85 -42.78 28.02
C VAL A 782 -16.21 -41.83 29.15
N LEU A 783 -15.20 -41.15 29.69
CA LEU A 783 -15.39 -40.22 30.80
C LEU A 783 -16.35 -39.08 30.46
N LEU A 784 -16.02 -38.32 29.42
CA LEU A 784 -16.82 -37.15 29.05
C LEU A 784 -18.22 -37.52 28.58
N SER A 785 -18.37 -38.70 28.00
CA SER A 785 -19.67 -39.17 27.55
C SER A 785 -20.51 -39.58 28.76
N TYR A 786 -19.86 -40.06 29.81
CA TYR A 786 -20.56 -40.46 31.03
C TYR A 786 -21.14 -39.24 31.74
N TYR A 787 -20.29 -38.25 32.01
CA TYR A 787 -20.71 -37.01 32.67
C TYR A 787 -21.91 -36.37 31.97
N ILE A 788 -21.71 -36.08 30.68
CA ILE A 788 -22.74 -35.47 29.85
C ILE A 788 -24.03 -36.29 29.88
N ALA A 789 -23.89 -37.61 29.83
CA ALA A 789 -25.05 -38.50 29.85
C ALA A 789 -25.80 -38.38 31.18
N ALA A 790 -25.04 -38.29 32.27
CA ALA A 790 -25.63 -38.15 33.60
C ALA A 790 -26.46 -36.87 33.67
N ILE A 791 -25.82 -35.74 33.41
CA ILE A 791 -26.47 -34.44 33.46
C ILE A 791 -27.74 -34.41 32.60
N ASN A 792 -27.61 -34.81 31.34
CA ASN A 792 -28.72 -34.75 30.40
C ASN A 792 -29.95 -35.53 30.87
N ILE A 793 -29.73 -36.57 31.67
CA ILE A 793 -30.83 -37.31 32.27
C ILE A 793 -31.29 -36.58 33.53
N GLU A 794 -30.33 -36.12 34.32
CA GLU A 794 -30.63 -35.36 35.52
C GLU A 794 -31.41 -34.08 35.20
N ALA A 795 -30.99 -33.41 34.13
CA ALA A 795 -31.60 -32.15 33.72
C ALA A 795 -33.00 -32.36 33.14
N THR A 796 -33.11 -33.37 32.28
CA THR A 796 -34.39 -33.67 31.63
C THR A 796 -35.38 -34.28 32.60
N PHE A 797 -34.89 -34.69 33.78
CA PHE A 797 -35.76 -35.20 34.83
C PHE A 797 -36.32 -34.06 35.66
N ASP A 798 -35.59 -32.94 35.69
CA ASP A 798 -36.02 -31.76 36.45
C ASP A 798 -37.31 -31.18 35.87
N GLU A 799 -37.68 -31.61 34.66
CA GLU A 799 -38.95 -31.23 34.07
C GLU A 799 -40.11 -31.59 34.99
N ILE A 800 -39.89 -32.58 35.85
CA ILE A 800 -40.87 -32.97 36.84
C ILE A 800 -40.20 -33.38 38.15
N TYR A 807 -33.71 -30.88 42.67
CA TYR A 807 -32.61 -31.51 41.94
C TYR A 807 -32.44 -32.96 42.37
N VAL A 808 -32.58 -33.87 41.42
CA VAL A 808 -32.44 -35.30 41.67
C VAL A 808 -31.33 -35.90 40.80
N PRO A 809 -30.23 -36.36 41.42
CA PRO A 809 -29.19 -37.04 40.64
C PRO A 809 -29.70 -38.37 40.08
N PHE A 810 -29.18 -38.80 38.93
CA PHE A 810 -29.56 -40.08 38.36
C PHE A 810 -28.75 -41.19 39.01
N GLU A 811 -29.45 -42.08 39.71
CA GLU A 811 -28.81 -43.12 40.52
C GLU A 811 -28.41 -44.35 39.70
N GLY A 812 -28.88 -44.41 38.45
CA GLY A 812 -28.75 -45.63 37.66
C GLY A 812 -27.67 -45.65 36.60
N ILE A 813 -26.75 -44.68 36.61
CA ILE A 813 -25.71 -44.62 35.58
C ILE A 813 -24.36 -45.12 36.10
N VAL A 814 -23.74 -46.01 35.32
CA VAL A 814 -22.41 -46.54 35.62
C VAL A 814 -21.40 -46.03 34.58
N LEU A 815 -20.12 -46.26 34.86
CA LEU A 815 -19.05 -46.03 33.89
C LEU A 815 -18.26 -47.32 33.63
N THR A 816 -18.63 -48.06 32.59
CA THR A 816 -18.08 -49.40 32.39
C THR A 816 -18.04 -49.87 30.94
N ASP A 817 -17.30 -50.95 30.73
CA ASP A 817 -17.35 -51.72 29.49
C ASP A 817 -18.24 -52.95 29.74
N THR A 818 -19.49 -52.88 29.28
CA THR A 818 -20.47 -53.91 29.60
C THR A 818 -20.00 -55.29 29.17
N PHE A 819 -19.12 -55.32 28.18
CA PHE A 819 -18.56 -56.57 27.71
C PHE A 819 -17.61 -57.16 28.76
N GLU A 820 -16.74 -56.32 29.31
CA GLU A 820 -15.78 -56.76 30.32
C GLU A 820 -16.49 -57.05 31.65
N SER A 821 -17.71 -56.56 31.80
CA SER A 821 -18.46 -56.79 33.03
C SER A 821 -18.67 -58.27 33.30
N THR A 822 -19.19 -58.98 32.30
CA THR A 822 -19.50 -60.40 32.44
C THR A 822 -18.29 -61.30 32.17
N GLU A 823 -17.12 -60.70 32.03
CA GLU A 823 -15.91 -61.47 31.73
C GLU A 823 -15.30 -62.09 32.99
N THR A 824 -14.80 -61.24 33.88
CA THR A 824 -14.18 -61.72 35.12
C THR A 824 -14.85 -61.10 36.35
N GLU A 825 -14.84 -61.83 37.45
CA GLU A 825 -15.42 -61.38 38.70
C GLU A 825 -14.35 -60.86 39.67
N GLU A 826 -13.10 -60.90 39.23
CA GLU A 826 -11.98 -60.43 40.03
C GLU A 826 -10.80 -60.01 39.16
N ASP A 830 -9.22 -53.67 47.94
CA ASP A 830 -8.63 -52.53 47.26
C ASP A 830 -9.63 -51.92 46.29
N ASP A 831 -9.89 -50.62 46.44
CA ASP A 831 -10.86 -49.95 45.58
C ASP A 831 -10.72 -48.42 45.48
N TYR A 832 -10.89 -47.96 44.25
CA TYR A 832 -11.27 -46.59 43.93
C TYR A 832 -12.56 -46.80 43.14
N PHE A 833 -13.39 -45.78 43.00
CA PHE A 833 -14.65 -45.90 42.26
C PHE A 833 -15.56 -47.00 42.84
N GLY A 834 -15.24 -47.48 44.03
CA GLY A 834 -15.92 -48.63 44.60
C GLY A 834 -17.43 -48.44 44.65
N THR A 835 -17.83 -47.19 44.78
CA THR A 835 -19.25 -46.84 44.79
C THR A 835 -19.83 -46.93 43.38
N ASN A 836 -18.97 -46.75 42.37
CA ASN A 836 -19.39 -46.79 40.98
C ASN A 836 -19.94 -48.15 40.60
N ASP A 837 -19.07 -49.17 40.62
CA ASP A 837 -19.46 -50.52 40.25
C ASP A 837 -20.54 -51.06 41.19
N GLU A 838 -20.70 -50.43 42.34
CA GLU A 838 -21.77 -50.80 43.28
C GLU A 838 -23.14 -50.59 42.63
N ARG A 839 -23.27 -49.50 41.89
CA ARG A 839 -24.49 -49.22 41.13
C ARG A 839 -24.70 -50.32 40.09
N LEU A 840 -23.59 -50.90 39.62
CA LEU A 840 -23.62 -51.96 38.62
C LEU A 840 -23.73 -53.33 39.28
N LYS A 841 -23.03 -53.52 40.38
CA LYS A 841 -23.10 -54.77 41.12
C LYS A 841 -24.55 -55.05 41.49
N ARG A 842 -25.21 -54.03 42.04
CA ARG A 842 -26.62 -54.10 42.41
C ARG A 842 -27.52 -54.24 41.17
N GLN A 843 -27.03 -53.76 40.03
CA GLN A 843 -27.75 -53.89 38.77
C GLN A 843 -27.70 -55.33 38.28
N GLN A 844 -26.59 -56.01 38.54
CA GLN A 844 -26.37 -57.33 37.95
C GLN A 844 -27.36 -58.39 38.41
N GLU A 845 -28.03 -58.17 39.54
CA GLU A 845 -29.05 -59.13 40.02
C GLU A 845 -30.41 -58.86 39.40
N VAL A 846 -30.57 -57.66 38.84
CA VAL A 846 -31.85 -57.27 38.22
C VAL A 846 -32.19 -58.20 37.05
N PRO A 847 -33.46 -58.67 36.99
CA PRO A 847 -33.90 -59.36 35.79
C PRO A 847 -34.31 -58.35 34.72
N ILE A 848 -33.32 -57.90 33.94
CA ILE A 848 -33.55 -56.90 32.90
C ILE A 848 -34.50 -57.38 31.82
N THR A 849 -35.62 -56.68 31.67
CA THR A 849 -36.70 -57.09 30.79
C THR A 849 -36.55 -56.46 29.41
N ALA A 850 -35.80 -55.37 29.33
CA ALA A 850 -35.59 -54.66 28.07
C ALA A 850 -34.18 -54.09 27.95
N ILE A 851 -33.52 -54.40 26.84
CA ILE A 851 -32.22 -53.82 26.53
C ILE A 851 -32.38 -52.94 25.29
N ILE A 852 -31.87 -51.72 25.37
CA ILE A 852 -32.16 -50.68 24.40
C ILE A 852 -30.91 -49.87 24.08
N GLY A 853 -30.80 -49.40 22.83
CA GLY A 853 -29.75 -48.46 22.49
C GLY A 853 -29.14 -48.59 21.11
N ASN A 854 -27.98 -47.96 20.95
CA ASN A 854 -27.21 -48.00 19.73
C ASN A 854 -25.85 -48.63 20.00
N PRO A 855 -25.75 -49.97 19.87
CA PRO A 855 -24.48 -50.63 20.18
C PRO A 855 -23.37 -50.22 19.21
N PRO A 856 -22.11 -50.35 19.64
CA PRO A 856 -20.98 -49.94 18.80
C PRO A 856 -20.81 -50.82 17.57
N TYR A 857 -20.33 -50.23 16.47
CA TYR A 857 -20.00 -50.98 15.26
C TYR A 857 -18.48 -50.97 15.04
N SER A 858 -17.86 -52.14 15.10
CA SER A 858 -16.45 -52.26 14.76
C SER A 858 -16.08 -53.71 14.44
N LYS A 859 -15.53 -53.92 13.25
CA LYS A 859 -15.12 -55.26 12.81
C LYS A 859 -13.61 -55.38 12.80
N GLY A 860 -12.91 -54.25 12.88
CA GLY A 860 -11.46 -54.25 12.83
C GLY A 860 -10.86 -52.89 12.53
N GLN A 861 -9.95 -52.85 11.56
CA GLN A 861 -9.19 -51.64 11.27
C GLN A 861 -8.62 -51.63 9.84
N SER A 862 -7.69 -50.70 9.60
CA SER A 862 -6.61 -50.88 8.63
C SER A 862 -5.33 -50.99 9.47
N ASN A 863 -4.37 -51.78 9.01
CA ASN A 863 -3.45 -52.49 9.92
C ASN A 863 -2.60 -51.64 10.86
N GLU A 864 -2.04 -50.54 10.35
CA GLU A 864 -1.00 -49.82 11.08
C GLU A 864 -1.58 -48.85 12.11
N ASN A 865 -2.90 -48.79 12.16
CA ASN A 865 -3.59 -48.10 13.26
C ASN A 865 -3.63 -49.04 14.46
N ASP A 866 -2.45 -49.50 14.87
CA ASP A 866 -2.29 -50.58 15.84
C ASP A 866 -3.08 -50.27 17.13
N ASN A 867 -3.20 -48.98 17.43
CA ASN A 867 -3.96 -48.50 18.58
C ASN A 867 -5.37 -49.08 18.55
N ASN A 868 -5.88 -49.29 17.34
CA ASN A 868 -7.20 -49.88 17.12
C ASN A 868 -7.11 -51.36 16.78
N LYS A 869 -7.77 -52.18 17.59
CA LYS A 869 -7.93 -53.60 17.36
C LYS A 869 -8.95 -54.03 18.38
N ASN A 870 -9.99 -54.75 17.96
CA ASN A 870 -11.08 -55.11 18.86
C ASN A 870 -10.54 -55.85 20.09
N ILE A 871 -10.84 -55.29 21.26
CA ILE A 871 -10.37 -55.85 22.52
C ILE A 871 -10.86 -57.29 22.65
N GLU A 872 -10.01 -58.14 23.23
CA GLU A 872 -10.34 -59.54 23.42
C GLU A 872 -11.17 -59.73 24.69
N TYR A 873 -12.38 -60.25 24.51
CA TYR A 873 -13.28 -60.62 25.60
C TYR A 873 -13.52 -62.13 25.58
N PRO A 874 -12.57 -62.91 26.14
CA PRO A 874 -12.52 -64.36 25.94
C PRO A 874 -13.82 -65.10 26.27
N ARG A 875 -14.50 -64.68 27.33
CA ARG A 875 -15.71 -65.38 27.77
C ARG A 875 -16.89 -65.08 26.84
N LEU A 876 -16.85 -63.94 26.17
CA LEU A 876 -17.91 -63.55 25.24
C LEU A 876 -17.65 -64.12 23.85
N PHE A 877 -16.38 -64.18 23.46
CA PHE A 877 -16.00 -64.81 22.20
C PHE A 877 -16.46 -66.26 22.18
N LYS A 878 -16.27 -66.94 23.31
CA LYS A 878 -16.65 -68.34 23.43
C LYS A 878 -18.15 -68.50 23.26
N SER A 879 -18.90 -67.52 23.76
CA SER A 879 -20.35 -67.52 23.59
C SER A 879 -20.70 -67.37 22.11
N ILE A 880 -20.06 -66.41 21.45
CA ILE A 880 -20.19 -66.24 20.01
C ILE A 880 -19.79 -67.52 19.29
N ALA A 881 -18.68 -68.11 19.73
CA ALA A 881 -18.10 -69.28 19.08
C ALA A 881 -19.03 -70.50 19.14
N ASP A 882 -19.69 -70.68 20.28
CA ASP A 882 -20.55 -71.84 20.48
C ASP A 882 -21.93 -71.66 19.85
N SER A 883 -22.30 -70.42 19.56
CA SER A 883 -23.62 -70.11 19.01
C SER A 883 -23.56 -69.75 17.53
N TYR A 884 -23.18 -68.50 17.26
CA TYR A 884 -23.23 -67.96 15.90
C TYR A 884 -22.26 -68.65 14.96
N VAL A 885 -21.01 -68.79 15.41
CA VAL A 885 -19.96 -69.38 14.57
C VAL A 885 -20.22 -70.86 14.32
N LYS A 886 -20.69 -71.56 15.33
CA LYS A 886 -20.93 -73.00 15.25
C LYS A 886 -21.98 -73.33 14.18
N ASN A 887 -23.03 -72.52 14.11
CA ASN A 887 -24.13 -72.78 13.20
C ASN A 887 -23.84 -72.36 11.76
N SER A 888 -22.66 -71.79 11.52
CA SER A 888 -22.32 -71.27 10.21
C SER A 888 -21.68 -72.32 9.31
N LYS A 889 -21.85 -72.14 8.00
CA LYS A 889 -21.29 -73.05 7.00
C LYS A 889 -20.06 -72.45 6.33
N THR A 890 -19.52 -71.38 6.92
CA THR A 890 -18.60 -70.50 6.18
C THR A 890 -17.11 -70.78 6.36
N THR A 891 -16.65 -70.98 7.60
CA THR A 891 -15.23 -71.07 7.94
C THR A 891 -14.50 -69.71 7.92
N SER A 892 -15.20 -68.66 7.48
CA SER A 892 -14.72 -67.29 7.59
C SER A 892 -15.77 -66.43 8.27
N VAL A 893 -15.55 -66.15 9.56
CA VAL A 893 -16.58 -65.57 10.43
C VAL A 893 -16.13 -64.29 11.11
N LEU A 894 -15.23 -63.54 10.48
CA LEU A 894 -14.73 -62.27 11.03
C LEU A 894 -15.86 -61.38 11.53
N GLY A 895 -16.92 -61.27 10.73
CA GLY A 895 -18.03 -60.38 11.05
C GLY A 895 -18.75 -60.76 12.34
N MET A 896 -18.72 -62.04 12.68
CA MET A 896 -19.45 -62.52 13.86
C MET A 896 -18.83 -61.98 15.15
N TYR A 897 -17.60 -61.49 15.07
CA TYR A 897 -16.95 -60.87 16.22
C TYR A 897 -16.98 -59.33 16.11
N ASP A 898 -17.81 -58.82 15.20
CA ASP A 898 -18.05 -57.39 15.12
C ASP A 898 -18.74 -56.95 16.40
N SER A 899 -18.38 -55.75 16.87
CA SER A 899 -18.89 -55.24 18.14
C SER A 899 -20.42 -55.28 18.22
N TYR A 900 -21.09 -55.04 17.10
CA TYR A 900 -22.54 -55.00 17.09
C TYR A 900 -23.11 -56.41 17.23
N VAL A 901 -22.35 -57.40 16.79
CA VAL A 901 -22.76 -58.80 16.94
C VAL A 901 -22.45 -59.28 18.35
N LEU A 902 -21.37 -58.74 18.94
CA LEU A 902 -21.06 -58.99 20.33
C LEU A 902 -22.17 -58.40 21.21
N SER A 903 -22.63 -57.21 20.85
CA SER A 903 -23.67 -56.53 21.61
C SER A 903 -24.96 -57.32 21.64
N ILE A 904 -25.33 -57.90 20.50
CA ILE A 904 -26.53 -58.73 20.43
C ILE A 904 -26.33 -59.98 21.28
N ARG A 905 -25.13 -60.55 21.22
CA ARG A 905 -24.81 -61.73 22.01
C ARG A 905 -24.89 -61.42 23.49
N TRP A 906 -24.12 -60.43 23.93
CA TRP A 906 -24.06 -60.04 25.33
C TRP A 906 -25.44 -59.67 25.87
N ALA A 907 -26.24 -59.03 25.02
CA ALA A 907 -27.60 -58.63 25.41
C ALA A 907 -28.52 -59.83 25.44
N SER A 908 -28.36 -60.73 24.45
CA SER A 908 -29.13 -61.96 24.40
C SER A 908 -28.92 -62.79 25.66
N ASN A 909 -27.69 -62.77 26.16
CA ASN A 909 -27.36 -63.45 27.41
C ASN A 909 -27.92 -62.71 28.61
N ARG A 910 -27.63 -61.42 28.68
CA ARG A 910 -28.00 -60.60 29.83
C ARG A 910 -29.52 -60.45 29.95
N LEU A 911 -30.22 -60.71 28.85
CA LEU A 911 -31.68 -60.67 28.83
C LEU A 911 -32.24 -61.86 29.63
N ASN A 912 -33.50 -61.77 30.06
CA ASN A 912 -34.18 -62.92 30.68
C ASN A 912 -35.23 -63.51 29.75
N ASP A 913 -35.70 -64.71 30.08
CA ASP A 913 -36.58 -65.49 29.19
C ASP A 913 -37.87 -64.74 28.82
N LYS A 914 -38.23 -63.74 29.62
CA LYS A 914 -39.37 -62.88 29.35
C LYS A 914 -38.88 -61.44 29.20
N GLY A 915 -38.64 -61.00 27.97
CA GLY A 915 -38.12 -59.66 27.74
C GLY A 915 -38.04 -59.28 26.27
N VAL A 916 -37.32 -58.19 26.01
CA VAL A 916 -37.25 -57.61 24.67
C VAL A 916 -35.90 -56.93 24.44
N ILE A 917 -35.50 -56.83 23.18
CA ILE A 917 -34.37 -56.00 22.80
C ILE A 917 -34.80 -55.02 21.72
N GLY A 918 -34.15 -53.87 21.66
CA GLY A 918 -34.40 -52.88 20.62
C GLY A 918 -33.14 -52.12 20.28
N PHE A 919 -32.63 -52.34 19.07
CA PHE A 919 -31.35 -51.78 18.65
C PHE A 919 -31.43 -51.11 17.28
N VAL A 920 -30.56 -50.11 17.08
CA VAL A 920 -30.19 -49.66 15.75
C VAL A 920 -28.78 -50.18 15.53
N SER A 921 -28.58 -50.94 14.46
CA SER A 921 -27.33 -51.66 14.25
C SER A 921 -26.94 -51.76 12.79
N ASN A 922 -25.74 -52.28 12.55
CA ASN A 922 -25.34 -52.70 11.22
C ASN A 922 -26.30 -53.78 10.75
N GLY A 923 -26.93 -53.56 9.60
CA GLY A 923 -27.95 -54.48 9.10
C GLY A 923 -27.40 -55.55 8.18
N SER A 924 -26.09 -55.73 8.18
CA SER A 924 -25.45 -56.70 7.30
C SER A 924 -26.00 -58.11 7.51
N TYR A 925 -26.21 -58.48 8.76
CA TYR A 925 -26.59 -59.84 9.12
C TYR A 925 -27.89 -60.30 8.48
N ILE A 926 -28.70 -59.36 8.01
CA ILE A 926 -29.97 -59.70 7.37
C ILE A 926 -29.72 -60.62 6.19
N ASP A 927 -28.85 -60.19 5.28
CA ASP A 927 -28.39 -61.00 4.17
C ASP A 927 -26.88 -60.91 4.09
N SER A 928 -26.21 -61.97 4.55
CA SER A 928 -24.77 -61.98 4.67
C SER A 928 -24.26 -63.42 4.66
N GLN A 929 -23.09 -63.61 4.06
CA GLN A 929 -22.52 -64.95 3.92
C GLN A 929 -22.24 -65.57 5.29
N SER A 930 -21.50 -64.86 6.12
CA SER A 930 -21.03 -65.42 7.39
C SER A 930 -22.02 -65.23 8.54
N ALA A 931 -23.24 -64.81 8.22
CA ALA A 931 -24.26 -64.57 9.24
C ALA A 931 -25.39 -65.60 9.18
N ASP A 932 -25.19 -66.66 8.40
CA ASP A 932 -26.21 -67.70 8.30
C ASP A 932 -26.43 -68.39 9.64
N GLY A 933 -25.39 -68.46 10.46
CA GLY A 933 -25.47 -69.04 11.77
C GLY A 933 -26.20 -68.14 12.74
N LEU A 934 -25.90 -66.84 12.68
CA LEU A 934 -26.55 -65.86 13.53
C LEU A 934 -28.05 -65.86 13.29
N ARG A 935 -28.45 -66.00 12.04
CA ARG A 935 -29.87 -66.05 11.68
C ARG A 935 -30.50 -67.36 12.15
N LYS A 936 -29.69 -68.42 12.22
CA LYS A 936 -30.16 -69.70 12.72
C LYS A 936 -30.38 -69.61 14.22
N SER A 937 -29.52 -68.86 14.90
CA SER A 937 -29.60 -68.67 16.34
C SER A 937 -30.79 -67.79 16.73
N LEU A 938 -30.85 -66.59 16.15
CA LEU A 938 -31.89 -65.63 16.49
C LEU A 938 -33.29 -66.21 16.28
N PHE A 939 -33.42 -67.15 15.36
CA PHE A 939 -34.72 -67.76 15.06
C PHE A 939 -35.10 -68.76 16.14
N LYS A 940 -34.10 -69.35 16.79
CA LYS A 940 -34.32 -70.28 17.89
C LYS A 940 -34.36 -69.56 19.23
N GLU A 941 -33.44 -68.62 19.41
CA GLU A 941 -33.31 -67.91 20.69
C GLU A 941 -34.46 -66.93 20.94
N PHE A 942 -35.21 -66.60 19.90
CA PHE A 942 -36.30 -65.63 20.01
C PHE A 942 -37.57 -66.14 19.33
N ASN A 943 -38.70 -65.57 19.73
CA ASN A 943 -40.00 -66.00 19.24
C ASN A 943 -40.48 -65.09 18.11
N HIS A 944 -40.51 -63.79 18.39
CA HIS A 944 -40.87 -62.79 17.40
C HIS A 944 -39.71 -61.84 17.17
N LEU A 945 -39.37 -61.63 15.90
CA LEU A 945 -38.28 -60.71 15.53
C LEU A 945 -38.71 -59.83 14.38
N TYR A 946 -38.85 -58.54 14.64
CA TYR A 946 -39.14 -57.58 13.58
C TYR A 946 -37.84 -56.94 13.10
N ILE A 947 -37.52 -57.15 11.82
CA ILE A 947 -36.32 -56.60 11.22
C ILE A 947 -36.68 -55.47 10.25
N PHE A 948 -36.31 -54.25 10.61
CA PHE A 948 -36.57 -53.08 9.78
C PHE A 948 -35.30 -52.67 9.04
N ASN A 949 -35.23 -53.00 7.76
CA ASN A 949 -34.03 -52.71 6.97
C ASN A 949 -34.05 -51.28 6.45
N LEU A 950 -33.18 -50.45 7.00
CA LEU A 950 -33.12 -49.03 6.64
C LEU A 950 -32.14 -48.77 5.48
N ARG A 951 -31.53 -49.83 4.97
CA ARG A 951 -30.61 -49.73 3.84
C ARG A 951 -29.49 -48.73 4.15
N GLY A 952 -29.06 -47.97 3.14
CA GLY A 952 -28.11 -46.89 3.35
C GLY A 952 -26.67 -47.38 3.39
N ASP A 953 -26.37 -48.42 2.62
CA ASP A 953 -25.01 -48.97 2.55
C ASP A 953 -24.22 -48.28 1.44
N GLN A 954 -23.28 -47.43 1.83
CA GLN A 954 -22.50 -46.64 0.86
C GLN A 954 -21.05 -47.11 0.78
N ARG A 955 -20.84 -48.41 1.00
CA ARG A 955 -19.62 -49.08 0.56
C ARG A 955 -19.94 -49.89 -0.70
N THR A 956 -21.08 -49.55 -1.31
CA THR A 956 -21.47 -50.07 -2.61
C THR A 956 -21.10 -49.03 -3.67
N GLN A 957 -21.57 -49.22 -4.90
CA GLN A 957 -21.29 -48.27 -5.98
C GLN A 957 -22.28 -48.43 -7.13
N GLY A 958 -22.48 -47.35 -7.88
CA GLY A 958 -23.31 -47.38 -9.06
C GLY A 958 -24.78 -47.49 -8.72
N GLU A 959 -25.50 -48.30 -9.48
CA GLU A 959 -26.93 -48.48 -9.29
C GLU A 959 -27.24 -48.93 -7.86
N THR A 960 -26.45 -49.87 -7.37
CA THR A 960 -26.62 -50.37 -6.00
C THR A 960 -26.52 -49.21 -5.00
N SER A 961 -25.59 -48.30 -5.24
CA SER A 961 -25.42 -47.15 -4.35
C SER A 961 -26.65 -46.26 -4.37
N ARG A 962 -27.20 -46.05 -5.56
CA ARG A 962 -28.37 -45.19 -5.72
C ARG A 962 -29.59 -45.84 -5.07
N LYS A 963 -29.71 -47.16 -5.19
CA LYS A 963 -30.82 -47.88 -4.60
C LYS A 963 -30.78 -47.82 -3.07
N GLU A 964 -29.57 -47.95 -2.51
CA GLU A 964 -29.40 -47.90 -1.06
C GLU A 964 -29.89 -46.58 -0.50
N GLY A 965 -29.29 -45.49 -0.97
CA GLY A 965 -29.77 -44.16 -0.64
C GLY A 965 -29.17 -43.56 0.62
N GLY A 966 -30.00 -42.80 1.34
CA GLY A 966 -29.55 -42.04 2.48
C GLY A 966 -28.91 -42.85 3.59
N LYS A 967 -27.90 -42.26 4.23
CA LYS A 967 -27.22 -42.86 5.37
C LYS A 967 -27.84 -42.34 6.66
N ILE A 968 -28.43 -43.26 7.44
CA ILE A 968 -29.17 -42.90 8.66
C ILE A 968 -28.37 -42.03 9.63
N PHE A 969 -27.08 -42.33 9.78
CA PHE A 969 -26.21 -41.53 10.64
C PHE A 969 -25.38 -40.54 9.81
N GLY A 970 -25.83 -40.29 8.58
CA GLY A 970 -25.15 -39.35 7.69
C GLY A 970 -23.69 -39.67 7.53
N SER A 971 -22.84 -38.72 7.93
CA SER A 971 -21.40 -38.89 7.83
C SER A 971 -20.85 -39.76 8.97
N GLY A 972 -21.74 -40.30 9.79
CA GLY A 972 -21.35 -41.07 10.95
C GLY A 972 -20.99 -42.52 10.61
N SER A 973 -21.74 -43.10 9.69
CA SER A 973 -21.55 -44.50 9.33
C SER A 973 -21.90 -44.77 7.86
N ARG A 974 -21.14 -45.68 7.25
CA ARG A 974 -21.31 -46.02 5.85
C ARG A 974 -22.01 -47.36 5.68
N THR A 975 -22.17 -48.07 6.79
CA THR A 975 -22.72 -49.43 6.77
C THR A 975 -24.22 -49.45 6.55
N SER A 976 -24.72 -50.59 6.08
CA SER A 976 -26.16 -50.82 6.03
C SER A 976 -26.72 -50.73 7.43
N ILE A 977 -27.80 -49.97 7.61
CA ILE A 977 -28.43 -49.81 8.92
C ILE A 977 -29.77 -50.52 8.99
N ALA A 978 -30.08 -51.07 10.16
CA ALA A 978 -31.34 -51.75 10.37
C ALA A 978 -31.75 -51.66 11.84
N ILE A 979 -33.04 -51.51 12.07
CA ILE A 979 -33.58 -51.54 13.42
C ILE A 979 -34.09 -52.95 13.72
N SER A 980 -33.60 -53.52 14.81
CA SER A 980 -33.99 -54.85 15.23
C SER A 980 -34.65 -54.83 16.59
N ILE A 981 -35.85 -55.37 16.67
CA ILE A 981 -36.51 -55.56 17.95
C ILE A 981 -36.76 -57.06 18.16
N LEU A 982 -36.00 -57.63 19.08
CA LEU A 982 -36.02 -59.07 19.33
C LEU A 982 -36.85 -59.38 20.57
N VAL A 983 -37.98 -60.06 20.37
CA VAL A 983 -38.91 -60.38 21.46
C VAL A 983 -38.64 -61.77 22.01
N LYS A 984 -38.46 -61.85 23.33
CA LYS A 984 -38.20 -63.11 24.00
C LYS A 984 -39.25 -63.42 25.05
N ASP A 985 -40.03 -64.47 24.81
CA ASP A 985 -41.02 -64.96 25.75
C ASP A 985 -40.92 -66.49 25.81
N ASP A 986 -41.81 -67.11 26.57
CA ASP A 986 -41.94 -68.56 26.55
C ASP A 986 -43.02 -68.93 25.54
N SER A 987 -42.64 -69.65 24.50
CA SER A 987 -43.56 -70.00 23.43
C SER A 987 -42.95 -71.06 22.52
N ASP A 988 -43.82 -71.75 21.78
CA ASP A 988 -43.40 -72.68 20.75
C ASP A 988 -43.50 -71.98 19.39
N ASN A 989 -43.74 -70.67 19.42
CA ASN A 989 -43.93 -69.88 18.21
C ASN A 989 -42.65 -69.15 17.81
N HIS A 990 -42.25 -69.33 16.56
CA HIS A 990 -41.05 -68.69 16.01
C HIS A 990 -41.35 -68.12 14.63
N GLU A 991 -41.29 -66.80 14.51
CA GLU A 991 -41.54 -66.15 13.22
C GLU A 991 -40.76 -64.85 13.05
N VAL A 992 -40.36 -64.59 11.81
CA VAL A 992 -39.63 -63.39 11.45
C VAL A 992 -40.57 -62.39 10.78
N HIS A 993 -40.37 -61.10 11.09
CA HIS A 993 -41.14 -60.03 10.46
C HIS A 993 -40.18 -59.02 9.86
N TYR A 994 -40.22 -58.89 8.53
CA TYR A 994 -39.22 -58.11 7.81
C TYR A 994 -39.85 -57.05 6.91
N HIS A 995 -39.20 -55.89 6.84
CA HIS A 995 -39.62 -54.85 5.92
C HIS A 995 -38.42 -54.08 5.38
N ASP A 996 -38.35 -53.99 4.05
CA ASP A 996 -37.37 -53.15 3.38
C ASP A 996 -37.95 -51.75 3.24
N ILE A 997 -37.23 -50.76 3.74
CA ILE A 997 -37.72 -49.37 3.73
C ILE A 997 -37.92 -48.86 2.30
N GLY A 998 -37.34 -49.56 1.34
CA GLY A 998 -37.50 -49.23 -0.07
C GLY A 998 -36.26 -48.62 -0.68
N ASP A 999 -36.16 -48.71 -2.00
CA ASP A 999 -35.01 -48.17 -2.71
C ASP A 999 -35.07 -46.64 -2.76
N TYR A 1000 -33.89 -46.04 -2.94
CA TYR A 1000 -33.72 -44.65 -3.40
C TYR A 1000 -34.11 -43.54 -2.41
N LEU A 1001 -34.58 -43.90 -1.22
CA LEU A 1001 -35.04 -42.89 -0.27
C LEU A 1001 -33.88 -42.06 0.28
N THR A 1002 -34.11 -40.75 0.38
CA THR A 1002 -33.13 -39.85 0.97
C THR A 1002 -33.01 -40.11 2.47
N ARG A 1003 -31.98 -39.53 3.08
CA ARG A 1003 -31.74 -39.68 4.50
C ARG A 1003 -32.95 -39.24 5.31
N ASP A 1004 -33.54 -38.10 4.92
CA ASP A 1004 -34.67 -37.56 5.67
C ASP A 1004 -36.01 -38.09 5.15
N ASP A 1005 -36.02 -38.69 3.96
CA ASP A 1005 -37.21 -39.41 3.48
C ASP A 1005 -37.43 -40.59 4.40
N LYS A 1006 -36.33 -41.22 4.80
CA LYS A 1006 -36.36 -42.37 5.71
C LYS A 1006 -36.77 -41.92 7.11
N LEU A 1007 -36.33 -40.73 7.51
CA LEU A 1007 -36.67 -40.19 8.81
C LEU A 1007 -38.10 -39.64 8.82
N ASP A 1008 -38.55 -39.13 7.68
CA ASP A 1008 -39.94 -38.70 7.53
C ASP A 1008 -40.88 -39.85 7.87
N ILE A 1009 -40.45 -41.07 7.56
CA ILE A 1009 -41.24 -42.26 7.84
C ILE A 1009 -41.17 -42.64 9.33
N LEU A 1010 -40.04 -42.32 9.96
CA LEU A 1010 -39.83 -42.64 11.37
C LEU A 1010 -40.54 -41.66 12.28
N ARG A 1011 -40.68 -40.42 11.83
CA ARG A 1011 -41.51 -39.44 12.52
C ARG A 1011 -42.98 -39.75 12.26
N ASP A 1012 -43.29 -40.19 11.04
CA ASP A 1012 -44.66 -40.50 10.63
C ASP A 1012 -45.16 -41.75 11.35
N LYS A 1013 -44.39 -42.83 11.23
CA LYS A 1013 -44.68 -44.07 11.95
C LYS A 1013 -43.76 -44.18 13.16
N GLU A 1014 -44.33 -44.01 14.34
CA GLU A 1014 -43.56 -43.97 15.57
C GLU A 1014 -43.26 -45.36 16.09
N SER A 1015 -43.96 -46.37 15.55
CA SER A 1015 -43.87 -47.73 16.08
C SER A 1015 -43.95 -48.82 15.03
N ILE A 1016 -43.58 -50.03 15.44
CA ILE A 1016 -43.62 -51.21 14.58
C ILE A 1016 -45.03 -51.78 14.41
N LEU A 1017 -46.00 -51.16 15.07
CA LEU A 1017 -47.40 -51.57 14.91
C LEU A 1017 -47.94 -51.09 13.56
N ASN A 1018 -47.36 -50.01 13.05
CA ASN A 1018 -47.89 -49.35 11.85
C ASN A 1018 -47.16 -49.74 10.56
N ILE A 1019 -46.19 -50.65 10.67
CA ILE A 1019 -45.45 -51.12 9.49
C ILE A 1019 -46.11 -52.35 8.88
N ASP A 1020 -46.19 -52.37 7.55
CA ASP A 1020 -46.65 -53.54 6.83
C ASP A 1020 -45.51 -54.56 6.80
N TRP A 1021 -45.61 -55.57 7.65
CA TRP A 1021 -44.58 -56.60 7.76
C TRP A 1021 -44.79 -57.71 6.75
N GLU A 1022 -43.68 -58.34 6.36
CA GLU A 1022 -43.73 -59.55 5.53
C GLU A 1022 -43.36 -60.75 6.39
N ASN A 1023 -44.22 -61.77 6.38
CA ASN A 1023 -43.93 -63.00 7.11
C ASN A 1023 -42.87 -63.81 6.37
N ILE A 1024 -41.77 -64.12 7.06
CA ILE A 1024 -40.64 -64.81 6.45
C ILE A 1024 -40.40 -66.16 7.11
N SER A 1025 -40.35 -67.20 6.27
CA SER A 1025 -39.99 -68.54 6.71
C SER A 1025 -38.59 -68.89 6.22
N PRO A 1026 -37.57 -68.78 7.10
CA PRO A 1026 -36.20 -69.09 6.67
C PRO A 1026 -36.05 -70.47 6.03
N ASP A 1027 -35.14 -70.57 5.06
CA ASP A 1027 -34.96 -71.79 4.29
C ASP A 1027 -33.85 -72.68 4.85
N GLU A 1028 -33.50 -73.72 4.12
CA GLU A 1028 -32.45 -74.65 4.52
C GLU A 1028 -31.13 -73.93 4.77
N ASN A 1029 -30.86 -72.91 3.96
CA ASN A 1029 -29.63 -72.14 4.08
C ASN A 1029 -29.73 -71.06 5.17
N ASN A 1030 -30.83 -71.07 5.91
CA ASN A 1030 -31.08 -70.07 6.95
C ASN A 1030 -31.08 -68.66 6.36
N ASP A 1031 -31.51 -68.53 5.12
CA ASP A 1031 -31.62 -67.25 4.45
C ASP A 1031 -33.05 -66.69 4.60
N TRP A 1032 -33.13 -65.44 5.05
CA TRP A 1032 -34.43 -64.77 5.20
C TRP A 1032 -34.88 -64.15 3.88
N ILE A 1033 -33.97 -63.45 3.21
CA ILE A 1033 -34.29 -62.78 1.95
C ILE A 1033 -33.35 -63.20 0.82
N ASN A 1034 -33.77 -62.94 -0.41
CA ASN A 1034 -33.04 -63.37 -1.60
C ASN A 1034 -32.78 -64.87 -1.55
N GLN A 1035 -33.79 -65.61 -1.10
CA GLN A 1035 -33.68 -67.06 -0.96
C GLN A 1035 -33.40 -67.71 -2.31
N ARG A 1036 -32.73 -68.85 -2.28
CA ARG A 1036 -32.26 -69.49 -3.51
C ARG A 1036 -33.27 -70.46 -4.10
N ASP A 1037 -32.93 -70.98 -5.28
CA ASP A 1037 -33.72 -71.98 -5.97
C ASP A 1037 -33.13 -73.36 -5.69
N GLN A 1038 -33.92 -74.24 -5.11
CA GLN A 1038 -33.43 -75.57 -4.75
C GLN A 1038 -33.31 -76.45 -5.98
N ASN A 1039 -33.93 -76.03 -7.08
CA ASN A 1039 -33.83 -76.75 -8.34
C ASN A 1039 -32.50 -76.45 -9.03
N TYR A 1040 -31.95 -75.28 -8.73
CA TYR A 1040 -30.65 -74.85 -9.25
C TYR A 1040 -29.55 -75.84 -8.88
N LEU A 1041 -29.77 -76.59 -7.81
CA LEU A 1041 -28.79 -77.57 -7.31
C LEU A 1041 -28.63 -78.75 -8.27
N ASN A 1042 -29.64 -78.99 -9.10
CA ASN A 1042 -29.58 -80.07 -10.08
C ASN A 1042 -28.54 -79.80 -11.15
N TYR A 1043 -28.15 -78.54 -11.28
CA TYR A 1043 -27.19 -78.13 -12.31
C TYR A 1043 -25.77 -78.52 -11.91
N ARG A 1044 -24.99 -78.89 -12.92
CA ARG A 1044 -23.65 -79.43 -12.71
C ARG A 1044 -22.78 -78.45 -11.93
N PRO A 1045 -22.16 -78.93 -10.83
CA PRO A 1045 -21.31 -78.03 -10.04
C PRO A 1045 -20.07 -77.60 -10.82
N LEU A 1046 -19.53 -76.44 -10.48
CA LEU A 1046 -18.41 -75.88 -11.22
C LEU A 1046 -17.08 -76.40 -10.68
N ALA A 1047 -17.03 -76.64 -9.38
CA ALA A 1047 -15.81 -77.15 -8.75
C ALA A 1047 -16.06 -77.73 -7.37
N ASP A 1048 -15.07 -78.46 -6.86
CA ASP A 1048 -15.06 -78.95 -5.47
C ASP A 1048 -16.08 -80.04 -5.18
N GLU A 1049 -16.79 -80.51 -6.21
CA GLU A 1049 -17.73 -81.62 -6.06
C GLU A 1049 -17.44 -82.72 -7.07
N ASN A 1050 -18.11 -83.86 -6.93
CA ASN A 1050 -17.98 -84.93 -7.90
C ASN A 1050 -18.52 -84.52 -9.26
N GLY A 1051 -17.83 -84.93 -10.31
CA GLY A 1051 -18.25 -84.66 -11.67
C GLY A 1051 -18.35 -83.18 -11.97
N SER A 1052 -17.62 -82.36 -11.21
CA SER A 1052 -17.60 -80.93 -11.45
C SER A 1052 -16.87 -80.64 -12.76
N ILE A 1053 -17.12 -79.46 -13.32
CA ILE A 1053 -16.53 -79.09 -14.60
C ILE A 1053 -15.05 -78.78 -14.44
N PHE A 1054 -14.71 -77.94 -13.45
CA PHE A 1054 -13.32 -77.66 -13.11
C PHE A 1054 -12.89 -78.49 -11.91
N SER A 1055 -11.66 -78.98 -11.93
CA SER A 1055 -11.13 -79.76 -10.81
C SER A 1055 -10.67 -78.84 -9.68
N VAL A 1056 -10.18 -77.67 -10.06
CA VAL A 1056 -9.67 -76.70 -9.10
C VAL A 1056 -10.10 -75.28 -9.46
N LYS A 1057 -10.58 -74.56 -8.47
CA LYS A 1057 -10.88 -73.14 -8.61
C LYS A 1057 -10.01 -72.36 -7.64
N ASP A 1058 -9.68 -71.13 -8.03
CA ASP A 1058 -8.85 -70.27 -7.22
C ASP A 1058 -9.64 -68.99 -6.93
N ILE A 1059 -9.07 -68.12 -6.11
CA ILE A 1059 -9.67 -66.82 -5.85
C ILE A 1059 -8.59 -65.75 -5.96
N GLY A 1060 -8.97 -64.55 -6.39
CA GLY A 1060 -8.01 -63.53 -6.79
C GLY A 1060 -6.99 -63.16 -5.74
N ILE A 1061 -5.83 -62.70 -6.20
CA ILE A 1061 -4.72 -62.43 -5.31
C ILE A 1061 -5.03 -61.22 -4.42
N VAL A 1062 -4.46 -61.22 -3.21
CA VAL A 1062 -4.59 -60.09 -2.29
C VAL A 1062 -3.23 -59.80 -1.67
N THR A 1063 -2.58 -58.73 -2.14
CA THR A 1063 -1.21 -58.42 -1.73
C THR A 1063 -1.16 -57.68 -0.40
N ASN A 1064 -2.28 -57.05 -0.05
CA ASN A 1064 -2.43 -56.26 1.19
C ASN A 1064 -1.58 -54.98 1.20
N ARG A 1065 -0.84 -54.72 0.13
CA ARG A 1065 -0.02 -53.52 0.03
C ARG A 1065 0.14 -53.11 -1.44
N ASP A 1066 -0.97 -52.76 -2.07
CA ASP A 1066 -1.01 -52.49 -3.50
C ASP A 1066 -0.13 -51.32 -3.92
N ALA A 1067 -0.13 -50.24 -3.13
CA ALA A 1067 0.60 -49.04 -3.50
C ALA A 1067 2.09 -49.32 -3.68
N TRP A 1068 2.63 -50.23 -2.85
CA TRP A 1068 4.04 -50.59 -2.91
C TRP A 1068 4.28 -51.66 -3.97
N VAL A 1069 3.45 -52.68 -3.96
CA VAL A 1069 3.72 -53.93 -4.67
C VAL A 1069 3.18 -53.95 -6.10
N SER A 1070 2.20 -53.10 -6.40
CA SER A 1070 1.60 -53.03 -7.72
C SER A 1070 1.65 -51.60 -8.28
N ASN A 1071 1.77 -51.50 -9.61
CA ASN A 1071 1.90 -50.20 -10.27
C ASN A 1071 1.83 -50.34 -11.79
N PHE A 1072 1.47 -49.26 -12.46
CA PHE A 1072 1.45 -49.20 -13.93
C PHE A 1072 2.86 -49.30 -14.53
N SER A 1073 3.83 -48.67 -13.88
CA SER A 1073 5.21 -48.69 -14.37
C SER A 1073 5.98 -49.84 -13.74
N LYS A 1074 6.48 -50.73 -14.60
CA LYS A 1074 7.32 -51.84 -14.16
C LYS A 1074 8.53 -51.35 -13.38
N ILE A 1075 9.13 -50.26 -13.86
CA ILE A 1075 10.29 -49.68 -13.19
C ILE A 1075 9.94 -49.19 -11.79
N ASN A 1076 8.79 -48.54 -11.65
CA ASN A 1076 8.36 -48.03 -10.33
C ASN A 1076 8.16 -49.15 -9.32
N VAL A 1077 7.65 -50.29 -9.78
CA VAL A 1077 7.47 -51.45 -8.91
C VAL A 1077 8.83 -51.90 -8.38
N SER A 1078 9.78 -52.07 -9.30
CA SER A 1078 11.14 -52.48 -8.94
C SER A 1078 11.76 -51.54 -7.92
N ASP A 1079 11.59 -50.24 -8.14
CA ASP A 1079 12.17 -49.23 -7.25
C ASP A 1079 11.45 -49.22 -5.90
N ASN A 1080 10.14 -49.04 -5.93
CA ASN A 1080 9.36 -48.94 -4.70
C ASN A 1080 9.52 -50.16 -3.79
N VAL A 1081 9.46 -51.36 -4.37
CA VAL A 1081 9.63 -52.59 -3.62
C VAL A 1081 10.98 -52.62 -2.90
N GLN A 1082 12.01 -52.13 -3.57
CA GLN A 1082 13.36 -52.12 -3.00
C GLN A 1082 13.46 -51.18 -1.80
N ILE A 1083 12.81 -50.03 -1.87
CA ILE A 1083 12.76 -49.11 -0.73
C ILE A 1083 12.22 -49.84 0.49
N MET A 1084 11.03 -50.41 0.37
CA MET A 1084 10.38 -51.10 1.47
C MET A 1084 11.18 -52.30 1.97
N ILE A 1085 11.73 -53.07 1.05
CA ILE A 1085 12.55 -54.22 1.43
C ILE A 1085 13.79 -53.78 2.20
N LYS A 1086 14.37 -52.65 1.79
CA LYS A 1086 15.49 -52.08 2.53
C LYS A 1086 15.01 -51.62 3.90
N ASN A 1087 13.90 -50.88 3.92
CA ASN A 1087 13.34 -50.38 5.18
C ASN A 1087 12.99 -51.53 6.13
N TYR A 1088 12.49 -52.63 5.56
CA TYR A 1088 12.10 -53.77 6.37
C TYR A 1088 13.31 -54.49 6.96
N ASN A 1089 14.33 -54.70 6.14
CA ASN A 1089 15.53 -55.40 6.59
C ASN A 1089 16.32 -54.58 7.61
N LEU A 1090 16.04 -53.29 7.67
CA LEU A 1090 16.67 -52.44 8.68
C LEU A 1090 15.96 -52.61 10.03
N GLU A 1091 14.64 -52.67 10.01
CA GLU A 1091 13.87 -52.92 11.22
C GLU A 1091 14.30 -54.25 11.83
N VAL A 1092 14.56 -55.23 10.97
CA VAL A 1092 15.02 -56.54 11.42
C VAL A 1092 16.40 -56.45 12.06
N ASP A 1093 17.31 -55.73 11.40
CA ASP A 1093 18.66 -55.52 11.95
C ASP A 1093 18.58 -54.84 13.30
N ARG A 1094 17.61 -53.94 13.46
CA ARG A 1094 17.39 -53.28 14.75
C ARG A 1094 16.96 -54.30 15.80
N LEU A 1095 16.01 -55.15 15.42
CA LEU A 1095 15.50 -56.19 16.32
C LEU A 1095 16.57 -57.22 16.65
N GLU A 1096 17.53 -57.40 15.74
CA GLU A 1096 18.58 -58.39 15.90
C GLU A 1096 19.42 -58.17 17.17
N ASN A 1097 19.80 -56.91 17.41
CA ASN A 1097 20.70 -56.56 18.51
C ASN A 1097 19.94 -56.04 19.73
N ILE A 1098 18.64 -56.31 19.78
CA ILE A 1098 17.83 -56.09 20.98
C ILE A 1098 17.11 -57.39 21.30
N ASP A 1099 17.88 -58.43 21.61
CA ASP A 1099 17.33 -59.77 21.81
C ASP A 1099 16.25 -59.81 22.91
N VAL A 1100 15.09 -60.34 22.54
CA VAL A 1100 13.97 -60.57 23.44
C VAL A 1100 13.20 -61.77 22.89
N LYS A 1101 12.11 -62.13 23.54
CA LYS A 1101 11.17 -63.11 23.00
C LYS A 1101 10.07 -62.36 22.25
N LEU A 1102 10.32 -62.04 20.99
CA LEU A 1102 9.38 -61.25 20.19
C LEU A 1102 8.23 -62.09 19.66
N ASN A 1103 7.10 -61.42 19.43
CA ASN A 1103 5.87 -62.08 19.01
C ASN A 1103 5.20 -61.27 17.90
N ASP A 1104 4.33 -61.93 17.14
CA ASP A 1104 3.71 -61.36 15.94
C ASP A 1104 2.93 -60.07 16.19
N LYS A 1105 2.68 -59.75 17.46
CA LYS A 1105 1.93 -58.54 17.81
C LYS A 1105 2.74 -57.60 18.72
N THR A 1106 3.52 -58.18 19.62
CA THR A 1106 4.32 -57.39 20.55
C THR A 1106 5.41 -56.61 19.84
N VAL A 1107 5.76 -57.06 18.63
CA VAL A 1107 6.83 -56.45 17.85
C VAL A 1107 6.51 -55.01 17.46
N VAL A 1108 5.23 -54.67 17.46
CA VAL A 1108 4.76 -53.33 17.10
C VAL A 1108 5.49 -52.21 17.85
N ASP A 1109 5.74 -52.43 19.13
CA ASP A 1109 6.37 -51.42 19.98
C ASP A 1109 7.82 -51.15 19.60
N TYR A 1110 8.42 -52.08 18.86
CA TYR A 1110 9.84 -52.00 18.51
C TYR A 1110 10.06 -51.73 17.02
N VAL A 1111 9.01 -51.36 16.31
CA VAL A 1111 9.09 -51.11 14.87
C VAL A 1111 8.49 -49.75 14.47
N THR A 1112 8.67 -49.41 13.20
CA THR A 1112 8.53 -48.01 12.74
C THR A 1112 7.12 -47.41 12.67
N ASN A 1113 6.15 -48.21 12.24
CA ASN A 1113 4.74 -47.79 12.08
C ASN A 1113 4.51 -46.65 11.08
N ASP A 1114 5.58 -46.16 10.43
CA ASP A 1114 5.45 -45.10 9.44
C ASP A 1114 5.09 -45.70 8.08
N GLU A 1115 3.92 -45.34 7.57
CA GLU A 1115 3.41 -45.94 6.34
C GLU A 1115 4.12 -45.41 5.09
N ARG A 1116 5.01 -44.45 5.28
CA ARG A 1116 5.86 -44.00 4.18
C ARG A 1116 7.11 -44.85 4.07
N LYS A 1117 7.24 -45.81 4.99
CA LYS A 1117 8.39 -46.70 5.06
C LYS A 1117 8.00 -48.13 4.72
N ILE A 1118 7.02 -48.64 5.46
CA ILE A 1118 6.56 -50.01 5.35
C ILE A 1118 5.03 -50.07 5.39
N SER A 1119 4.45 -50.98 4.61
CA SER A 1119 3.05 -51.32 4.75
C SER A 1119 2.95 -52.66 5.46
N TRP A 1120 2.91 -52.61 6.80
CA TRP A 1120 2.76 -53.81 7.62
C TRP A 1120 1.50 -54.60 7.31
N SER A 1121 1.62 -55.92 7.45
CA SER A 1121 0.47 -56.81 7.44
C SER A 1121 0.75 -57.88 8.47
N ARG A 1122 -0.28 -58.65 8.84
CA ARG A 1122 -0.13 -59.68 9.86
C ARG A 1122 1.08 -60.58 9.59
N SER A 1123 1.11 -61.18 8.41
CA SER A 1123 2.19 -62.09 8.05
C SER A 1123 3.55 -61.41 8.12
N LEU A 1124 3.64 -60.17 7.65
CA LEU A 1124 4.93 -59.49 7.62
C LEU A 1124 5.42 -59.21 9.04
N LYS A 1125 4.49 -58.98 9.95
CA LYS A 1125 4.83 -58.80 11.37
C LYS A 1125 5.37 -60.11 11.94
N GLN A 1126 4.74 -61.22 11.56
CA GLN A 1126 5.15 -62.53 12.04
C GLN A 1126 6.60 -62.81 11.69
N ARG A 1127 7.01 -62.38 10.50
CA ARG A 1127 8.37 -62.60 10.02
C ARG A 1127 9.33 -61.58 10.62
N ALA A 1128 8.78 -60.54 11.23
CA ALA A 1128 9.57 -59.57 11.96
C ALA A 1128 9.70 -59.97 13.42
N ALA A 1129 8.77 -60.79 13.89
CA ALA A 1129 8.86 -61.36 15.24
C ALA A 1129 10.05 -62.31 15.27
N ARG A 1130 10.15 -63.12 14.23
CA ARG A 1130 11.38 -63.84 13.95
C ARG A 1130 12.33 -62.85 13.27
N ARG A 1131 13.59 -63.23 13.07
CA ARG A 1131 14.52 -62.39 12.32
C ARG A 1131 14.61 -62.90 10.88
N GLU A 1132 13.72 -62.38 10.04
CA GLU A 1132 13.65 -62.78 8.64
C GLU A 1132 13.89 -61.62 7.70
N LYS A 1133 14.86 -61.80 6.81
CA LYS A 1133 15.15 -60.83 5.76
C LYS A 1133 14.72 -61.38 4.40
N THR A 1134 14.73 -60.51 3.39
CA THR A 1134 14.41 -60.91 2.03
C THR A 1134 15.39 -60.37 1.01
N GLN A 1135 15.45 -61.06 -0.13
CA GLN A 1135 16.11 -60.54 -1.31
C GLN A 1135 15.04 -59.99 -2.25
N PHE A 1136 15.38 -58.91 -2.96
CA PHE A 1136 14.52 -58.41 -4.01
C PHE A 1136 14.78 -59.19 -5.30
N SER A 1137 13.76 -59.91 -5.75
CA SER A 1137 13.85 -60.70 -6.97
C SER A 1137 13.16 -59.98 -8.11
N HIS A 1138 13.94 -59.34 -8.98
CA HIS A 1138 13.38 -58.58 -10.10
C HIS A 1138 12.57 -59.49 -11.03
N SER A 1139 12.90 -60.78 -11.03
CA SER A 1139 12.20 -61.74 -11.88
C SER A 1139 10.75 -61.96 -11.43
N ASP A 1140 10.43 -61.53 -10.21
CA ASP A 1140 9.10 -61.73 -9.66
C ASP A 1140 8.11 -60.65 -10.12
N ILE A 1141 8.62 -59.58 -10.72
CA ILE A 1141 7.75 -58.55 -11.26
C ILE A 1141 7.09 -59.02 -12.55
N MET A 1142 5.76 -59.08 -12.55
CA MET A 1142 5.00 -59.63 -13.68
C MET A 1142 3.74 -58.82 -13.95
N LEU A 1143 3.07 -59.17 -15.04
CA LEU A 1143 1.83 -58.53 -15.43
C LEU A 1143 0.63 -59.22 -14.79
N ALA A 1144 -0.38 -58.44 -14.44
CA ALA A 1144 -1.59 -58.98 -13.82
C ALA A 1144 -2.78 -58.07 -14.08
N MET A 1145 -3.97 -58.68 -14.13
CA MET A 1145 -5.21 -57.92 -14.18
C MET A 1145 -5.56 -57.37 -12.81
N TYR A 1146 -5.38 -56.06 -12.63
CA TYR A 1146 -5.71 -55.42 -11.36
C TYR A 1146 -7.20 -55.09 -11.31
N ARG A 1147 -7.72 -54.58 -12.43
CA ARG A 1147 -9.13 -54.23 -12.55
C ARG A 1147 -9.59 -54.60 -13.96
N PRO A 1148 -10.91 -54.65 -14.20
CA PRO A 1148 -11.32 -55.13 -15.53
C PRO A 1148 -10.79 -54.23 -16.65
N PHE A 1149 -10.13 -54.85 -17.63
CA PHE A 1149 -9.51 -54.15 -18.77
C PHE A 1149 -8.34 -53.25 -18.33
N THR A 1150 -7.97 -53.37 -17.05
CA THR A 1150 -6.82 -52.66 -16.50
C THR A 1150 -5.78 -53.66 -15.99
N LYS A 1151 -4.67 -53.77 -16.70
CA LYS A 1151 -3.58 -54.64 -16.28
C LYS A 1151 -2.37 -53.80 -15.85
N LYS A 1152 -1.97 -53.99 -14.61
CA LYS A 1152 -0.81 -53.33 -14.01
C LYS A 1152 0.33 -54.32 -13.85
N TYR A 1153 1.48 -53.81 -13.47
CA TYR A 1153 2.61 -54.66 -13.11
C TYR A 1153 2.54 -55.00 -11.62
N LEU A 1154 2.89 -56.24 -11.29
CA LEU A 1154 2.78 -56.74 -9.93
C LEU A 1154 4.06 -57.44 -9.51
N TYR A 1155 4.53 -57.11 -8.31
CA TYR A 1155 5.61 -57.85 -7.68
C TYR A 1155 5.01 -59.03 -6.92
N ARG A 1156 4.84 -60.15 -7.62
CA ARG A 1156 4.28 -61.35 -7.01
C ARG A 1156 5.35 -62.11 -6.24
N ASN A 1157 5.24 -62.05 -4.92
CA ASN A 1157 6.26 -62.56 -4.02
C ASN A 1157 5.60 -63.04 -2.73
N ARG A 1158 5.77 -64.31 -2.40
CA ARG A 1158 5.10 -64.93 -1.25
C ARG A 1158 5.37 -64.10 0.00
N PHE A 1159 6.60 -63.61 0.06
CA PHE A 1159 7.00 -62.58 1.01
C PHE A 1159 6.65 -61.25 0.37
N LEU A 1160 6.01 -60.35 1.13
CA LEU A 1160 5.47 -59.05 0.64
C LEU A 1160 4.12 -59.18 -0.09
N ASN A 1161 3.62 -60.39 -0.29
CA ASN A 1161 2.20 -60.59 -0.67
C ASN A 1161 1.49 -61.43 0.38
N GLU A 1162 0.52 -60.83 1.05
CA GLU A 1162 -0.19 -61.49 2.14
C GLU A 1162 -0.89 -62.77 1.68
N ASN A 1163 -1.44 -62.74 0.47
CA ASN A 1163 -2.13 -63.88 -0.10
C ASN A 1163 -1.85 -64.02 -1.60
N VAL A 1164 -0.99 -64.97 -1.94
CA VAL A 1164 -0.63 -65.25 -3.33
C VAL A 1164 -1.56 -66.30 -3.92
N ARG A 1165 -2.36 -66.95 -3.07
CA ARG A 1165 -3.36 -67.90 -3.55
C ARG A 1165 -2.71 -69.04 -4.35
N LYS A 1166 -3.41 -69.52 -5.36
CA LYS A 1166 -2.91 -70.61 -6.22
C LYS A 1166 -2.23 -70.07 -7.47
N THR A 1167 -1.80 -68.81 -7.44
CA THR A 1167 -1.23 -68.17 -8.62
C THR A 1167 0.05 -68.88 -9.08
N TYR A 1168 0.78 -69.47 -8.16
CA TYR A 1168 2.00 -70.18 -8.50
C TYR A 1168 1.69 -71.48 -9.25
N GLN A 1169 0.48 -71.99 -9.04
CA GLN A 1169 0.02 -73.17 -9.78
C GLN A 1169 -0.57 -72.80 -11.14
N THR A 1170 -1.18 -71.62 -11.24
CA THR A 1170 -1.80 -71.17 -12.48
C THR A 1170 -0.89 -70.27 -13.30
N PHE A 1171 0.04 -69.61 -12.63
CA PHE A 1171 1.02 -68.74 -13.30
C PHE A 1171 2.38 -68.80 -12.63
N PRO A 1172 3.08 -69.94 -12.75
CA PRO A 1172 4.36 -70.20 -12.08
C PRO A 1172 5.39 -69.07 -12.22
N ASP A 1173 5.41 -68.42 -13.37
CA ASP A 1173 6.33 -67.31 -13.60
C ASP A 1173 5.72 -66.28 -14.57
N LYS A 1174 6.47 -65.24 -14.86
CA LYS A 1174 5.97 -64.13 -15.67
C LYS A 1174 5.88 -64.46 -17.16
N ASN A 1175 6.31 -65.66 -17.54
CA ASN A 1175 6.26 -66.11 -18.93
C ASN A 1175 5.24 -67.23 -19.13
N SER A 1176 4.50 -67.57 -18.08
CA SER A 1176 3.53 -68.65 -18.13
C SER A 1176 2.35 -68.31 -19.03
N LYS A 1177 1.68 -69.34 -19.53
CA LYS A 1177 0.51 -69.18 -20.39
C LYS A 1177 -0.69 -69.90 -19.80
N ASN A 1178 -1.72 -69.14 -19.43
CA ASN A 1178 -2.94 -69.71 -18.88
C ASN A 1178 -4.16 -68.86 -19.20
N LEU A 1179 -5.33 -69.49 -19.16
CA LEU A 1179 -6.61 -68.79 -19.26
C LEU A 1179 -7.41 -69.02 -17.99
N LEU A 1180 -7.90 -67.93 -17.38
CA LEU A 1180 -8.81 -68.06 -16.24
C LEU A 1180 -10.03 -67.18 -16.42
N ILE A 1181 -11.19 -67.72 -16.04
CA ILE A 1181 -12.45 -67.00 -16.10
C ILE A 1181 -12.73 -66.37 -14.74
N ASN A 1182 -12.46 -65.08 -14.61
CA ASN A 1182 -12.81 -64.37 -13.37
C ASN A 1182 -14.32 -64.23 -13.25
N ILE A 1183 -14.81 -64.37 -12.02
CA ILE A 1183 -16.23 -64.21 -11.74
C ILE A 1183 -16.46 -63.46 -10.44
N SER A 1184 -17.62 -62.82 -10.32
CA SER A 1184 -18.04 -62.25 -9.05
C SER A 1184 -18.09 -63.40 -8.04
N GLY A 1185 -17.74 -63.11 -6.80
CA GLY A 1185 -17.61 -64.15 -5.79
C GLY A 1185 -18.54 -63.97 -4.61
N GLN A 1186 -19.31 -65.03 -4.34
CA GLN A 1186 -19.90 -65.31 -3.04
C GLN A 1186 -20.25 -64.07 -2.18
N GLY A 1187 -21.31 -63.37 -2.57
CA GLY A 1187 -21.89 -62.34 -1.74
C GLY A 1187 -21.61 -60.89 -2.14
N ASP A 1188 -21.36 -60.66 -3.43
CA ASP A 1188 -21.36 -59.31 -3.97
C ASP A 1188 -22.79 -58.84 -4.04
N LYS A 1189 -23.00 -57.56 -3.75
CA LYS A 1189 -24.33 -56.98 -3.84
C LYS A 1189 -24.62 -56.54 -5.27
N ALA A 1190 -23.58 -56.21 -6.01
CA ALA A 1190 -23.72 -55.85 -7.41
C ALA A 1190 -24.11 -57.08 -8.23
N ASP A 1191 -24.59 -56.86 -9.45
CA ASP A 1191 -25.02 -57.96 -10.31
C ASP A 1191 -23.84 -58.84 -10.72
N PHE A 1192 -24.12 -60.11 -10.95
CA PHE A 1192 -23.09 -61.08 -11.32
C PHE A 1192 -22.48 -60.74 -12.69
N ALA A 1193 -21.16 -60.79 -12.75
CA ALA A 1193 -20.43 -60.57 -13.99
C ALA A 1193 -19.26 -61.54 -14.12
N THR A 1194 -18.74 -61.68 -15.32
CA THR A 1194 -17.57 -62.52 -15.57
C THR A 1194 -16.71 -61.90 -16.66
N LEU A 1195 -15.40 -61.99 -16.47
CA LEU A 1195 -14.44 -61.47 -17.45
C LEU A 1195 -13.23 -62.37 -17.52
N ILE A 1196 -12.92 -62.86 -18.72
CA ILE A 1196 -11.80 -63.77 -18.91
C ILE A 1196 -10.50 -62.98 -18.95
N SER A 1197 -9.44 -63.57 -18.39
CA SER A 1197 -8.14 -62.91 -18.34
C SER A 1197 -7.03 -63.84 -18.81
N GLU A 1198 -6.03 -63.25 -19.45
CA GLU A 1198 -4.86 -63.97 -19.94
C GLU A 1198 -3.74 -63.91 -18.92
N TYR A 1199 -3.96 -63.17 -17.84
CA TYR A 1199 -2.94 -62.90 -16.84
C TYR A 1199 -3.43 -63.20 -15.43
N LEU A 1200 -2.51 -63.15 -14.47
CA LEU A 1200 -2.84 -63.23 -13.06
C LEU A 1200 -3.86 -62.14 -12.71
N SER A 1201 -4.82 -62.47 -11.85
CA SER A 1201 -5.93 -61.55 -11.57
C SER A 1201 -6.02 -61.19 -10.09
N ASP A 1202 -6.21 -59.90 -9.83
CA ASP A 1202 -6.41 -59.41 -8.47
C ASP A 1202 -7.75 -59.94 -7.97
N MET A 1203 -7.99 -59.77 -6.67
CA MET A 1203 -9.26 -60.17 -6.10
C MET A 1203 -10.35 -59.21 -6.52
N HIS A 1204 -9.98 -57.98 -6.87
CA HIS A 1204 -10.96 -56.95 -7.13
C HIS A 1204 -11.13 -56.69 -8.62
N VAL A 1205 -10.79 -57.68 -9.44
CA VAL A 1205 -11.07 -57.61 -10.86
C VAL A 1205 -12.60 -57.56 -11.06
N ILE A 1206 -13.31 -58.24 -10.18
CA ILE A 1206 -14.77 -58.21 -10.18
C ILE A 1206 -15.29 -58.17 -8.74
N GLY A 1207 -15.64 -56.98 -8.27
CA GLY A 1207 -16.24 -56.82 -6.97
C GLY A 1207 -15.23 -56.86 -5.84
N GLY A 1208 -15.68 -57.30 -4.66
CA GLY A 1208 -14.87 -57.27 -3.46
C GLY A 1208 -14.17 -58.60 -3.22
N GLN A 1209 -14.73 -59.67 -3.76
CA GLN A 1209 -14.13 -60.99 -3.68
C GLN A 1209 -14.34 -61.74 -5.00
N ALA A 1210 -13.27 -61.96 -5.75
CA ALA A 1210 -13.37 -62.55 -7.08
C ALA A 1210 -12.77 -63.95 -7.12
N ARG A 1211 -13.56 -64.89 -7.61
CA ARG A 1211 -13.09 -66.24 -7.87
C ARG A 1211 -12.68 -66.34 -9.33
N ASN A 1212 -11.71 -67.18 -9.63
CA ASN A 1212 -11.34 -67.44 -11.02
C ASN A 1212 -11.24 -68.94 -11.28
N LEU A 1213 -11.45 -69.32 -12.53
CA LEU A 1213 -11.51 -70.71 -12.92
C LEU A 1213 -10.47 -71.01 -13.99
N PRO A 1214 -9.27 -71.43 -13.58
CA PRO A 1214 -8.15 -71.58 -14.51
C PRO A 1214 -8.36 -72.68 -15.54
N ARG A 1215 -7.77 -72.48 -16.71
CA ARG A 1215 -7.83 -73.47 -17.78
C ARG A 1215 -6.77 -74.53 -17.54
N PHE A 1216 -5.66 -74.12 -16.93
CA PHE A 1216 -4.52 -74.99 -16.68
C PHE A 1216 -4.03 -74.88 -15.24
N THR A 1217 -3.40 -75.95 -14.76
CA THR A 1217 -2.65 -75.91 -13.51
C THR A 1217 -1.26 -76.46 -13.77
N TYR A 1218 -0.26 -75.91 -13.08
CA TYR A 1218 1.14 -76.26 -13.33
C TYR A 1218 1.79 -76.95 -12.14
N GLU A 1219 2.93 -77.58 -12.40
CA GLU A 1219 3.66 -78.34 -11.39
C GLU A 1219 5.16 -78.20 -11.57
N THR A 1220 5.87 -78.08 -10.45
CA THR A 1220 7.33 -78.06 -10.45
C THR A 1220 7.86 -79.24 -9.63
N ASP A 1221 8.41 -80.22 -10.32
CA ASP A 1221 8.89 -81.44 -9.67
C ASP A 1221 10.13 -82.00 -10.37
N GLY A 1226 4.89 -78.74 -15.83
CA GLY A 1226 3.91 -79.79 -15.55
C GLY A 1226 2.50 -79.35 -15.89
N ARG A 1227 2.27 -79.04 -17.16
CA ARG A 1227 0.97 -78.57 -17.63
C ARG A 1227 -0.12 -79.62 -17.43
N THR A 1228 -1.22 -79.20 -16.82
CA THR A 1228 -2.34 -80.10 -16.55
C THR A 1228 -3.65 -79.44 -16.93
N ASP A 1229 -4.50 -80.19 -17.62
CA ASP A 1229 -5.84 -79.71 -17.96
C ASP A 1229 -6.71 -79.65 -16.71
N ASN A 1230 -7.14 -78.45 -16.35
CA ASN A 1230 -8.04 -78.27 -15.21
C ASN A 1230 -9.50 -78.48 -15.63
N ILE A 1231 -9.71 -78.72 -16.92
CA ILE A 1231 -11.05 -78.93 -17.45
C ILE A 1231 -10.94 -79.81 -18.68
N VAL A 1232 -12.00 -80.54 -19.01
CA VAL A 1232 -11.98 -81.51 -20.10
C VAL A 1232 -11.42 -80.93 -21.40
N SER A 1233 -12.14 -79.95 -21.96
CA SER A 1233 -11.82 -79.42 -23.29
C SER A 1233 -12.01 -77.90 -23.38
N ASP A 1234 -11.45 -77.32 -24.44
CA ASP A 1234 -11.69 -75.91 -24.75
C ASP A 1234 -13.17 -75.66 -24.95
N ASP A 1235 -13.84 -76.60 -25.62
CA ASP A 1235 -15.26 -76.48 -25.90
C ASP A 1235 -16.07 -76.34 -24.61
N GLU A 1236 -15.73 -77.15 -23.61
CA GLU A 1236 -16.41 -77.09 -22.32
C GLU A 1236 -16.07 -75.78 -21.61
N PHE A 1237 -14.80 -75.38 -21.73
CA PHE A 1237 -14.33 -74.14 -21.11
C PHE A 1237 -15.11 -72.94 -21.63
N TYR A 1238 -15.19 -72.81 -22.95
CA TYR A 1238 -15.88 -71.67 -23.54
C TYR A 1238 -17.39 -71.80 -23.42
N TYR A 1239 -17.89 -73.03 -23.28
CA TYR A 1239 -19.31 -73.24 -23.04
C TYR A 1239 -19.72 -72.58 -21.72
N VAL A 1240 -18.91 -72.79 -20.69
CA VAL A 1240 -19.16 -72.17 -19.39
C VAL A 1240 -19.20 -70.66 -19.57
N TYR A 1241 -18.20 -70.12 -20.27
CA TYR A 1241 -18.09 -68.68 -20.46
C TYR A 1241 -19.30 -68.14 -21.22
N GLY A 1242 -19.81 -68.94 -22.16
CA GLY A 1242 -21.00 -68.57 -22.89
C GLY A 1242 -22.21 -68.49 -21.97
N VAL A 1243 -22.40 -69.52 -21.15
CA VAL A 1243 -23.55 -69.60 -20.27
C VAL A 1243 -23.57 -68.47 -19.23
N LEU A 1244 -22.41 -68.11 -18.71
CA LEU A 1244 -22.32 -67.07 -17.70
C LEU A 1244 -22.73 -65.69 -18.24
N HIS A 1245 -22.85 -65.58 -19.57
CA HIS A 1245 -23.26 -64.32 -20.19
C HIS A 1245 -24.75 -64.31 -20.52
N SER A 1246 -25.40 -65.47 -20.42
CA SER A 1246 -26.84 -65.57 -20.69
C SER A 1246 -27.64 -64.66 -19.77
N SER A 1247 -28.44 -63.78 -20.37
CA SER A 1247 -29.24 -62.84 -19.60
C SER A 1247 -30.28 -63.55 -18.74
N ALA A 1248 -30.94 -64.55 -19.32
CA ALA A 1248 -31.96 -65.31 -18.62
C ALA A 1248 -31.36 -66.04 -17.42
N TYR A 1249 -30.21 -66.66 -17.63
CA TYR A 1249 -29.50 -67.35 -16.57
C TYR A 1249 -29.19 -66.39 -15.43
N ARG A 1250 -28.59 -65.26 -15.75
CA ARG A 1250 -28.21 -64.26 -14.75
C ARG A 1250 -29.41 -63.73 -13.99
N LYS A 1251 -30.52 -63.49 -14.70
CA LYS A 1251 -31.70 -62.92 -14.08
C LYS A 1251 -32.49 -63.94 -13.26
N ARG A 1252 -32.60 -65.16 -13.77
CA ARG A 1252 -33.41 -66.19 -13.11
C ARG A 1252 -32.81 -66.62 -11.76
N TYR A 1253 -31.49 -66.70 -11.69
CA TYR A 1253 -30.81 -67.09 -10.45
C TYR A 1253 -29.81 -66.04 -9.98
N ALA A 1254 -30.30 -64.82 -9.75
CA ALA A 1254 -29.44 -63.76 -9.23
C ALA A 1254 -28.99 -64.12 -7.81
N ASN A 1255 -29.82 -64.87 -7.10
CA ASN A 1255 -29.56 -65.18 -5.70
C ASN A 1255 -28.51 -66.27 -5.53
N ASP A 1256 -28.55 -67.28 -6.39
CA ASP A 1256 -27.58 -68.37 -6.34
C ASP A 1256 -26.23 -67.91 -6.87
N LEU A 1257 -26.25 -66.95 -7.79
CA LEU A 1257 -25.01 -66.41 -8.34
C LEU A 1257 -24.32 -65.52 -7.31
N LYS A 1258 -25.11 -64.90 -6.44
CA LYS A 1258 -24.57 -64.06 -5.37
C LYS A 1258 -24.05 -64.91 -4.21
N LYS A 1259 -24.83 -65.89 -3.79
CA LYS A 1259 -24.63 -66.53 -2.51
C LYS A 1259 -23.80 -67.82 -2.58
N ASP A 1260 -23.40 -68.22 -3.79
CA ASP A 1260 -22.53 -69.38 -3.93
C ASP A 1260 -21.95 -69.46 -5.34
N LEU A 1261 -20.91 -70.27 -5.48
CA LEU A 1261 -20.24 -70.49 -6.76
C LEU A 1261 -21.25 -70.99 -7.79
N PRO A 1262 -21.18 -70.47 -9.04
CA PRO A 1262 -22.17 -70.81 -10.06
C PRO A 1262 -22.30 -72.31 -10.33
N ARG A 1263 -23.48 -72.70 -10.82
CA ARG A 1263 -23.73 -74.06 -11.29
C ARG A 1263 -24.24 -73.98 -12.73
N ILE A 1264 -23.58 -74.69 -13.63
CA ILE A 1264 -23.90 -74.64 -15.04
C ILE A 1264 -24.88 -75.75 -15.43
N PRO A 1265 -26.02 -75.38 -16.05
CA PRO A 1265 -26.94 -76.42 -16.54
C PRO A 1265 -26.55 -76.92 -17.93
N LEU A 1266 -27.19 -78.01 -18.36
CA LEU A 1266 -27.02 -78.53 -19.72
C LEU A 1266 -28.14 -77.99 -20.60
N LEU A 1267 -27.78 -77.17 -21.59
CA LEU A 1267 -28.77 -76.37 -22.31
C LEU A 1267 -29.04 -76.84 -23.74
N LYS A 1268 -30.21 -76.47 -24.25
CA LYS A 1268 -30.79 -77.08 -25.44
C LYS A 1268 -29.99 -76.84 -26.73
N ASN A 1269 -29.34 -75.67 -26.83
CA ASN A 1269 -28.57 -75.30 -28.00
C ASN A 1269 -27.11 -75.05 -27.62
N LYS A 1270 -26.52 -76.07 -27.01
CA LYS A 1270 -25.20 -75.96 -26.39
C LYS A 1270 -24.10 -75.44 -27.32
N ASP A 1271 -23.99 -76.04 -28.49
CA ASP A 1271 -22.90 -75.72 -29.43
C ASP A 1271 -22.92 -74.25 -29.84
N LYS A 1272 -24.07 -73.60 -29.65
CA LYS A 1272 -24.18 -72.16 -29.90
C LYS A 1272 -23.54 -71.38 -28.75
N TYR A 1273 -23.68 -71.89 -27.54
CA TYR A 1273 -23.06 -71.27 -26.37
C TYR A 1273 -21.54 -71.31 -26.49
N VAL A 1274 -21.03 -72.38 -27.09
CA VAL A 1274 -19.59 -72.53 -27.28
C VAL A 1274 -19.10 -71.48 -28.27
N GLU A 1275 -19.83 -71.33 -29.36
CA GLU A 1275 -19.51 -70.38 -30.41
C GLU A 1275 -19.31 -68.97 -29.84
N ILE A 1276 -20.37 -68.45 -29.22
CA ILE A 1276 -20.33 -67.10 -28.67
C ILE A 1276 -19.39 -67.04 -27.49
N GLY A 1277 -19.21 -68.17 -26.81
CA GLY A 1277 -18.23 -68.26 -25.75
C GLY A 1277 -16.85 -67.96 -26.28
N ARG A 1278 -16.53 -68.52 -27.44
CA ARG A 1278 -15.22 -68.29 -28.06
C ARG A 1278 -15.07 -66.84 -28.51
N LYS A 1279 -16.10 -66.32 -29.18
CA LYS A 1279 -16.05 -64.95 -29.69
C LYS A 1279 -15.90 -63.94 -28.56
N LEU A 1280 -16.71 -64.10 -27.52
CA LEU A 1280 -16.62 -63.25 -26.34
C LEU A 1280 -15.22 -63.26 -25.77
N SER A 1281 -14.65 -64.45 -25.62
CA SER A 1281 -13.30 -64.60 -25.11
C SER A 1281 -12.30 -63.90 -26.03
N ASP A 1282 -12.43 -64.16 -27.32
CA ASP A 1282 -11.54 -63.57 -28.32
C ASP A 1282 -11.59 -62.04 -28.23
N LEU A 1283 -12.78 -61.53 -28.00
CA LEU A 1283 -13.00 -60.09 -27.88
C LEU A 1283 -12.40 -59.51 -26.61
N HIS A 1284 -12.63 -60.20 -25.49
CA HIS A 1284 -12.24 -59.68 -24.19
C HIS A 1284 -10.74 -59.82 -23.91
N LEU A 1285 -10.08 -60.70 -24.66
CA LEU A 1285 -8.63 -60.83 -24.55
C LEU A 1285 -7.94 -59.75 -25.37
N ASN A 1286 -8.50 -59.45 -26.53
CA ASN A 1286 -7.97 -58.43 -27.41
C ASN A 1286 -8.62 -57.07 -27.18
N TYR A 1287 -9.01 -56.81 -25.93
CA TYR A 1287 -9.76 -55.62 -25.58
C TYR A 1287 -9.01 -54.31 -25.83
N GLU A 1288 -7.68 -54.38 -25.92
CA GLU A 1288 -6.86 -53.16 -25.95
C GLU A 1288 -6.64 -52.64 -27.37
N ASN A 1289 -7.01 -53.44 -28.36
CA ASN A 1289 -6.94 -53.00 -29.76
C ASN A 1289 -8.09 -53.57 -30.58
N GLN A 1290 -9.06 -52.71 -30.86
CA GLN A 1290 -10.29 -53.11 -31.54
C GLN A 1290 -10.73 -51.98 -32.48
N PRO A 1291 -11.27 -52.34 -33.66
CA PRO A 1291 -11.73 -51.31 -34.60
C PRO A 1291 -12.75 -50.35 -33.99
N ILE A 1292 -12.52 -49.05 -34.13
CA ILE A 1292 -13.40 -48.04 -33.57
C ILE A 1292 -14.82 -48.15 -34.11
N TRP A 1293 -15.81 -47.87 -33.27
CA TRP A 1293 -17.21 -47.96 -33.67
C TRP A 1293 -17.54 -46.89 -34.70
N ASP A 1294 -18.64 -47.08 -35.42
CA ASP A 1294 -18.94 -46.28 -36.61
C ASP A 1294 -19.03 -44.77 -36.37
N GLY A 1295 -19.90 -44.36 -35.46
CA GLY A 1295 -20.21 -42.95 -35.31
C GLY A 1295 -19.16 -42.12 -34.60
N ILE A 1296 -18.28 -42.77 -33.86
CA ILE A 1296 -17.34 -42.06 -32.99
C ILE A 1296 -16.33 -41.24 -33.78
N GLU A 1297 -15.97 -40.08 -33.23
CA GLU A 1297 -14.98 -39.19 -33.84
C GLU A 1297 -13.98 -38.74 -32.78
N VAL A 1298 -12.73 -38.56 -33.19
CA VAL A 1298 -11.65 -38.19 -32.27
C VAL A 1298 -10.97 -36.90 -32.72
N GLU A 1299 -11.17 -35.84 -31.96
CA GLU A 1299 -10.60 -34.53 -32.28
C GLU A 1299 -9.31 -34.29 -31.50
N ILE A 1300 -8.20 -34.11 -32.23
CA ILE A 1300 -6.90 -33.90 -31.61
C ILE A 1300 -6.31 -32.55 -32.02
N SER A 1301 -6.28 -31.61 -31.08
CA SER A 1301 -5.70 -30.29 -31.34
C SER A 1301 -4.19 -30.41 -31.59
N GLN A 1302 -3.47 -30.78 -30.54
CA GLN A 1302 -2.03 -31.04 -30.62
C GLN A 1302 -1.74 -32.45 -30.10
N PRO A 1303 -0.58 -33.02 -30.47
CA PRO A 1303 -0.30 -34.40 -30.08
C PRO A 1303 0.16 -34.55 -28.63
N ASP A 1304 -0.71 -34.17 -27.69
CA ASP A 1304 -0.50 -34.43 -26.27
C ASP A 1304 -1.37 -35.62 -25.87
N TYR A 1305 -0.74 -36.78 -25.70
CA TYR A 1305 -1.47 -38.01 -25.42
C TYR A 1305 -1.38 -38.40 -23.95
N ARG A 1306 -0.87 -37.50 -23.13
CA ARG A 1306 -0.79 -37.75 -21.70
C ARG A 1306 -2.14 -37.54 -21.03
N VAL A 1307 -2.41 -38.36 -20.02
CA VAL A 1307 -3.66 -38.30 -19.29
C VAL A 1307 -3.44 -37.74 -17.89
N LYS A 1308 -4.39 -36.94 -17.43
CA LYS A 1308 -4.45 -36.52 -16.04
C LYS A 1308 -5.68 -37.18 -15.43
N LYS A 1309 -6.84 -36.80 -15.96
CA LYS A 1309 -8.10 -37.42 -15.56
C LYS A 1309 -9.13 -37.21 -16.65
N MET A 1310 -9.61 -38.32 -17.21
CA MET A 1310 -10.64 -38.27 -18.23
C MET A 1310 -11.97 -37.89 -17.57
N LYS A 1311 -12.84 -37.23 -18.33
CA LYS A 1311 -14.10 -36.76 -17.78
C LYS A 1311 -15.16 -36.57 -18.86
N HIS A 1312 -16.42 -36.57 -18.43
CA HIS A 1312 -17.51 -36.10 -19.28
C HIS A 1312 -17.63 -34.59 -19.05
N PRO A 1313 -17.94 -33.83 -20.12
CA PRO A 1313 -18.03 -32.37 -19.98
C PRO A 1313 -19.05 -31.94 -18.92
N LYS A 1314 -20.18 -32.64 -18.87
CA LYS A 1314 -21.17 -32.45 -17.82
C LYS A 1314 -21.54 -33.80 -17.23
N LYS A 1315 -22.36 -33.78 -16.18
CA LYS A 1315 -22.78 -35.01 -15.55
C LYS A 1315 -23.71 -35.81 -16.46
N GLY A 1316 -23.33 -37.06 -16.72
CA GLY A 1316 -24.22 -37.98 -17.42
C GLY A 1316 -24.39 -37.71 -18.90
N VAL A 1317 -23.44 -37.00 -19.50
CA VAL A 1317 -23.37 -36.90 -20.96
C VAL A 1317 -22.42 -38.02 -21.34
N LEU A 1318 -22.96 -39.00 -22.06
CA LEU A 1318 -22.23 -40.21 -22.40
C LEU A 1318 -21.80 -40.14 -23.86
N ASP A 1319 -22.18 -39.05 -24.52
CA ASP A 1319 -21.78 -38.80 -25.90
C ASP A 1319 -20.28 -38.50 -25.96
N THR A 1320 -19.79 -37.78 -24.96
CA THR A 1320 -18.46 -37.19 -25.04
C THR A 1320 -17.56 -37.56 -23.87
N ILE A 1321 -16.26 -37.71 -24.16
CA ILE A 1321 -15.24 -37.87 -23.15
C ILE A 1321 -14.06 -36.95 -23.46
N ILE A 1322 -13.70 -36.10 -22.51
CA ILE A 1322 -12.50 -35.29 -22.63
C ILE A 1322 -11.29 -36.12 -22.17
N TYR A 1323 -10.53 -36.63 -23.13
CA TYR A 1323 -9.31 -37.37 -22.81
C TYR A 1323 -8.35 -36.46 -22.07
N ASN A 1324 -8.12 -35.29 -22.65
CA ASN A 1324 -7.37 -34.24 -21.99
C ASN A 1324 -7.72 -32.90 -22.62
N GLU A 1325 -6.98 -31.85 -22.27
CA GLU A 1325 -7.28 -30.52 -22.78
C GLU A 1325 -6.89 -30.38 -24.25
N SER A 1326 -6.40 -31.45 -24.85
CA SER A 1326 -6.09 -31.49 -26.27
C SER A 1326 -7.06 -32.37 -27.04
N ILE A 1327 -7.26 -33.59 -26.55
CA ILE A 1327 -8.05 -34.60 -27.24
C ILE A 1327 -9.44 -34.78 -26.62
N THR A 1328 -10.44 -34.95 -27.48
CA THR A 1328 -11.80 -35.26 -27.05
C THR A 1328 -12.42 -36.31 -27.97
N ILE A 1329 -13.35 -37.08 -27.43
CA ILE A 1329 -14.02 -38.14 -28.18
C ILE A 1329 -15.53 -37.85 -28.21
N LYS A 1330 -16.11 -37.84 -29.40
CA LYS A 1330 -17.52 -37.48 -29.56
C LYS A 1330 -18.31 -38.57 -30.27
N ASN A 1331 -19.64 -38.48 -30.16
CA ASN A 1331 -20.56 -39.41 -30.80
C ASN A 1331 -20.42 -40.85 -30.30
N ILE A 1332 -20.16 -41.00 -29.01
CA ILE A 1332 -20.10 -42.32 -28.40
C ILE A 1332 -21.53 -42.87 -28.21
N PRO A 1333 -21.78 -44.10 -28.68
CA PRO A 1333 -23.13 -44.67 -28.45
C PRO A 1333 -23.43 -44.83 -26.97
N GLU A 1334 -24.56 -44.29 -26.53
CA GLU A 1334 -24.90 -44.28 -25.11
C GLU A 1334 -25.20 -45.68 -24.59
N ARG A 1335 -25.52 -46.62 -25.47
CA ARG A 1335 -25.87 -47.96 -25.04
C ARG A 1335 -24.63 -48.77 -24.67
N ALA A 1336 -23.46 -48.30 -25.08
CA ALA A 1336 -22.21 -48.99 -24.79
C ALA A 1336 -21.97 -49.06 -23.28
N TYR A 1337 -22.61 -48.15 -22.54
CA TYR A 1337 -22.47 -48.10 -21.10
C TYR A 1337 -23.36 -49.13 -20.40
N GLU A 1338 -24.11 -49.90 -21.20
CA GLU A 1338 -24.94 -50.97 -20.66
C GLU A 1338 -24.09 -52.18 -20.32
N TYR A 1339 -22.97 -52.36 -21.02
CA TYR A 1339 -22.05 -53.46 -20.71
C TYR A 1339 -21.34 -53.16 -19.40
N VAL A 1340 -21.65 -53.94 -18.38
CA VAL A 1340 -21.20 -53.68 -17.02
C VAL A 1340 -20.44 -54.86 -16.43
N VAL A 1341 -19.31 -54.56 -15.80
CA VAL A 1341 -18.56 -55.53 -15.02
C VAL A 1341 -18.51 -55.00 -13.59
N ASN A 1342 -18.89 -55.85 -12.65
CA ASN A 1342 -19.27 -55.42 -11.30
C ASN A 1342 -20.55 -54.58 -11.46
N GLY A 1343 -20.55 -53.35 -10.94
CA GLY A 1343 -21.68 -52.45 -11.13
C GLY A 1343 -21.36 -51.28 -12.05
N ARG A 1344 -20.17 -51.33 -12.65
CA ARG A 1344 -19.64 -50.19 -13.41
C ARG A 1344 -19.44 -50.54 -14.89
N PRO A 1345 -19.81 -49.61 -15.81
CA PRO A 1345 -19.55 -49.87 -17.23
C PRO A 1345 -18.05 -50.02 -17.53
N ALA A 1346 -17.73 -50.81 -18.55
CA ALA A 1346 -16.35 -51.05 -18.95
C ALA A 1346 -15.64 -49.76 -19.29
N ILE A 1347 -16.35 -48.87 -19.98
CA ILE A 1347 -15.79 -47.59 -20.38
C ILE A 1347 -15.43 -46.76 -19.15
N GLU A 1348 -16.27 -46.82 -18.13
CA GLU A 1348 -16.08 -46.02 -16.93
C GLU A 1348 -14.90 -46.55 -16.10
N TRP A 1349 -14.55 -47.81 -16.29
CA TRP A 1349 -13.40 -48.39 -15.60
C TRP A 1349 -12.12 -47.75 -16.13
N ILE A 1350 -12.06 -47.58 -17.45
CA ILE A 1350 -10.90 -46.94 -18.07
C ILE A 1350 -10.76 -45.50 -17.57
N ILE A 1351 -11.88 -44.78 -17.52
CA ILE A 1351 -11.89 -43.43 -16.97
C ILE A 1351 -11.40 -43.44 -15.53
N ASP A 1352 -11.93 -44.37 -14.75
CA ASP A 1352 -11.58 -44.49 -13.34
C ASP A 1352 -10.13 -44.91 -13.13
N GLN A 1353 -9.73 -45.98 -13.80
CA GLN A 1353 -8.42 -46.58 -13.57
C GLN A 1353 -7.28 -45.83 -14.25
N TYR A 1354 -7.43 -45.52 -15.53
CA TYR A 1354 -6.39 -44.81 -16.25
C TYR A 1354 -6.49 -43.33 -15.95
N GLN A 1355 -5.83 -42.97 -14.84
CA GLN A 1355 -5.96 -41.68 -14.21
C GLN A 1355 -4.77 -41.50 -13.28
N VAL A 1356 -4.23 -40.29 -13.22
CA VAL A 1356 -3.10 -40.02 -12.34
C VAL A 1356 -3.59 -39.82 -10.91
N LYS A 1357 -2.99 -40.54 -9.98
CA LYS A 1357 -3.29 -40.36 -8.56
C LYS A 1357 -2.15 -40.84 -7.69
N THR A 1358 -2.11 -40.34 -6.46
CA THR A 1358 -1.07 -40.68 -5.50
C THR A 1358 -1.69 -41.36 -4.28
N ASP A 1359 -0.90 -42.17 -3.59
CA ASP A 1359 -1.35 -42.84 -2.38
C ASP A 1359 -1.15 -41.92 -1.18
N LYS A 1360 -2.24 -41.51 -0.54
CA LYS A 1360 -2.18 -40.55 0.56
C LYS A 1360 -1.28 -41.04 1.70
N LYS A 1361 -1.33 -42.33 1.98
CA LYS A 1361 -0.60 -42.91 3.10
C LYS A 1361 0.91 -42.99 2.81
N SER A 1362 1.25 -43.55 1.65
CA SER A 1362 2.64 -43.82 1.30
C SER A 1362 3.25 -42.71 0.45
N GLY A 1363 2.42 -41.96 -0.24
CA GLY A 1363 2.90 -40.90 -1.12
C GLY A 1363 3.51 -41.46 -2.40
N ILE A 1364 3.10 -42.69 -2.76
CA ILE A 1364 3.60 -43.34 -3.98
C ILE A 1364 2.69 -42.97 -5.14
N THR A 1365 3.29 -42.43 -6.20
CA THR A 1365 2.54 -41.97 -7.36
C THR A 1365 2.34 -43.13 -8.34
N ASP A 1366 1.18 -43.13 -9.00
CA ASP A 1366 0.86 -44.16 -9.98
C ASP A 1366 0.35 -43.49 -11.26
N ASP A 1367 1.19 -43.51 -12.30
CA ASP A 1367 0.92 -42.80 -13.55
C ASP A 1367 0.72 -43.77 -14.71
N PRO A 1368 -0.50 -43.86 -15.26
CA PRO A 1368 -0.78 -44.86 -16.30
C PRO A 1368 -0.03 -44.65 -17.62
N ASN A 1369 0.50 -43.46 -17.85
CA ASN A 1369 1.22 -43.18 -19.10
C ASN A 1369 2.55 -43.93 -19.17
N GLU A 1370 3.05 -44.38 -18.02
CA GLU A 1370 4.34 -45.06 -17.94
C GLU A 1370 4.22 -46.56 -18.17
N PHE A 1371 3.02 -47.04 -18.45
CA PHE A 1371 2.78 -48.47 -18.57
C PHE A 1371 3.22 -49.07 -19.91
N SER A 1372 2.95 -48.37 -21.02
CA SER A 1372 2.83 -49.01 -22.34
C SER A 1372 3.88 -48.70 -23.40
N ASP A 1373 4.70 -47.67 -23.19
CA ASP A 1373 5.77 -47.33 -24.14
C ASP A 1373 5.21 -46.62 -25.39
N ASN A 1374 3.91 -46.82 -25.66
CA ASN A 1374 3.23 -46.23 -26.81
C ASN A 1374 2.30 -45.13 -26.31
N PRO A 1375 2.58 -43.87 -26.67
CA PRO A 1375 1.78 -42.74 -26.15
C PRO A 1375 0.28 -42.84 -26.45
N LYS A 1376 -0.11 -43.70 -27.40
CA LYS A 1376 -1.51 -43.80 -27.81
C LYS A 1376 -2.21 -45.02 -27.22
N TYR A 1377 -1.54 -45.70 -26.30
CA TYR A 1377 -2.07 -46.92 -25.71
C TYR A 1377 -3.42 -46.71 -25.03
N ILE A 1378 -3.49 -45.74 -24.14
CA ILE A 1378 -4.69 -45.52 -23.34
C ILE A 1378 -5.82 -45.01 -24.21
N LEU A 1379 -5.48 -44.14 -25.16
CA LEU A 1379 -6.47 -43.63 -26.12
C LEU A 1379 -6.98 -44.77 -26.98
N ASN A 1380 -6.06 -45.59 -27.49
CA ASN A 1380 -6.43 -46.79 -28.23
C ASN A 1380 -7.29 -47.73 -27.38
N LEU A 1381 -6.88 -47.89 -26.12
CA LEU A 1381 -7.58 -48.78 -25.20
C LEU A 1381 -9.02 -48.32 -24.99
N LEU A 1382 -9.19 -47.04 -24.69
CA LEU A 1382 -10.51 -46.47 -24.47
C LEU A 1382 -11.43 -46.72 -25.66
N LEU A 1383 -10.98 -46.30 -26.84
CA LEU A 1383 -11.75 -46.45 -28.05
C LEU A 1383 -12.14 -47.91 -28.27
N SER A 1384 -11.19 -48.82 -28.06
CA SER A 1384 -11.42 -50.25 -28.27
C SER A 1384 -12.48 -50.77 -27.30
N VAL A 1385 -12.36 -50.38 -26.03
CA VAL A 1385 -13.28 -50.84 -24.99
C VAL A 1385 -14.73 -50.45 -25.31
N ILE A 1386 -14.92 -49.29 -25.94
CA ILE A 1386 -16.26 -48.88 -26.35
C ILE A 1386 -16.86 -49.90 -27.32
N THR A 1387 -16.05 -50.38 -28.25
CA THR A 1387 -16.54 -51.30 -29.28
C THR A 1387 -16.57 -52.71 -28.74
N VAL A 1388 -15.71 -52.99 -27.76
CA VAL A 1388 -15.81 -54.24 -27.00
C VAL A 1388 -17.16 -54.27 -26.29
N SER A 1389 -17.53 -53.15 -25.69
CA SER A 1389 -18.82 -53.02 -25.04
C SER A 1389 -19.98 -53.25 -26.01
N MET A 1390 -19.94 -52.54 -27.14
CA MET A 1390 -21.00 -52.67 -28.15
C MET A 1390 -21.06 -54.09 -28.69
N ARG A 1391 -19.90 -54.67 -28.95
CA ARG A 1391 -19.82 -56.00 -29.53
C ARG A 1391 -20.29 -57.07 -28.54
N THR A 1392 -19.96 -56.90 -27.27
CA THR A 1392 -20.32 -57.88 -26.25
C THR A 1392 -21.84 -58.01 -26.12
N LEU A 1393 -22.50 -56.86 -26.09
CA LEU A 1393 -23.96 -56.83 -25.95
C LEU A 1393 -24.62 -57.52 -27.13
N GLU A 1394 -24.10 -57.27 -28.34
CA GLU A 1394 -24.59 -57.94 -29.53
C GLU A 1394 -24.50 -59.45 -29.34
N LEU A 1395 -23.32 -59.91 -28.91
CA LEU A 1395 -23.08 -61.32 -28.69
C LEU A 1395 -24.00 -61.90 -27.60
N ILE A 1396 -24.28 -61.12 -26.57
CA ILE A 1396 -25.17 -61.56 -25.50
C ILE A 1396 -26.61 -61.69 -26.00
N GLU A 1397 -26.91 -61.02 -27.12
CA GLU A 1397 -28.24 -61.09 -27.70
C GLU A 1397 -28.34 -62.21 -28.74
N GLU A 1398 -27.20 -62.77 -29.14
CA GLU A 1398 -27.18 -63.84 -30.12
C GLU A 1398 -27.35 -65.22 -29.49
N LEU A 1399 -26.91 -65.41 -28.25
CA LEU A 1399 -26.87 -66.74 -27.67
C LEU A 1399 -28.29 -67.19 -27.33
N PRO A 1400 -28.57 -68.49 -27.53
CA PRO A 1400 -29.92 -69.05 -27.69
C PRO A 1400 -30.93 -68.77 -26.58
N GLU A 1401 -32.18 -69.13 -26.84
CA GLU A 1401 -33.22 -69.07 -25.83
C GLU A 1401 -32.90 -70.10 -24.75
N PHE A 1402 -32.98 -69.65 -23.51
CA PHE A 1402 -32.57 -70.47 -22.36
C PHE A 1402 -33.53 -71.63 -22.09
N GLU A 1403 -33.07 -72.84 -22.37
CA GLU A 1403 -33.88 -74.04 -22.16
C GLU A 1403 -33.01 -75.24 -21.73
N ILE A 1404 -33.64 -76.22 -21.08
CA ILE A 1404 -32.94 -77.33 -20.44
C ILE A 1404 -32.86 -78.56 -21.36
N GLN A 1405 -31.93 -79.47 -21.05
CA GLN A 1405 -31.98 -80.87 -21.52
C GLN A 1405 -31.54 -81.01 -22.98
N GLU A 1406 -30.43 -80.34 -23.32
CA GLU A 1406 -29.80 -80.40 -24.65
C GLU A 1406 -30.77 -80.69 -25.81
N LEU D 14 -0.30 1.52 -41.51
CA LEU D 14 0.47 2.47 -40.71
C LEU D 14 0.10 3.91 -41.03
N ARG D 15 -0.69 4.53 -40.16
CA ARG D 15 -0.91 5.97 -40.24
C ARG D 15 0.43 6.67 -40.01
N ASP D 16 0.61 7.83 -40.62
CA ASP D 16 1.90 8.54 -40.58
C ASP D 16 2.45 8.72 -39.15
N TYR D 17 1.61 9.10 -38.19
CA TYR D 17 2.09 9.34 -36.83
C TYR D 17 2.57 8.03 -36.18
N GLN D 18 2.04 6.90 -36.64
CA GLN D 18 2.42 5.60 -36.12
C GLN D 18 3.83 5.25 -36.60
N GLN D 19 4.08 5.50 -37.88
CA GLN D 19 5.40 5.34 -38.45
C GLN D 19 6.39 6.15 -37.63
N THR D 20 6.01 7.38 -37.30
CA THR D 20 6.85 8.26 -36.49
C THR D 20 7.07 7.68 -35.09
N ALA D 21 5.99 7.20 -34.48
CA ALA D 21 6.06 6.57 -33.16
C ALA D 21 7.03 5.39 -33.21
N LYS D 22 7.02 4.67 -34.33
CA LYS D 22 7.98 3.59 -34.56
C LYS D 22 9.42 4.08 -34.50
N GLU D 23 9.77 4.99 -35.41
CA GLU D 23 11.12 5.57 -35.49
C GLU D 23 11.59 6.06 -34.13
N ASN D 24 10.71 6.78 -33.43
CA ASN D 24 11.03 7.28 -32.09
C ASN D 24 11.39 6.13 -31.15
N ALA D 25 10.49 5.16 -31.05
CA ALA D 25 10.69 4.01 -30.18
C ALA D 25 12.03 3.32 -30.44
N LEU D 26 12.30 3.02 -31.70
CA LEU D 26 13.54 2.33 -32.07
C LEU D 26 14.78 3.10 -31.66
N ALA D 27 14.86 4.35 -32.10
CA ALA D 27 16.01 5.21 -31.81
C ALA D 27 16.15 5.43 -30.31
N HIS D 28 15.06 5.23 -29.57
CA HIS D 28 15.09 5.43 -28.13
C HIS D 28 15.83 4.27 -27.47
N PHE D 29 15.23 3.08 -27.51
CA PHE D 29 15.76 1.92 -26.78
C PHE D 29 17.21 1.57 -27.11
N LYS D 30 17.79 2.28 -28.07
CA LYS D 30 19.19 2.12 -28.39
C LYS D 30 20.08 2.61 -27.25
N GLU D 31 19.93 3.88 -26.89
CA GLU D 31 20.81 4.50 -25.89
C GLU D 31 20.33 4.33 -24.45
N ASN D 32 19.25 3.59 -24.24
CA ASN D 32 18.75 3.26 -22.89
C ASN D 32 17.73 2.14 -22.92
N ASP D 33 17.22 1.74 -21.74
CA ASP D 33 16.54 0.45 -21.58
C ASP D 33 15.06 0.52 -21.15
N ARG D 34 14.52 1.72 -21.02
CA ARG D 34 13.11 1.90 -20.65
C ARG D 34 12.43 2.98 -21.48
N GLY D 35 11.22 2.67 -21.96
CA GLY D 35 10.46 3.56 -22.79
C GLY D 35 9.01 3.71 -22.35
N GLN D 36 8.39 4.81 -22.79
CA GLN D 36 7.02 5.14 -22.42
C GLN D 36 6.28 5.73 -23.62
N LEU D 37 5.32 4.98 -24.17
CA LEU D 37 4.59 5.38 -25.37
C LEU D 37 3.16 5.81 -25.05
N ILE D 38 2.88 7.10 -25.20
CA ILE D 38 1.58 7.66 -24.86
C ILE D 38 0.76 7.94 -26.12
N MET D 39 -0.45 7.40 -26.17
CA MET D 39 -1.34 7.66 -27.28
C MET D 39 -2.77 7.91 -26.81
N ALA D 40 -3.44 8.87 -27.43
CA ALA D 40 -4.85 9.11 -27.15
C ALA D 40 -5.65 7.89 -27.60
N PRO D 41 -6.77 7.60 -26.91
CA PRO D 41 -7.50 6.37 -27.26
C PRO D 41 -8.15 6.49 -28.63
N GLY D 42 -8.40 5.36 -29.29
CA GLY D 42 -9.06 5.36 -30.59
C GLY D 42 -8.05 5.23 -31.71
N THR D 43 -6.81 5.65 -31.45
CA THR D 43 -5.71 5.35 -32.35
C THR D 43 -5.33 3.89 -32.16
N GLY D 44 -4.51 3.36 -33.06
CA GLY D 44 -4.13 1.97 -33.01
C GLY D 44 -2.90 1.77 -32.13
N LYS D 45 -3.00 2.19 -30.87
CA LYS D 45 -1.91 2.06 -29.90
C LYS D 45 -1.32 0.63 -29.86
N THR D 46 -2.18 -0.36 -29.84
CA THR D 46 -1.74 -1.76 -29.78
C THR D 46 -1.10 -2.20 -31.10
N PHE D 47 -1.66 -1.75 -32.21
CA PHE D 47 -1.12 -2.09 -33.53
C PHE D 47 0.27 -1.48 -33.72
N THR D 48 0.45 -0.27 -33.21
CA THR D 48 1.73 0.43 -33.30
C THR D 48 2.79 -0.28 -32.46
N SER D 49 2.39 -0.72 -31.29
CA SER D 49 3.27 -1.47 -30.38
C SER D 49 3.65 -2.82 -30.98
N LEU D 50 2.80 -3.33 -31.85
CA LEU D 50 3.11 -4.55 -32.60
C LEU D 50 4.16 -4.26 -33.65
N LYS D 51 3.95 -3.17 -34.39
CA LYS D 51 4.83 -2.81 -35.51
C LYS D 51 6.27 -2.60 -35.05
N ILE D 52 6.45 -2.03 -33.86
CA ILE D 52 7.79 -1.79 -33.32
C ILE D 52 8.43 -3.12 -32.89
N SER D 53 7.59 -4.05 -32.44
CA SER D 53 8.08 -5.36 -32.04
C SER D 53 8.57 -6.10 -33.28
N GLU D 54 7.84 -5.96 -34.38
CA GLU D 54 8.28 -6.49 -35.66
C GLU D 54 9.60 -5.84 -36.05
N ALA D 55 9.69 -4.53 -35.85
CA ALA D 55 10.88 -3.79 -36.22
C ALA D 55 12.04 -4.10 -35.29
N LEU D 56 11.73 -4.45 -34.05
CA LEU D 56 12.74 -4.79 -33.06
C LEU D 56 13.24 -6.22 -33.26
N SER D 57 12.38 -7.07 -33.81
CA SER D 57 12.74 -8.47 -34.06
C SER D 57 13.88 -8.56 -35.07
N LYS D 58 13.98 -7.57 -35.94
CA LYS D 58 14.99 -7.58 -37.00
C LYS D 58 16.35 -7.09 -36.52
N ASP D 59 16.35 -6.07 -35.66
CA ASP D 59 17.57 -5.37 -35.27
C ASP D 59 18.65 -6.26 -34.66
N LYS D 60 18.25 -7.40 -34.12
CA LYS D 60 19.20 -8.36 -33.55
C LYS D 60 19.07 -9.69 -34.28
N ASN D 61 18.23 -10.58 -33.75
CA ASN D 61 17.97 -11.88 -34.34
C ASN D 61 16.57 -12.34 -33.94
N GLY D 62 16.25 -13.61 -34.22
CA GLY D 62 15.01 -14.22 -33.80
C GLY D 62 15.26 -15.64 -33.34
N PRO D 63 14.32 -16.24 -32.58
CA PRO D 63 13.03 -15.71 -32.12
C PRO D 63 13.12 -14.50 -31.18
N PHE D 64 12.22 -13.54 -31.40
CA PHE D 64 12.09 -12.39 -30.52
C PHE D 64 11.06 -12.68 -29.43
N LYS D 65 11.51 -12.64 -28.18
CA LYS D 65 10.65 -12.97 -27.03
C LYS D 65 9.96 -11.72 -26.49
N VAL D 66 8.63 -11.73 -26.57
CA VAL D 66 7.78 -10.61 -26.17
C VAL D 66 6.81 -10.99 -25.06
N LEU D 67 6.79 -10.18 -24.00
CA LEU D 67 5.79 -10.27 -22.94
C LEU D 67 4.85 -9.07 -23.01
N TYR D 68 3.59 -9.35 -23.32
CA TYR D 68 2.56 -8.33 -23.44
C TYR D 68 1.55 -8.51 -22.31
N LEU D 69 1.53 -7.55 -21.39
CA LEU D 69 0.71 -7.65 -20.18
C LEU D 69 -0.56 -6.80 -20.29
N VAL D 70 -1.65 -7.31 -19.71
CA VAL D 70 -2.97 -6.71 -19.83
C VAL D 70 -3.78 -6.98 -18.55
N PRO D 71 -4.68 -6.06 -18.17
CA PRO D 71 -5.47 -6.31 -16.96
C PRO D 71 -6.89 -6.82 -17.25
N SER D 72 -7.01 -7.74 -18.21
CA SER D 72 -8.31 -8.26 -18.59
C SER D 72 -8.21 -9.49 -19.48
N ILE D 73 -9.22 -10.36 -19.39
CA ILE D 73 -9.32 -11.52 -20.28
C ILE D 73 -9.88 -11.08 -21.62
N GLN D 74 -10.81 -10.13 -21.60
CA GLN D 74 -11.39 -9.59 -22.82
C GLN D 74 -10.31 -8.96 -23.69
N LEU D 75 -9.53 -8.06 -23.11
CA LEU D 75 -8.51 -7.35 -23.86
C LEU D 75 -7.32 -8.25 -24.19
N LEU D 76 -7.25 -9.41 -23.52
CA LEU D 76 -6.24 -10.41 -23.83
C LEU D 76 -6.48 -11.00 -25.22
N THR D 77 -7.65 -11.62 -25.38
CA THR D 77 -8.02 -12.24 -26.66
C THR D 77 -8.00 -11.20 -27.76
N GLN D 78 -8.58 -10.04 -27.45
CA GLN D 78 -8.69 -8.94 -28.40
C GLN D 78 -7.32 -8.54 -28.94
N THR D 79 -6.34 -8.51 -28.06
CA THR D 79 -4.97 -8.21 -28.47
C THR D 79 -4.39 -9.38 -29.25
N LEU D 80 -4.45 -10.57 -28.66
CA LEU D 80 -3.95 -11.80 -29.28
C LEU D 80 -4.37 -11.90 -30.75
N ARG D 81 -5.67 -11.96 -30.99
CA ARG D 81 -6.21 -12.06 -32.35
C ARG D 81 -5.72 -10.91 -33.22
N GLY D 82 -5.93 -9.68 -32.74
CA GLY D 82 -5.57 -8.49 -33.49
C GLY D 82 -4.08 -8.44 -33.81
N TRP D 83 -3.26 -8.79 -32.83
CA TRP D 83 -1.81 -8.77 -33.01
C TRP D 83 -1.38 -9.76 -34.08
N ASN D 84 -2.14 -10.83 -34.25
CA ASN D 84 -1.78 -11.89 -35.18
C ASN D 84 -2.38 -11.69 -36.56
N ASN D 85 -3.58 -11.11 -36.62
CA ASN D 85 -4.22 -10.81 -37.90
C ASN D 85 -3.45 -9.76 -38.68
N ASP D 86 -3.14 -8.64 -38.02
CA ASP D 86 -2.51 -7.49 -38.68
C ASP D 86 -0.99 -7.63 -38.78
N THR D 87 -0.49 -8.85 -38.60
CA THR D 87 0.95 -9.10 -38.62
C THR D 87 1.43 -9.41 -40.04
N GLU D 88 2.56 -8.80 -40.41
CA GLU D 88 3.21 -9.09 -41.68
C GLU D 88 4.37 -10.05 -41.47
N LEU D 89 4.79 -10.19 -40.21
CA LEU D 89 5.76 -11.21 -39.80
C LEU D 89 5.03 -12.43 -39.25
N THR D 90 5.81 -13.45 -38.89
CA THR D 90 5.24 -14.70 -38.38
C THR D 90 5.47 -14.84 -36.88
N ILE D 91 4.43 -15.29 -36.17
CA ILE D 91 4.45 -15.38 -34.71
C ILE D 91 4.32 -16.81 -34.20
N THR D 92 4.50 -16.94 -32.89
CA THR D 92 4.06 -18.10 -32.14
C THR D 92 3.60 -17.54 -30.80
N SER D 93 2.34 -17.75 -30.45
CA SER D 93 1.74 -17.06 -29.31
C SER D 93 1.50 -17.96 -28.11
N MET D 94 1.84 -17.45 -26.94
CA MET D 94 1.51 -18.08 -25.67
C MET D 94 0.44 -17.28 -24.97
N ALA D 95 -0.43 -17.95 -24.23
CA ALA D 95 -1.49 -17.29 -23.48
C ALA D 95 -1.43 -17.72 -22.02
N VAL D 96 -1.48 -16.74 -21.11
CA VAL D 96 -1.47 -17.00 -19.68
C VAL D 96 -2.72 -16.42 -19.02
N THR D 97 -3.64 -17.30 -18.65
CA THR D 97 -4.87 -16.91 -18.00
C THR D 97 -5.63 -18.13 -17.51
N SER D 98 -6.69 -17.91 -16.73
CA SER D 98 -7.50 -18.98 -16.18
C SER D 98 -8.63 -19.37 -17.13
N ASP D 99 -8.61 -18.82 -18.34
CA ASP D 99 -9.64 -19.09 -19.34
C ASP D 99 -9.03 -19.76 -20.58
N ARG D 100 -9.32 -21.04 -20.73
CA ARG D 100 -8.90 -21.82 -21.90
C ARG D 100 -9.50 -21.21 -23.16
N ASP D 101 -10.79 -20.88 -23.11
CA ASP D 101 -11.54 -20.44 -24.29
C ASP D 101 -11.08 -19.08 -24.84
N ALA D 102 -10.01 -18.53 -24.27
CA ALA D 102 -9.42 -17.28 -24.76
C ALA D 102 -8.80 -17.49 -26.14
N SER D 103 -7.71 -18.25 -26.18
CA SER D 103 -7.01 -18.54 -27.44
C SER D 103 -7.90 -19.34 -28.39
N ALA D 114 -13.67 -22.38 -31.38
CA ALA D 114 -12.93 -22.73 -32.59
C ALA D 114 -11.51 -23.17 -32.25
N SER D 115 -10.72 -23.47 -33.27
CA SER D 115 -9.34 -23.88 -33.09
C SER D 115 -8.55 -22.83 -32.33
N ASP D 116 -7.88 -23.24 -31.26
CA ASP D 116 -7.04 -22.35 -30.48
C ASP D 116 -5.91 -21.81 -31.34
N ILE D 117 -5.35 -20.68 -30.91
CA ILE D 117 -4.33 -19.98 -31.67
C ILE D 117 -3.11 -19.77 -30.78
N GLY D 118 -1.98 -20.35 -31.20
CA GLY D 118 -0.82 -20.46 -30.34
C GLY D 118 -1.03 -21.61 -29.39
N TYR D 119 -0.30 -21.61 -28.27
CA TYR D 119 -0.46 -22.65 -27.26
C TYR D 119 -1.69 -22.38 -26.41
N PRO D 120 -2.27 -23.44 -25.81
CA PRO D 120 -3.43 -23.28 -24.93
C PRO D 120 -3.15 -22.34 -23.75
N ALA D 121 -4.21 -21.78 -23.16
CA ALA D 121 -4.08 -20.84 -22.05
C ALA D 121 -3.89 -21.57 -20.73
N THR D 122 -2.79 -21.28 -20.04
CA THR D 122 -2.45 -21.94 -18.78
C THR D 122 -2.02 -20.95 -17.70
N THR D 123 -2.30 -21.32 -16.45
CA THR D 123 -1.78 -20.62 -15.29
C THR D 123 -0.62 -21.40 -14.67
N SER D 124 -0.29 -22.53 -15.28
CA SER D 124 0.76 -23.41 -14.78
C SER D 124 2.13 -22.97 -15.30
N SER D 125 3.04 -22.66 -14.38
CA SER D 125 4.40 -22.29 -14.75
C SER D 125 5.12 -23.47 -15.37
N LYS D 126 4.57 -24.67 -15.18
CA LYS D 126 5.16 -25.89 -15.72
C LYS D 126 4.82 -26.05 -17.20
N LYS D 127 3.53 -25.95 -17.53
CA LYS D 127 3.07 -26.14 -18.90
C LYS D 127 3.69 -25.10 -19.85
N ILE D 128 4.05 -23.95 -19.30
CA ILE D 128 4.70 -22.91 -20.08
C ILE D 128 6.10 -23.34 -20.51
N LEU D 129 6.90 -23.77 -19.54
CA LEU D 129 8.24 -24.30 -19.82
C LEU D 129 8.17 -25.40 -20.87
N GLN D 130 7.23 -26.32 -20.66
CA GLN D 130 7.07 -27.47 -21.54
C GLN D 130 6.76 -27.03 -22.96
N ASN D 131 6.06 -25.90 -23.10
CA ASN D 131 5.72 -25.36 -24.40
C ASN D 131 6.88 -24.59 -25.03
N TRP D 132 7.68 -23.93 -24.20
CA TRP D 132 8.89 -23.29 -24.68
C TRP D 132 9.83 -24.34 -25.26
N HIS D 133 10.08 -25.40 -24.49
CA HIS D 133 10.91 -26.51 -24.94
C HIS D 133 10.35 -27.12 -26.22
N ASP D 134 9.04 -27.34 -26.25
CA ASP D 134 8.36 -27.84 -27.43
C ASP D 134 8.61 -26.91 -28.61
N PHE D 135 8.34 -25.62 -28.40
CA PHE D 135 8.57 -24.62 -29.44
C PHE D 135 10.05 -24.51 -29.79
N GLU D 136 10.92 -24.73 -28.80
CA GLU D 136 12.36 -24.64 -29.02
C GLU D 136 12.88 -25.91 -29.70
N SER D 137 12.18 -27.02 -29.50
CA SER D 137 12.56 -28.28 -30.10
C SER D 137 12.24 -28.31 -31.59
N LEU D 138 11.36 -27.42 -32.02
CA LEU D 138 10.99 -27.31 -33.43
C LEU D 138 12.20 -27.06 -34.31
N PRO D 139 12.15 -27.53 -35.58
CA PRO D 139 13.27 -27.29 -36.50
C PRO D 139 13.40 -25.82 -36.89
N LYS D 140 12.25 -25.15 -37.03
CA LYS D 140 12.21 -23.74 -37.40
C LYS D 140 11.39 -22.93 -36.40
N GLN D 141 12.07 -22.06 -35.66
CA GLN D 141 11.40 -21.16 -34.72
C GLN D 141 11.05 -19.86 -35.42
N THR D 142 9.83 -19.39 -35.22
CA THR D 142 9.35 -18.18 -35.89
C THR D 142 10.11 -16.95 -35.39
N ASP D 143 10.00 -15.84 -36.11
CA ASP D 143 10.75 -14.63 -35.77
C ASP D 143 10.26 -13.94 -34.50
N MET D 144 9.04 -14.27 -34.07
CA MET D 144 8.47 -13.66 -32.87
C MET D 144 7.74 -14.66 -31.98
N LEU D 145 8.10 -14.66 -30.70
CA LEU D 145 7.41 -15.43 -29.68
C LEU D 145 6.78 -14.47 -28.67
N VAL D 146 5.45 -14.43 -28.65
CA VAL D 146 4.72 -13.50 -27.81
C VAL D 146 3.86 -14.22 -26.77
N VAL D 147 4.06 -13.87 -25.50
CA VAL D 147 3.23 -14.39 -24.42
C VAL D 147 2.27 -13.31 -23.92
N PHE D 148 0.99 -13.53 -24.16
CA PHE D 148 -0.05 -12.62 -23.73
C PHE D 148 -0.57 -13.06 -22.37
N SER D 149 -0.37 -12.21 -21.37
CA SER D 149 -0.64 -12.58 -19.99
C SER D 149 -1.42 -11.50 -19.24
N THR D 150 -2.13 -11.92 -18.20
CA THR D 150 -2.78 -10.97 -17.30
C THR D 150 -1.76 -10.47 -16.28
N TYR D 151 -1.95 -9.26 -15.78
CA TYR D 151 -1.16 -8.80 -14.65
C TYR D 151 -1.49 -9.66 -13.43
N GLN D 152 -2.76 -10.07 -13.36
CA GLN D 152 -3.26 -10.86 -12.25
C GLN D 152 -2.43 -12.13 -12.04
N SER D 153 -2.02 -12.76 -13.14
CA SER D 153 -1.15 -13.93 -13.09
C SER D 153 0.19 -13.64 -13.77
N ILE D 154 1.07 -12.94 -13.05
CA ILE D 154 2.41 -12.65 -13.55
C ILE D 154 3.46 -13.37 -12.71
N GLU D 155 3.07 -13.79 -11.51
CA GLU D 155 3.95 -14.57 -10.65
C GLU D 155 4.27 -15.92 -11.31
N VAL D 156 3.31 -16.44 -12.07
CA VAL D 156 3.51 -17.66 -12.83
C VAL D 156 4.67 -17.50 -13.80
N ILE D 157 4.71 -16.36 -14.46
CA ILE D 157 5.75 -16.08 -15.46
C ILE D 157 7.12 -15.96 -14.80
N GLY D 158 7.19 -15.16 -13.73
CA GLY D 158 8.43 -15.00 -12.99
C GLY D 158 8.94 -16.31 -12.44
N GLU D 159 8.00 -17.20 -12.09
CA GLU D 159 8.34 -18.51 -11.54
C GLU D 159 8.90 -19.42 -12.64
N ALA D 160 8.20 -19.46 -13.77
CA ALA D 160 8.62 -20.28 -14.91
C ALA D 160 10.04 -19.92 -15.36
N GLN D 161 10.41 -18.64 -15.16
CA GLN D 161 11.76 -18.18 -15.48
C GLN D 161 12.78 -18.81 -14.53
N LYS D 162 12.43 -18.90 -13.26
CA LYS D 162 13.33 -19.49 -12.26
C LYS D 162 13.57 -20.97 -12.55
N GLU D 163 12.66 -21.58 -13.31
CA GLU D 163 12.76 -23.00 -13.64
C GLU D 163 13.47 -23.23 -14.98
N GLY D 164 13.81 -22.14 -15.67
CA GLY D 164 14.63 -22.22 -16.87
C GLY D 164 14.06 -21.48 -18.08
N PHE D 165 12.92 -20.82 -17.91
CA PHE D 165 12.33 -20.06 -19.01
C PHE D 165 13.16 -18.79 -19.25
N PRO D 166 13.48 -18.48 -20.52
CA PRO D 166 14.41 -17.37 -20.79
C PRO D 166 13.80 -15.99 -20.59
N GLU D 167 14.66 -14.97 -20.56
CA GLU D 167 14.22 -13.60 -20.40
C GLU D 167 13.69 -13.04 -21.72
N PHE D 168 12.98 -11.92 -21.63
CA PHE D 168 12.42 -11.27 -22.81
C PHE D 168 13.32 -10.14 -23.28
N ASP D 169 13.31 -9.90 -24.59
CA ASP D 169 14.03 -8.77 -25.16
C ASP D 169 13.15 -7.52 -25.13
N PHE D 170 11.85 -7.73 -24.96
CA PHE D 170 10.88 -6.64 -24.96
C PHE D 170 9.67 -7.00 -24.11
N ILE D 171 9.30 -6.08 -23.20
CA ILE D 171 8.13 -6.28 -22.34
C ILE D 171 7.17 -5.10 -22.49
N ILE D 172 5.99 -5.38 -23.04
CA ILE D 172 4.94 -4.38 -23.23
C ILE D 172 3.94 -4.42 -22.09
N SER D 173 3.79 -3.29 -21.41
CA SER D 173 2.82 -3.14 -20.34
C SER D 173 1.65 -2.27 -20.80
N ASP D 174 0.55 -2.91 -21.22
CA ASP D 174 -0.61 -2.19 -21.72
C ASP D 174 -1.47 -1.68 -20.56
N GLU D 175 -2.19 -0.58 -20.80
CA GLU D 175 -2.96 0.06 -19.74
C GLU D 175 -2.06 0.29 -18.54
N ALA D 176 -0.87 0.83 -18.80
CA ALA D 176 0.21 0.88 -17.82
C ALA D 176 -0.14 1.69 -16.58
N HIS D 177 -1.20 2.49 -16.65
CA HIS D 177 -1.55 3.37 -15.54
C HIS D 177 -2.06 2.59 -14.33
N ARG D 178 -2.42 1.34 -14.54
CA ARG D 178 -2.90 0.48 -13.46
C ARG D 178 -1.75 -0.25 -12.76
N THR D 179 -0.51 0.05 -13.17
CA THR D 179 0.67 -0.63 -12.64
C THR D 179 1.10 -0.10 -11.28
N THR D 180 0.31 0.78 -10.70
CA THR D 180 0.55 1.28 -9.33
C THR D 180 -0.73 1.31 -8.52
N GLY D 181 -0.93 0.28 -7.71
CA GLY D 181 -2.11 0.17 -6.87
C GLY D 181 -3.39 0.36 -7.66
N ALA D 182 -4.22 1.29 -7.18
CA ALA D 182 -5.45 1.68 -7.88
C ALA D 182 -6.38 0.48 -8.09
N HIS D 183 -6.33 -0.48 -7.16
CA HIS D 183 -7.20 -1.65 -7.20
C HIS D 183 -7.81 -1.95 -5.83
N ALA D 189 -3.02 -7.29 -6.02
CA ALA D 189 -2.66 -6.07 -6.73
C ALA D 189 -1.18 -5.78 -6.63
N SER D 190 -0.44 -6.65 -5.93
CA SER D 190 1.00 -6.51 -5.80
C SER D 190 1.69 -6.90 -7.12
N ALA D 191 0.91 -7.50 -8.01
CA ALA D 191 1.43 -7.94 -9.30
C ALA D 191 1.60 -6.77 -10.25
N PHE D 192 0.67 -5.82 -10.17
CA PHE D 192 0.70 -4.64 -11.02
C PHE D 192 1.97 -3.82 -10.82
N SER D 193 2.55 -3.93 -9.64
CA SER D 193 3.81 -3.24 -9.33
C SER D 193 5.01 -4.12 -9.65
N LYS D 194 4.77 -5.41 -9.84
CA LYS D 194 5.84 -6.38 -10.04
C LYS D 194 6.55 -6.20 -11.38
N VAL D 195 5.78 -5.88 -12.42
CA VAL D 195 6.30 -5.72 -13.77
C VAL D 195 7.51 -4.77 -13.84
N HIS D 196 7.62 -3.85 -12.89
CA HIS D 196 8.64 -2.80 -12.94
C HIS D 196 10.05 -3.30 -12.65
N SER D 197 10.17 -4.37 -11.86
CA SER D 197 11.47 -4.86 -11.41
C SER D 197 11.84 -6.21 -12.03
N ASN D 198 13.12 -6.35 -12.38
CA ASN D 198 13.61 -7.57 -13.01
C ASN D 198 13.64 -8.76 -12.07
N ASN D 199 13.61 -8.49 -10.77
CA ASN D 199 13.56 -9.57 -9.77
C ASN D 199 12.26 -10.36 -9.88
N ASN D 200 11.20 -9.67 -10.31
CA ASN D 200 9.91 -10.31 -10.51
C ASN D 200 9.85 -11.01 -11.88
N VAL D 201 10.21 -10.28 -12.93
CA VAL D 201 10.25 -10.83 -14.29
C VAL D 201 11.40 -10.21 -15.08
N LYS D 202 12.27 -11.07 -15.60
CA LYS D 202 13.47 -10.63 -16.29
C LYS D 202 13.19 -10.20 -17.72
N GLY D 203 13.79 -9.08 -18.12
CA GLY D 203 13.66 -8.58 -19.48
C GLY D 203 14.75 -7.60 -19.84
N LEU D 204 15.19 -7.62 -21.09
CA LEU D 204 16.26 -6.74 -21.55
C LEU D 204 15.77 -5.30 -21.66
N LYS D 205 14.73 -5.09 -22.45
CA LYS D 205 14.09 -3.78 -22.59
C LYS D 205 12.60 -3.91 -22.29
N ARG D 206 11.96 -2.79 -21.98
CA ARG D 206 10.54 -2.80 -21.61
C ARG D 206 9.87 -1.47 -21.93
N MET D 207 8.60 -1.56 -22.36
CA MET D 207 7.84 -0.39 -22.80
C MET D 207 6.50 -0.31 -22.07
N TYR D 208 6.11 0.90 -21.72
CA TYR D 208 4.82 1.17 -21.08
C TYR D 208 3.95 2.01 -22.01
N GLN D 209 2.68 1.63 -22.13
CA GLN D 209 1.79 2.28 -23.08
C GLN D 209 0.36 2.42 -22.57
N THR D 210 -0.18 3.63 -22.73
CA THR D 210 -1.55 3.93 -22.37
C THR D 210 -1.88 5.40 -22.65
N ALA D 211 -3.15 5.68 -22.90
CA ALA D 211 -3.66 7.02 -22.69
C ALA D 211 -3.75 7.18 -21.18
N THR D 212 -3.88 8.40 -20.70
CA THR D 212 -4.02 8.63 -19.26
C THR D 212 -2.83 8.11 -18.47
N PRO D 213 -1.65 8.68 -18.69
CA PRO D 213 -0.53 8.29 -17.83
C PRO D 213 -0.79 8.74 -16.41
N LYS D 214 -1.41 9.92 -16.26
CA LYS D 214 -1.78 10.44 -14.96
C LYS D 214 -3.26 10.18 -14.68
N ILE D 215 -3.52 9.40 -13.64
CA ILE D 215 -4.88 9.12 -13.20
C ILE D 215 -5.31 10.13 -12.15
N TYR D 216 -6.54 10.60 -12.26
CA TYR D 216 -7.08 11.58 -11.32
C TYR D 216 -8.38 11.09 -10.70
N GLY D 217 -8.67 11.54 -9.49
CA GLY D 217 -9.83 11.08 -8.75
C GLY D 217 -10.14 12.00 -7.58
N SER D 228 -10.90 16.53 -6.89
CA SER D 228 -10.01 15.82 -7.80
C SER D 228 -8.55 15.91 -7.35
N ILE D 229 -7.88 14.77 -7.35
CA ILE D 229 -6.48 14.69 -6.90
C ILE D 229 -5.68 13.72 -7.76
N LEU D 230 -4.39 13.99 -7.89
CA LEU D 230 -3.48 13.11 -8.62
C LEU D 230 -3.33 11.78 -7.90
N LEU D 231 -3.61 10.70 -8.60
CA LEU D 231 -3.45 9.34 -8.08
C LEU D 231 -2.66 8.46 -9.04
N SER D 232 -1.76 7.64 -8.50
CA SER D 232 -1.13 6.55 -9.25
C SER D 232 -0.61 6.98 -10.63
N SER D 233 0.01 8.16 -10.68
CA SER D 233 0.42 8.76 -11.95
C SER D 233 1.90 8.50 -12.22
N MET D 234 2.18 8.06 -13.45
CA MET D 234 3.49 7.53 -13.82
C MET D 234 4.46 8.58 -14.39
N ASP D 235 4.68 9.66 -13.66
CA ASP D 235 5.80 10.55 -13.97
C ASP D 235 6.94 10.16 -13.02
N ASP D 236 6.78 9.01 -12.38
CA ASP D 236 7.83 8.44 -11.55
C ASP D 236 9.03 8.08 -12.42
N GLU D 237 10.23 8.16 -11.84
CA GLU D 237 11.47 7.98 -12.59
C GLU D 237 11.99 6.56 -12.46
N SER D 238 12.48 6.03 -13.58
CA SER D 238 13.20 4.75 -13.63
C SER D 238 12.28 3.53 -13.58
N LYS D 239 11.02 3.75 -13.23
CA LYS D 239 10.02 2.68 -13.29
C LYS D 239 9.45 2.58 -14.70
N TYR D 240 9.29 3.73 -15.34
CA TYR D 240 8.65 3.82 -16.65
C TYR D 240 9.58 4.41 -17.71
N GLY D 241 10.66 5.05 -17.27
CA GLY D 241 11.56 5.74 -18.18
C GLY D 241 10.90 6.96 -18.77
N GLU D 242 11.57 7.60 -19.72
CA GLU D 242 11.05 8.83 -20.32
C GLU D 242 10.07 8.51 -21.45
N VAL D 243 9.31 9.54 -21.83
CA VAL D 243 8.39 9.43 -22.96
C VAL D 243 9.14 9.74 -24.26
N PHE D 244 9.10 8.79 -25.19
CA PHE D 244 9.79 8.93 -26.47
C PHE D 244 8.83 9.36 -27.58
N PHE D 245 7.53 9.15 -27.36
CA PHE D 245 6.52 9.58 -28.32
C PHE D 245 5.18 9.85 -27.65
N ARG D 246 4.46 10.85 -28.14
CA ARG D 246 3.14 11.18 -27.62
C ARG D 246 2.21 11.72 -28.70
N MET D 247 0.99 11.16 -28.72
CA MET D 247 -0.09 11.70 -29.53
C MET D 247 -1.25 12.06 -28.62
N GLY D 248 -1.39 13.35 -28.34
CA GLY D 248 -2.42 13.82 -27.42
C GLY D 248 -3.80 13.73 -28.03
N PHE D 249 -4.81 13.67 -27.17
CA PHE D 249 -6.19 13.64 -27.62
C PHE D 249 -6.51 14.93 -28.36
N GLY D 250 -6.16 16.06 -27.74
CA GLY D 250 -6.32 17.35 -28.37
C GLY D 250 -5.47 17.45 -29.62
N GLN D 251 -4.29 16.85 -29.55
CA GLN D 251 -3.38 16.80 -30.70
C GLN D 251 -3.98 15.94 -31.83
N ALA D 252 -4.83 14.99 -31.47
CA ALA D 252 -5.45 14.08 -32.43
C ALA D 252 -6.62 14.74 -33.14
N VAL D 253 -7.47 15.41 -32.36
CA VAL D 253 -8.64 16.10 -32.91
C VAL D 253 -8.24 17.09 -34.00
N SER D 254 -7.08 17.71 -33.83
CA SER D 254 -6.59 18.72 -34.77
C SER D 254 -6.47 18.20 -36.20
N ARG D 255 -6.02 16.96 -36.36
CA ARG D 255 -5.73 16.41 -37.67
C ARG D 255 -6.88 15.56 -38.22
N ASP D 256 -8.09 15.83 -37.75
CA ASP D 256 -9.27 15.10 -38.19
C ASP D 256 -9.24 13.65 -37.73
N ILE D 257 -8.23 13.27 -36.93
CA ILE D 257 -8.03 11.88 -36.55
C ILE D 257 -9.09 11.43 -35.55
N LEU D 258 -9.41 12.30 -34.60
CA LEU D 258 -10.46 12.01 -33.62
C LEU D 258 -11.60 13.02 -33.65
N THR D 259 -12.71 12.63 -33.02
CA THR D 259 -13.88 13.50 -32.87
C THR D 259 -13.95 14.02 -31.42
N ASP D 260 -14.00 15.33 -31.26
CA ASP D 260 -13.99 15.95 -29.93
C ASP D 260 -15.28 15.68 -29.16
N TYR D 261 -15.13 15.45 -27.87
CA TYR D 261 -16.25 15.19 -26.96
C TYR D 261 -16.96 16.47 -26.52
N LYS D 262 -18.14 16.31 -25.94
CA LYS D 262 -18.91 17.43 -25.37
C LYS D 262 -19.68 16.98 -24.14
N VAL D 263 -19.29 17.49 -22.97
CA VAL D 263 -19.86 17.07 -21.69
C VAL D 263 -21.07 17.91 -21.27
N MET D 264 -22.28 17.44 -21.57
CA MET D 264 -23.48 18.21 -21.24
C MET D 264 -24.10 17.71 -19.92
N VAL D 265 -23.85 18.47 -18.85
CA VAL D 265 -24.40 18.15 -17.54
C VAL D 265 -25.84 18.67 -17.43
N ARG D 295 -33.96 11.04 -14.23
CA ARG D 295 -32.96 10.43 -15.11
C ARG D 295 -33.53 10.23 -16.51
N ILE D 296 -34.78 9.79 -16.59
CA ILE D 296 -35.44 9.56 -17.87
C ILE D 296 -35.59 10.86 -18.63
N VAL D 297 -36.03 11.91 -17.93
CA VAL D 297 -36.18 13.23 -18.53
C VAL D 297 -34.83 13.77 -18.97
N GLY D 298 -33.79 13.43 -18.24
CA GLY D 298 -32.44 13.84 -18.56
C GLY D 298 -31.95 13.20 -19.85
N ILE D 299 -32.23 11.91 -19.99
CA ILE D 299 -31.86 11.16 -21.19
C ILE D 299 -32.53 11.76 -22.43
N TRP D 300 -33.84 11.98 -22.33
CA TRP D 300 -34.62 12.53 -23.43
C TRP D 300 -34.10 13.89 -23.87
N ASN D 301 -33.96 14.81 -22.93
CA ASN D 301 -33.45 16.14 -23.21
C ASN D 301 -31.99 16.09 -23.66
N GLY D 302 -31.26 15.10 -23.16
CA GLY D 302 -29.87 14.93 -23.54
C GLY D 302 -29.73 14.46 -24.98
N MET D 303 -30.55 13.50 -25.37
CA MET D 303 -30.52 12.97 -26.74
C MET D 303 -31.09 13.99 -27.71
N MET D 304 -31.92 14.89 -27.21
CA MET D 304 -32.43 16.01 -28.00
C MET D 304 -31.46 17.19 -27.91
N ARG D 305 -31.65 18.18 -28.79
CA ARG D 305 -30.80 19.36 -28.82
C ARG D 305 -31.55 20.59 -28.31
N ARG D 306 -32.24 20.43 -27.17
CA ARG D 306 -33.01 21.51 -26.57
C ARG D 306 -32.11 22.48 -25.83
N ARG D 325 -27.75 6.91 -31.56
CA ARG D 325 -27.25 5.78 -30.77
C ARG D 325 -26.61 6.26 -29.49
N ALA D 326 -26.78 5.49 -28.42
CA ALA D 326 -26.21 5.84 -27.12
C ALA D 326 -26.14 4.61 -26.20
N ILE D 327 -25.34 4.72 -25.14
CA ILE D 327 -25.21 3.67 -24.14
C ILE D 327 -25.30 4.26 -22.74
N ALA D 328 -26.30 3.83 -21.98
CA ALA D 328 -26.47 4.31 -20.61
C ALA D 328 -25.70 3.41 -19.64
N PHE D 329 -25.25 4.00 -18.54
CA PHE D 329 -24.55 3.25 -17.49
C PHE D 329 -25.19 3.53 -16.14
N THR D 330 -25.47 2.47 -15.38
CA THR D 330 -26.18 2.58 -14.11
C THR D 330 -25.60 1.67 -13.04
N ARG D 331 -26.13 1.79 -11.82
CA ARG D 331 -25.60 1.08 -10.66
C ARG D 331 -25.82 -0.43 -10.71
N THR D 332 -26.94 -0.85 -11.29
CA THR D 332 -27.31 -2.26 -11.33
C THR D 332 -28.23 -2.61 -12.49
N ILE D 333 -28.36 -3.90 -12.75
CA ILE D 333 -29.32 -4.40 -13.73
C ILE D 333 -30.74 -4.04 -13.25
N GLU D 334 -30.88 -3.85 -11.94
CA GLU D 334 -32.14 -3.39 -11.35
C GLU D 334 -32.39 -1.92 -11.68
N GLU D 335 -31.34 -1.12 -11.59
CA GLU D 335 -31.39 0.30 -11.96
C GLU D 335 -31.55 0.46 -13.46
N SER D 336 -30.80 -0.33 -14.20
CA SER D 336 -30.85 -0.33 -15.65
C SER D 336 -32.22 -0.76 -16.16
N LYS D 337 -32.65 -1.94 -15.78
CA LYS D 337 -33.89 -2.51 -16.30
C LYS D 337 -35.10 -1.67 -15.90
N LYS D 338 -35.08 -1.10 -14.70
CA LYS D 338 -36.18 -0.28 -14.21
C LYS D 338 -36.45 0.90 -15.15
N VAL D 339 -35.37 1.58 -15.55
CA VAL D 339 -35.47 2.75 -16.41
C VAL D 339 -35.90 2.37 -17.83
N SER D 340 -35.26 1.34 -18.38
CA SER D 340 -35.50 0.93 -19.77
C SER D 340 -36.93 0.44 -19.99
N SER D 341 -37.45 -0.33 -19.04
CA SER D 341 -38.76 -0.94 -19.19
C SER D 341 -39.88 0.10 -19.25
N GLN D 342 -39.82 1.09 -18.36
CA GLN D 342 -40.86 2.11 -18.26
C GLN D 342 -40.52 3.36 -19.06
N PHE D 343 -39.37 3.36 -19.73
CA PHE D 343 -38.87 4.53 -20.45
C PHE D 343 -39.89 5.10 -21.45
N GLU D 344 -40.44 4.24 -22.29
CA GLU D 344 -41.38 4.67 -23.32
C GLU D 344 -42.69 5.19 -22.71
N GLU D 345 -43.06 4.65 -21.55
CA GLU D 345 -44.28 5.05 -20.86
C GLU D 345 -44.09 6.39 -20.14
N VAL D 346 -42.94 6.54 -19.48
CA VAL D 346 -42.63 7.76 -18.73
C VAL D 346 -42.48 8.96 -19.66
N VAL D 347 -41.75 8.77 -20.76
CA VAL D 347 -41.43 9.87 -21.66
C VAL D 347 -42.69 10.43 -22.34
N ASN D 348 -43.68 9.58 -22.53
CA ASN D 348 -44.93 9.98 -23.18
C ASN D 348 -45.70 11.01 -22.35
N GLU D 349 -45.70 10.82 -21.04
CA GLU D 349 -46.39 11.73 -20.12
C GLU D 349 -45.68 13.08 -20.07
N TYR D 350 -44.37 13.07 -20.34
CA TYR D 350 -43.58 14.29 -20.34
C TYR D 350 -43.86 15.13 -21.58
N LEU D 362 -37.70 7.51 -29.24
CA LEU D 362 -36.51 6.72 -28.95
C LEU D 362 -36.85 5.47 -28.14
N SER D 363 -36.14 4.38 -28.41
CA SER D 363 -36.35 3.12 -27.70
C SER D 363 -35.16 2.80 -26.81
N MET D 364 -35.42 2.10 -25.71
CA MET D 364 -34.38 1.74 -24.75
C MET D 364 -34.30 0.24 -24.52
N ARG D 365 -33.11 -0.24 -24.22
CA ARG D 365 -32.89 -1.65 -23.90
C ARG D 365 -32.01 -1.76 -22.66
N HIS D 366 -32.06 -2.92 -22.00
CA HIS D 366 -31.27 -3.16 -20.80
C HIS D 366 -30.41 -4.41 -20.93
N ASN D 372 -25.76 -14.39 -22.45
CA ASN D 372 -24.60 -15.02 -23.08
C ASN D 372 -23.86 -14.05 -24.00
N ALA D 373 -22.78 -14.53 -24.60
CA ALA D 373 -21.99 -13.72 -25.52
C ALA D 373 -22.74 -13.49 -26.82
N LEU D 374 -23.62 -14.43 -27.18
CA LEU D 374 -24.40 -14.34 -28.41
C LEU D 374 -25.45 -13.23 -28.30
N GLN D 375 -26.06 -13.13 -27.13
CA GLN D 375 -27.04 -12.08 -26.87
C GLN D 375 -26.38 -10.72 -26.81
N LYS D 376 -25.17 -10.68 -26.23
CA LYS D 376 -24.40 -9.45 -26.14
C LYS D 376 -24.09 -8.91 -27.53
N GLY D 377 -23.69 -9.80 -28.43
CA GLY D 377 -23.41 -9.43 -29.80
C GLY D 377 -24.67 -9.05 -30.56
N GLU D 378 -25.80 -9.59 -30.12
CA GLU D 378 -27.09 -9.30 -30.76
C GLU D 378 -27.55 -7.88 -30.44
N ILE D 379 -27.46 -7.50 -29.16
CA ILE D 379 -27.88 -6.18 -28.72
C ILE D 379 -26.98 -5.10 -29.31
N LEU D 380 -25.68 -5.37 -29.37
CA LEU D 380 -24.72 -4.43 -29.92
C LEU D 380 -24.99 -4.17 -31.40
N ASP D 381 -25.31 -5.23 -32.12
CA ASP D 381 -25.62 -5.12 -33.55
C ASP D 381 -26.93 -4.36 -33.76
N TRP D 382 -27.86 -4.54 -32.84
CA TRP D 382 -29.15 -3.85 -32.92
C TRP D 382 -28.96 -2.34 -32.78
N LEU D 383 -28.02 -1.94 -31.93
CA LEU D 383 -27.76 -0.53 -31.66
C LEU D 383 -26.96 0.12 -32.79
N ALA D 384 -26.02 -0.62 -33.35
CA ALA D 384 -25.09 -0.07 -34.35
C ALA D 384 -25.57 -0.29 -35.78
N ASP D 385 -26.79 -0.79 -35.94
CA ASP D 385 -27.31 -1.14 -37.26
C ASP D 385 -27.50 0.11 -38.13
N PRO D 386 -26.80 0.17 -39.28
CA PRO D 386 -27.03 1.28 -40.23
C PRO D 386 -28.23 1.01 -41.15
N ASN D 387 -29.28 0.41 -40.59
CA ASN D 387 -30.53 0.18 -41.31
C ASN D 387 -31.68 0.85 -40.58
N LYS D 388 -31.54 0.95 -39.25
CA LYS D 388 -32.53 1.60 -38.39
C LYS D 388 -33.00 2.92 -38.99
N PRO D 389 -34.32 3.13 -39.05
CA PRO D 389 -34.87 4.27 -39.80
C PRO D 389 -34.62 5.61 -39.11
N ALA D 390 -34.81 6.69 -39.86
CA ALA D 390 -34.85 8.02 -39.27
C ALA D 390 -36.00 8.08 -38.27
N ASP D 391 -35.96 9.06 -37.38
CA ASP D 391 -36.94 9.15 -36.29
C ASP D 391 -36.89 7.90 -35.43
N ILE D 395 -31.07 3.43 -27.53
CA ILE D 395 -30.23 3.38 -26.35
C ILE D 395 -30.21 1.97 -25.76
N VAL D 396 -29.09 1.63 -25.12
CA VAL D 396 -28.92 0.31 -24.53
C VAL D 396 -28.00 0.43 -23.32
N SER D 397 -28.46 -0.07 -22.18
CA SER D 397 -27.68 0.01 -20.95
C SER D 397 -26.40 -0.82 -21.02
N ASP D 407 -16.16 -2.10 -31.11
CA ASP D 407 -16.13 -0.67 -31.40
C ASP D 407 -17.18 -0.30 -32.46
N ILE D 408 -18.01 0.68 -32.12
CA ILE D 408 -19.06 1.17 -33.02
C ILE D 408 -18.92 2.68 -33.21
N PRO D 409 -18.22 3.10 -34.30
CA PRO D 409 -17.93 4.52 -34.53
C PRO D 409 -19.17 5.43 -34.51
N THR D 410 -20.33 4.88 -34.85
CA THR D 410 -21.54 5.69 -34.97
C THR D 410 -22.15 6.05 -33.62
N LEU D 411 -21.58 5.48 -32.55
CA LEU D 411 -22.05 5.75 -31.19
C LEU D 411 -22.04 7.25 -30.90
N ASP D 412 -23.22 7.81 -30.66
CA ASP D 412 -23.37 9.26 -30.52
C ASP D 412 -23.03 9.74 -29.10
N ALA D 413 -23.42 8.97 -28.09
CA ALA D 413 -23.25 9.42 -26.71
C ALA D 413 -23.06 8.25 -25.74
N VAL D 414 -22.69 8.59 -24.51
CA VAL D 414 -22.51 7.60 -23.46
C VAL D 414 -23.04 8.15 -22.15
N ILE D 415 -23.98 7.44 -21.54
CA ILE D 415 -24.72 7.95 -20.38
C ILE D 415 -24.32 7.39 -19.02
N PHE D 416 -24.09 8.29 -18.08
CA PHE D 416 -23.84 7.90 -16.70
C PHE D 416 -24.99 8.37 -15.82
N LEU D 417 -25.87 7.44 -15.49
CA LEU D 417 -27.07 7.74 -14.75
C LEU D 417 -26.79 7.77 -13.25
N SER D 418 -25.82 6.97 -12.82
CA SER D 418 -25.51 6.83 -11.40
C SER D 418 -24.01 6.66 -11.18
N PRO D 419 -23.52 6.97 -9.97
CA PRO D 419 -22.10 6.80 -9.69
C PRO D 419 -21.68 5.33 -9.72
N LYS D 420 -20.40 5.07 -9.97
CA LYS D 420 -19.90 3.72 -10.10
C LYS D 420 -18.83 3.42 -9.05
N LYS D 421 -18.65 2.14 -8.75
CA LYS D 421 -17.65 1.71 -7.77
C LYS D 421 -16.24 1.83 -8.36
N SER D 422 -16.06 1.29 -9.56
CA SER D 422 -14.76 1.30 -10.22
C SER D 422 -14.55 2.56 -11.05
N GLN D 423 -13.48 3.29 -10.76
CA GLN D 423 -13.14 4.49 -11.52
C GLN D 423 -12.58 4.11 -12.89
N VAL D 424 -11.95 2.94 -12.97
CA VAL D 424 -11.42 2.44 -14.22
C VAL D 424 -12.55 2.17 -15.21
N ASP D 425 -13.70 1.74 -14.69
CA ASP D 425 -14.87 1.47 -15.51
C ASP D 425 -15.35 2.74 -16.20
N ILE D 426 -15.23 3.86 -15.50
CA ILE D 426 -15.63 5.16 -16.05
C ILE D 426 -14.69 5.57 -17.18
N VAL D 427 -13.41 5.34 -16.98
CA VAL D 427 -12.40 5.68 -17.99
C VAL D 427 -12.66 4.91 -19.28
N GLN D 428 -12.95 3.62 -19.15
CA GLN D 428 -13.22 2.77 -20.30
C GLN D 428 -14.48 3.24 -21.04
N ALA D 429 -15.51 3.59 -20.27
CA ALA D 429 -16.78 4.04 -20.83
C ALA D 429 -16.60 5.30 -21.67
N VAL D 430 -15.80 6.24 -21.16
CA VAL D 430 -15.55 7.48 -21.85
C VAL D 430 -14.81 7.26 -23.16
N GLY D 431 -13.93 6.25 -23.19
CA GLY D 431 -13.12 5.97 -24.35
C GLY D 431 -13.89 5.36 -25.51
N ARG D 432 -15.07 4.83 -25.23
CA ARG D 432 -15.85 4.12 -26.24
C ARG D 432 -16.40 5.05 -27.33
N ILE D 433 -16.47 6.35 -27.04
CA ILE D 433 -17.12 7.31 -27.92
C ILE D 433 -16.14 8.15 -28.74
N MET D 434 -14.87 7.78 -28.72
CA MET D 434 -13.82 8.59 -29.36
C MET D 434 -13.75 8.38 -30.88
N ARG D 435 -14.19 7.23 -31.35
CA ARG D 435 -14.05 6.87 -32.76
C ARG D 435 -14.69 7.88 -33.70
N LYS D 436 -14.08 8.04 -34.87
CA LYS D 436 -14.58 8.96 -35.89
C LYS D 436 -15.69 8.32 -36.71
N ASP D 441 -19.63 16.60 -36.74
CA ASP D 441 -20.05 15.55 -35.82
C ASP D 441 -19.21 15.57 -34.55
N TYR D 442 -19.86 15.38 -33.40
CA TYR D 442 -19.22 15.47 -32.10
C TYR D 442 -19.53 14.24 -31.24
N GLY D 443 -18.61 13.93 -30.33
CA GLY D 443 -18.87 12.94 -29.29
C GLY D 443 -19.68 13.59 -28.18
N TYR D 444 -20.30 12.77 -27.34
CA TYR D 444 -21.17 13.29 -26.29
C TYR D 444 -21.07 12.46 -25.02
N ILE D 445 -21.04 13.19 -23.90
CA ILE D 445 -21.09 12.59 -22.57
C ILE D 445 -22.10 13.36 -21.71
N ILE D 446 -23.32 12.81 -21.64
CA ILE D 446 -24.44 13.44 -20.92
C ILE D 446 -24.50 12.96 -19.46
N LEU D 447 -24.83 13.88 -18.57
CA LEU D 447 -24.86 13.60 -17.13
C LEU D 447 -26.19 14.04 -16.50
N PRO D 448 -27.22 13.19 -16.62
CA PRO D 448 -28.47 13.39 -15.87
C PRO D 448 -28.22 13.65 -14.38
N ILE D 449 -28.79 14.73 -13.85
CA ILE D 449 -28.64 15.07 -12.45
C ILE D 449 -29.86 15.87 -11.96
N VAL D 450 -30.33 15.54 -10.76
CA VAL D 450 -31.49 16.22 -10.19
C VAL D 450 -31.06 17.13 -9.04
N ILE D 451 -31.59 18.35 -9.06
CA ILE D 451 -31.27 19.34 -8.03
C ILE D 451 -32.30 19.34 -6.91
N ASN D 463 -24.16 17.13 -0.99
CA ASN D 463 -24.65 15.78 -1.28
C ASN D 463 -23.79 15.07 -2.31
N ASN D 464 -23.14 14.00 -1.89
CA ASN D 464 -22.23 13.24 -2.75
C ASN D 464 -22.94 12.23 -3.64
N LYS D 465 -24.22 12.00 -3.36
CA LYS D 465 -25.01 11.03 -4.11
C LYS D 465 -25.01 11.32 -5.61
N ASN D 466 -25.58 12.47 -5.98
CA ASN D 466 -25.66 12.85 -7.38
C ASN D 466 -24.41 13.58 -7.85
N TYR D 467 -23.68 14.16 -6.91
CA TYR D 467 -22.47 14.94 -7.23
C TYR D 467 -21.30 14.06 -7.65
N GLU D 468 -21.26 12.84 -7.13
CA GLU D 468 -20.14 11.92 -7.33
C GLU D 468 -19.95 11.52 -8.80
N THR D 469 -21.07 11.37 -9.52
CA THR D 469 -21.05 11.03 -10.95
C THR D 469 -20.22 12.01 -11.77
N VAL D 470 -20.75 13.21 -11.93
CA VAL D 470 -20.09 14.28 -12.68
C VAL D 470 -18.63 14.43 -12.28
N TRP D 471 -18.37 14.37 -10.98
CA TRP D 471 -17.01 14.49 -10.47
C TRP D 471 -16.09 13.42 -11.06
N GLN D 472 -16.58 12.19 -11.17
CA GLN D 472 -15.75 11.10 -11.66
C GLN D 472 -15.60 11.18 -13.18
N VAL D 473 -16.60 11.72 -13.86
CA VAL D 473 -16.50 11.97 -15.29
C VAL D 473 -15.40 13.00 -15.53
N ILE D 474 -15.49 14.11 -14.80
CA ILE D 474 -14.47 15.15 -14.83
C ILE D 474 -13.07 14.58 -14.68
N ASN D 475 -12.89 13.67 -13.72
CA ASN D 475 -11.58 13.09 -13.45
C ASN D 475 -11.13 12.10 -14.52
N ALA D 476 -12.08 11.44 -15.17
CA ALA D 476 -11.79 10.61 -16.33
C ALA D 476 -11.20 11.47 -17.44
N LEU D 477 -11.86 12.59 -17.69
CA LEU D 477 -11.44 13.56 -18.71
C LEU D 477 -10.09 14.18 -18.35
N ARG D 478 -9.85 14.38 -17.06
CA ARG D 478 -8.58 14.90 -16.58
C ARG D 478 -7.46 13.94 -16.99
N SER D 479 -7.75 12.65 -16.87
CA SER D 479 -6.83 11.59 -17.24
C SER D 479 -6.67 11.56 -18.76
N VAL D 480 -7.80 11.65 -19.48
CA VAL D 480 -7.81 11.51 -20.94
C VAL D 480 -7.15 12.68 -21.68
N ASP D 481 -7.66 13.88 -21.44
CA ASP D 481 -7.36 15.04 -22.30
C ASP D 481 -6.36 15.99 -21.63
N GLU D 482 -5.42 16.49 -22.44
CA GLU D 482 -4.39 17.44 -22.01
C GLU D 482 -4.89 18.88 -21.97
N ARG D 483 -6.04 19.12 -22.61
CA ARG D 483 -6.64 20.45 -22.68
C ARG D 483 -7.65 20.70 -21.58
N PHE D 484 -7.94 19.67 -20.78
CA PHE D 484 -9.04 19.75 -19.83
C PHE D 484 -8.77 20.77 -18.72
N GLU D 485 -7.56 20.72 -18.16
CA GLU D 485 -7.15 21.70 -17.15
C GLU D 485 -7.33 23.11 -17.68
N ALA D 486 -7.08 23.28 -18.97
CA ALA D 486 -7.23 24.57 -19.61
C ALA D 486 -8.70 24.91 -19.81
N MET D 487 -9.54 23.89 -20.01
CA MET D 487 -10.97 24.09 -20.20
C MET D 487 -11.60 24.63 -18.91
N ILE D 488 -11.02 24.26 -17.78
CA ILE D 488 -11.53 24.68 -16.48
C ILE D 488 -11.11 26.11 -16.14
N ASP D 489 -9.82 26.39 -16.28
CA ASP D 489 -9.31 27.74 -16.06
C ASP D 489 -10.01 28.73 -16.99
N LYS D 490 -10.39 28.25 -18.17
CA LYS D 490 -11.08 29.07 -19.16
C LYS D 490 -12.52 29.38 -18.75
N LEU D 491 -13.13 28.43 -18.04
CA LEU D 491 -14.53 28.55 -17.60
C LEU D 491 -14.78 29.81 -16.78
N ASN D 492 -13.70 30.40 -16.26
CA ASN D 492 -13.81 31.64 -15.50
C ASN D 492 -14.33 32.80 -16.34
N MET D 493 -13.73 33.02 -17.50
CA MET D 493 -13.99 34.23 -18.28
C MET D 493 -14.90 33.98 -19.50
N ALA D 494 -15.22 32.72 -19.78
CA ALA D 494 -16.03 32.38 -20.96
C ALA D 494 -16.67 30.99 -20.92
N LYS D 495 -17.58 30.74 -21.87
CA LYS D 495 -18.23 29.44 -22.01
C LYS D 495 -17.83 28.70 -23.30
N GLN D 498 -16.92 23.07 -24.84
CA GLN D 498 -17.07 21.63 -24.86
C GLN D 498 -18.24 21.20 -23.99
N LEU D 499 -18.27 21.70 -22.76
CA LEU D 499 -19.26 21.29 -21.77
C LEU D 499 -20.36 22.34 -21.62
N LYS D 500 -21.59 21.86 -21.49
CA LYS D 500 -22.78 22.71 -21.39
C LYS D 500 -23.67 22.31 -20.20
N VAL D 501 -23.68 23.17 -19.19
CA VAL D 501 -24.51 22.97 -17.99
C VAL D 501 -25.94 23.50 -18.15
N TRP D 531 -31.78 31.03 -12.22
CA TRP D 531 -31.22 29.99 -13.08
C TRP D 531 -29.74 30.22 -13.34
N ASN D 532 -29.41 31.36 -13.94
CA ASN D 532 -28.02 31.69 -14.28
C ASN D 532 -27.15 31.68 -13.03
N LYS D 533 -27.77 31.95 -11.88
CA LYS D 533 -27.11 31.81 -10.59
C LYS D 533 -26.74 30.36 -10.33
N PHE D 534 -27.60 29.46 -10.79
CA PHE D 534 -27.37 28.03 -10.65
C PHE D 534 -26.25 27.58 -11.59
N GLU D 535 -26.27 28.09 -12.82
CA GLU D 535 -25.19 27.83 -13.78
C GLU D 535 -23.86 28.23 -13.19
N GLY D 536 -23.78 29.46 -12.69
CA GLY D 536 -22.55 30.00 -12.13
C GLY D 536 -22.07 29.24 -10.89
N ALA D 537 -23.01 28.93 -9.99
CA ALA D 537 -22.67 28.22 -8.76
C ALA D 537 -22.13 26.84 -9.07
N ILE D 538 -22.74 26.18 -10.05
CA ILE D 538 -22.31 24.85 -10.48
C ILE D 538 -20.89 24.89 -11.05
N PHE D 539 -20.63 25.87 -11.92
CA PHE D 539 -19.33 26.00 -12.55
C PHE D 539 -18.24 26.36 -11.55
N GLY D 540 -18.53 27.34 -10.70
CA GLY D 540 -17.58 27.80 -9.71
C GLY D 540 -17.12 26.71 -8.75
N LYS D 541 -18.07 25.89 -8.31
CA LYS D 541 -17.77 24.76 -7.42
C LYS D 541 -16.75 23.82 -8.07
N ILE D 542 -16.87 23.67 -9.39
CA ILE D 542 -15.93 22.87 -10.17
C ILE D 542 -14.51 23.43 -10.08
N VAL D 543 -14.36 24.72 -10.38
CA VAL D 543 -13.05 25.36 -10.43
C VAL D 543 -12.39 25.37 -9.04
N GLN D 544 -13.21 25.46 -8.00
CA GLN D 544 -12.70 25.47 -6.63
C GLN D 544 -12.05 24.14 -6.25
N LYS D 545 -12.68 23.04 -6.66
CA LYS D 545 -12.22 21.71 -6.28
C LYS D 545 -11.36 21.08 -7.37
N VAL D 546 -11.78 21.23 -8.63
CA VAL D 546 -10.99 20.73 -9.76
C VAL D 546 -9.73 21.57 -9.93
N GLY D 547 -8.86 21.53 -8.92
CA GLY D 547 -7.67 22.35 -8.88
C GLY D 547 -6.55 21.71 -8.09
N ASP D 548 -5.73 22.55 -7.47
CA ASP D 548 -4.50 22.10 -6.81
C ASP D 548 -3.52 21.51 -7.84
N ARG D 549 -3.82 21.74 -9.11
CA ARG D 549 -3.01 21.22 -10.22
C ARG D 549 -3.13 22.13 -11.45
N LYS D 550 -2.01 22.69 -11.87
CA LYS D 550 -1.89 23.48 -13.09
C LYS D 550 -0.83 22.87 -14.00
N TYR D 551 -0.89 23.19 -15.29
CA TYR D 551 -0.02 22.58 -16.28
C TYR D 551 1.11 23.53 -16.67
N LEU D 552 0.75 24.78 -16.95
CA LEU D 552 1.67 25.82 -17.41
C LEU D 552 2.97 25.88 -16.62
N GLU D 553 2.88 25.65 -15.32
CA GLU D 553 3.99 25.91 -14.42
C GLU D 553 5.14 24.94 -14.65
N ASN D 554 4.83 23.64 -14.62
CA ASN D 554 5.84 22.61 -14.75
C ASN D 554 6.18 22.26 -16.20
N TRP D 555 5.64 23.03 -17.14
CA TRP D 555 5.99 22.87 -18.55
C TRP D 555 7.33 23.51 -18.85
N SER D 556 7.81 24.32 -17.93
CA SER D 556 9.12 24.96 -18.06
C SER D 556 10.25 23.93 -18.12
N LYS D 557 9.99 22.75 -17.56
CA LYS D 557 11.00 21.69 -17.50
C LYS D 557 11.50 21.31 -18.89
N ASP D 558 10.57 21.22 -19.84
CA ASP D 558 10.91 20.78 -21.19
C ASP D 558 11.42 21.93 -22.06
N VAL D 559 11.17 23.17 -21.65
CA VAL D 559 11.66 24.32 -22.40
C VAL D 559 13.18 24.37 -22.36
N ALA D 560 13.75 24.05 -21.21
CA ALA D 560 15.20 24.07 -21.03
C ALA D 560 15.89 23.11 -22.00
N LYS D 561 15.54 21.83 -21.91
CA LYS D 561 16.14 20.80 -22.75
C LYS D 561 16.08 21.16 -24.23
N ILE D 562 14.93 21.67 -24.66
CA ILE D 562 14.76 22.12 -26.03
C ILE D 562 15.75 23.23 -26.36
N ALA D 563 15.67 24.33 -25.60
CA ALA D 563 16.52 25.49 -25.82
C ALA D 563 18.00 25.12 -25.78
N GLU D 564 18.35 24.19 -24.91
CA GLU D 564 19.74 23.74 -24.78
C GLU D 564 20.28 23.20 -26.10
N ARG D 565 19.47 22.40 -26.80
CA ARG D 565 19.89 21.79 -28.07
C ARG D 565 20.11 22.84 -29.15
N GLN D 566 19.16 23.77 -29.27
CA GLN D 566 19.17 24.75 -30.36
C GLN D 566 20.40 25.63 -30.25
N ILE D 567 20.70 26.08 -29.03
CA ILE D 567 21.88 26.90 -28.77
C ILE D 567 23.16 26.11 -29.08
N ASN D 568 23.24 24.88 -28.59
CA ASN D 568 24.39 24.03 -28.83
C ASN D 568 24.61 23.79 -30.32
N TRP D 569 23.52 23.56 -31.03
CA TRP D 569 23.56 23.38 -32.49
C TRP D 569 24.18 24.59 -33.17
N ILE D 570 23.71 25.78 -32.78
CA ILE D 570 24.23 27.03 -33.33
C ILE D 570 25.73 27.14 -33.04
N LYS D 571 26.11 26.92 -31.78
CA LYS D 571 27.50 27.06 -31.35
C LYS D 571 28.46 26.23 -32.21
N ASN D 572 27.97 25.09 -32.71
CA ASN D 572 28.78 24.19 -33.52
C ASN D 572 28.81 24.59 -34.99
N LYS D 573 27.75 25.24 -35.46
CA LYS D 573 27.76 25.78 -36.81
C LYS D 573 28.67 27.00 -36.87
N LEU D 574 28.78 27.70 -35.74
CA LEU D 574 29.68 28.85 -35.61
C LEU D 574 31.14 28.42 -35.46
N SER D 575 31.36 27.12 -35.27
CA SER D 575 32.71 26.56 -35.15
C SER D 575 33.49 26.80 -36.44
N ASP D 576 32.80 26.72 -37.57
CA ASP D 576 33.43 26.81 -38.88
C ASP D 576 34.05 28.20 -39.10
N LYS D 577 33.28 29.25 -38.84
CA LYS D 577 33.66 30.62 -39.16
C LYS D 577 33.62 30.88 -40.67
N LYS D 578 34.21 29.98 -41.44
CA LYS D 578 34.21 30.07 -42.91
C LYS D 578 32.82 29.80 -43.51
N ASP D 579 32.10 28.84 -42.93
CA ASP D 579 30.77 28.45 -43.41
C ASP D 579 29.91 29.71 -43.60
N PRO D 580 29.16 29.81 -44.72
CA PRO D 580 28.35 31.01 -45.01
C PRO D 580 27.20 31.22 -44.01
N ILE D 581 26.59 30.15 -43.53
CA ILE D 581 25.49 30.27 -42.57
C ILE D 581 25.97 30.93 -41.28
N SER D 582 27.21 30.63 -40.90
CA SER D 582 27.81 31.24 -39.73
C SER D 582 28.11 32.71 -39.98
N LEU D 583 28.37 33.06 -41.24
CA LEU D 583 28.53 34.46 -41.61
C LEU D 583 27.18 35.17 -41.57
N GLU D 584 26.12 34.44 -41.94
CA GLU D 584 24.78 34.99 -41.89
C GLU D 584 24.38 35.29 -40.45
N PHE D 585 24.73 34.38 -39.54
CA PHE D 585 24.41 34.56 -38.14
C PHE D 585 25.22 35.70 -37.54
N LYS D 586 26.52 35.71 -37.83
CA LYS D 586 27.40 36.79 -37.38
C LYS D 586 26.91 38.14 -37.92
N LYS D 587 26.34 38.09 -39.12
CA LYS D 587 25.76 39.27 -39.74
C LYS D 587 24.44 39.62 -39.05
N PHE D 588 23.82 38.61 -38.44
CA PHE D 588 22.58 38.77 -37.69
C PHE D 588 22.86 39.21 -36.25
N VAL D 589 24.00 38.78 -35.72
CA VAL D 589 24.40 39.21 -34.38
C VAL D 589 24.71 40.71 -34.38
N SER D 590 25.49 41.15 -35.35
CA SER D 590 25.89 42.55 -35.43
C SER D 590 24.68 43.46 -35.64
N SER D 591 23.60 42.87 -36.15
CA SER D 591 22.35 43.61 -36.32
C SER D 591 21.72 43.89 -34.95
N LEU D 592 21.67 42.87 -34.10
CA LEU D 592 21.20 43.04 -32.74
C LEU D 592 22.07 44.05 -32.02
N GLN D 593 23.38 43.96 -32.22
CA GLN D 593 24.31 44.89 -31.61
C GLN D 593 24.07 46.30 -32.12
N HIS D 594 23.70 46.41 -33.39
CA HIS D 594 23.41 47.71 -33.98
C HIS D 594 22.09 48.25 -33.44
N ASN D 595 21.17 47.35 -33.14
CA ASN D 595 19.84 47.73 -32.69
C ASN D 595 19.66 47.73 -31.18
N ILE D 596 20.60 47.14 -30.45
CA ILE D 596 20.51 47.07 -29.00
C ILE D 596 21.85 47.39 -28.32
N ASN D 597 22.72 46.39 -28.19
CA ASN D 597 23.94 46.55 -27.42
C ASN D 597 25.12 45.77 -28.00
N ASP D 598 26.31 46.38 -27.95
CA ASP D 598 27.54 45.65 -28.22
C ASP D 598 27.73 44.57 -27.15
N SER D 599 27.02 44.70 -26.04
CA SER D 599 27.06 43.75 -24.94
C SER D 599 26.44 42.40 -25.31
N ILE D 600 25.79 42.32 -26.47
CA ILE D 600 25.14 41.10 -26.90
C ILE D 600 26.13 40.14 -27.57
N ASP D 601 26.36 39.00 -26.94
CA ASP D 601 27.21 37.96 -27.51
C ASP D 601 26.48 37.21 -28.59
N GLU D 602 27.18 36.30 -29.26
CA GLU D 602 26.51 35.35 -30.14
C GLU D 602 25.82 34.30 -29.28
N LYS D 603 26.26 34.18 -28.03
CA LYS D 603 25.57 33.35 -27.05
C LYS D 603 24.20 33.93 -26.74
N GLN D 604 24.16 35.22 -26.36
CA GLN D 604 22.89 35.89 -26.07
C GLN D 604 22.03 35.95 -27.32
N ALA D 605 22.66 36.23 -28.46
CA ALA D 605 21.96 36.29 -29.73
C ALA D 605 21.25 34.98 -30.01
N ALA D 606 21.89 33.87 -29.65
CA ALA D 606 21.29 32.56 -29.82
C ALA D 606 20.15 32.36 -28.83
N GLU D 607 20.38 32.74 -27.57
CA GLU D 607 19.37 32.61 -26.53
C GLU D 607 18.10 33.36 -26.92
N MET D 608 18.25 34.58 -27.43
CA MET D 608 17.11 35.36 -27.88
C MET D 608 16.36 34.62 -28.99
N LEU D 609 17.11 34.02 -29.90
CA LEU D 609 16.53 33.27 -31.00
C LEU D 609 15.77 32.04 -30.48
N SER D 610 16.26 31.46 -29.39
CA SER D 610 15.61 30.31 -28.78
C SER D 610 14.28 30.71 -28.17
N GLN D 611 14.23 31.90 -27.56
CA GLN D 611 12.99 32.38 -26.98
C GLN D 611 11.96 32.65 -28.06
N HIS D 612 12.43 33.18 -29.19
CA HIS D 612 11.54 33.47 -30.32
C HIS D 612 10.88 32.20 -30.84
N LEU D 613 11.70 31.17 -31.08
CA LEU D 613 11.21 29.91 -31.62
C LEU D 613 10.21 29.23 -30.67
N ILE D 614 10.51 29.26 -29.37
CA ILE D 614 9.65 28.66 -28.36
C ILE D 614 8.30 29.37 -28.22
N THR D 615 8.35 30.70 -28.18
CA THR D 615 7.17 31.50 -27.87
C THR D 615 6.32 31.82 -29.09
N LYS D 616 6.92 31.79 -30.27
CA LYS D 616 6.22 32.17 -31.49
C LYS D 616 4.91 31.39 -31.69
N PRO D 617 4.92 30.07 -31.44
CA PRO D 617 3.67 29.32 -31.49
C PRO D 617 2.60 29.83 -30.52
N ILE D 618 3.02 30.31 -29.35
CA ILE D 618 2.08 30.77 -28.34
C ILE D 618 1.33 32.01 -28.82
N PHE D 619 2.07 33.00 -29.29
CA PHE D 619 1.45 34.22 -29.80
C PHE D 619 0.53 33.91 -30.98
N GLU D 620 0.94 32.93 -31.79
CA GLU D 620 0.12 32.45 -32.90
C GLU D 620 -1.15 31.80 -32.37
N ALA D 621 -0.98 30.87 -31.44
CA ALA D 621 -2.10 30.12 -30.89
C ALA D 621 -2.99 31.02 -30.04
N LEU D 622 -2.37 31.86 -29.22
CA LEU D 622 -3.10 32.72 -28.29
C LEU D 622 -4.04 33.64 -29.06
N PHE D 623 -3.49 34.40 -30.00
CA PHE D 623 -4.27 35.31 -30.83
C PHE D 623 -4.51 34.73 -32.22
N SER D 624 -5.51 33.84 -32.33
CA SER D 624 -5.87 33.23 -33.59
C SER D 624 -6.55 34.30 -34.45
N GLU D 625 -6.46 34.14 -35.78
CA GLU D 625 -7.00 35.07 -36.78
C GLU D 625 -6.28 36.44 -36.72
N TYR D 626 -5.53 36.68 -35.65
CA TYR D 626 -4.55 37.74 -35.61
C TYR D 626 -3.22 37.23 -36.18
N SER D 627 -2.91 37.61 -37.41
CA SER D 627 -1.59 37.35 -37.95
C SER D 627 -0.63 38.42 -37.44
N PHE D 628 -0.35 38.38 -36.14
CA PHE D 628 0.56 39.33 -35.50
C PHE D 628 1.97 39.13 -36.03
N VAL D 629 2.34 37.87 -36.13
CA VAL D 629 3.70 37.47 -36.41
C VAL D 629 4.25 37.99 -37.75
N ASN D 630 3.67 37.51 -38.85
CA ASN D 630 4.16 37.83 -40.19
C ASN D 630 4.26 39.34 -40.43
N GLN D 631 3.42 40.11 -39.74
CA GLN D 631 3.40 41.57 -39.90
C GLN D 631 4.38 42.27 -38.94
N ASN D 632 4.80 41.58 -37.89
CA ASN D 632 5.73 42.17 -36.93
C ASN D 632 7.17 42.15 -37.47
N PRO D 633 7.81 43.34 -37.55
CA PRO D 633 9.14 43.41 -38.18
C PRO D 633 10.23 42.63 -37.46
N VAL D 634 10.13 42.49 -36.15
CA VAL D 634 11.11 41.71 -35.40
C VAL D 634 10.95 40.24 -35.76
N SER D 635 9.72 39.73 -35.67
CA SER D 635 9.42 38.35 -36.04
C SER D 635 9.86 38.09 -37.48
N GLN D 636 9.59 39.04 -38.37
CA GLN D 636 10.04 38.96 -39.75
C GLN D 636 11.53 38.68 -39.83
N ALA D 637 12.30 39.40 -39.02
CA ALA D 637 13.75 39.31 -39.05
C ALA D 637 14.28 38.08 -38.32
N MET D 638 13.58 37.69 -37.24
CA MET D 638 13.96 36.49 -36.51
C MET D 638 13.81 35.28 -37.42
N GLU D 639 12.76 35.27 -38.21
CA GLU D 639 12.49 34.15 -39.10
C GLU D 639 13.46 34.11 -40.27
N SER D 640 13.95 35.27 -40.68
CA SER D 640 14.90 35.35 -41.78
C SER D 640 16.12 34.49 -41.48
N ILE D 641 16.74 34.70 -40.31
CA ILE D 641 17.94 33.97 -39.96
C ILE D 641 17.62 32.52 -39.61
N VAL D 642 16.38 32.25 -39.20
CA VAL D 642 15.95 30.88 -38.90
C VAL D 642 15.96 30.04 -40.18
N SER D 643 15.48 30.62 -41.27
CA SER D 643 15.44 29.92 -42.56
C SER D 643 16.85 29.59 -43.03
N GLU D 644 17.79 30.52 -42.81
CA GLU D 644 19.18 30.29 -43.19
C GLU D 644 19.81 29.21 -42.35
N LEU D 645 19.38 29.09 -41.10
CA LEU D 645 19.80 27.98 -40.24
C LEU D 645 19.14 26.70 -40.74
N GLU D 646 17.94 26.83 -41.29
CA GLU D 646 17.21 25.70 -41.86
C GLU D 646 17.67 25.40 -43.29
N LYS D 647 18.45 26.30 -43.87
CA LYS D 647 19.13 26.03 -45.13
C LYS D 647 20.14 24.92 -44.88
N ALA D 648 20.83 25.02 -43.74
CA ALA D 648 21.61 23.90 -43.19
C ALA D 648 20.66 22.96 -42.44
N GLY D 649 21.20 21.98 -41.71
CA GLY D 649 20.37 21.00 -41.02
C GLY D 649 19.93 21.42 -39.62
N PHE D 650 19.07 22.43 -39.55
CA PHE D 650 18.52 22.90 -38.27
C PHE D 650 17.04 22.57 -38.18
N ALA D 651 16.69 21.87 -37.10
CA ALA D 651 15.30 21.58 -36.78
C ALA D 651 14.89 22.44 -35.59
N LYS D 652 13.69 23.00 -35.67
CA LYS D 652 13.08 23.71 -34.55
C LYS D 652 13.13 22.85 -33.29
N GLU D 653 12.97 21.55 -33.51
CA GLU D 653 13.26 20.52 -32.51
C GLU D 653 12.50 20.73 -31.20
N GLN D 654 11.23 21.08 -31.33
CA GLN D 654 10.36 21.32 -30.17
C GLN D 654 8.93 20.79 -30.40
N GLU D 655 8.83 19.55 -30.85
CA GLU D 655 7.53 18.88 -31.01
C GLU D 655 7.01 18.39 -29.65
N ASN D 656 7.79 18.65 -28.59
CA ASN D 656 7.45 18.17 -27.26
C ASN D 656 6.57 19.15 -26.49
N LEU D 657 6.35 20.33 -27.06
CA LEU D 657 5.58 21.38 -26.40
C LEU D 657 4.15 21.48 -26.94
N GLU D 658 3.76 20.53 -27.79
CA GLU D 658 2.47 20.60 -28.46
C GLU D 658 1.27 20.64 -27.50
N PRO D 659 1.34 19.89 -26.39
CA PRO D 659 0.23 19.98 -25.42
C PRO D 659 0.02 21.40 -24.92
N LEU D 660 1.12 22.10 -24.63
CA LEU D 660 1.05 23.50 -24.19
C LEU D 660 0.46 24.37 -25.30
N TYR D 661 0.92 24.16 -26.53
CA TYR D 661 0.49 24.98 -27.66
C TYR D 661 -1.00 24.79 -27.94
N GLU D 662 -1.45 23.55 -28.01
CA GLU D 662 -2.85 23.26 -28.23
C GLU D 662 -3.70 23.71 -27.03
N SER D 663 -3.05 23.89 -25.89
CA SER D 663 -3.74 24.34 -24.68
C SER D 663 -3.94 25.85 -24.68
N VAL D 664 -2.90 26.59 -25.06
CA VAL D 664 -3.02 28.03 -25.21
C VAL D 664 -4.01 28.34 -26.33
N ARG D 665 -3.93 27.54 -27.39
CA ARG D 665 -4.87 27.64 -28.51
C ARG D 665 -6.30 27.41 -28.03
N MET D 666 -6.44 26.73 -26.89
CA MET D 666 -7.74 26.45 -26.29
C MET D 666 -8.17 27.50 -25.28
N ARG D 667 -7.27 27.83 -24.35
CA ARG D 667 -7.56 28.84 -23.32
C ARG D 667 -8.04 30.17 -23.92
N ALA D 668 -7.57 30.46 -25.13
CA ALA D 668 -7.90 31.69 -25.83
C ALA D 668 -8.92 31.46 -26.94
N GLU D 669 -9.39 30.23 -27.05
CA GLU D 669 -10.43 29.90 -28.02
C GLU D 669 -11.72 30.62 -27.63
N GLY D 670 -12.31 31.33 -28.59
CA GLY D 670 -13.58 32.00 -28.37
C GLY D 670 -13.67 32.88 -27.13
N ILE D 671 -12.56 33.48 -26.71
CA ILE D 671 -12.62 34.48 -25.65
C ILE D 671 -12.75 35.84 -26.35
N GLU D 672 -13.80 36.57 -25.99
CA GLU D 672 -14.10 37.87 -26.60
C GLU D 672 -12.93 38.82 -26.46
N LYS D 673 -12.70 39.61 -27.50
CA LYS D 673 -11.61 40.60 -27.51
C LYS D 673 -11.69 41.46 -26.25
N ALA D 674 -10.68 41.33 -25.39
CA ALA D 674 -10.69 41.97 -24.09
C ALA D 674 -9.29 42.07 -23.49
N GLU D 675 -9.19 42.74 -22.34
CA GLU D 675 -7.95 42.79 -21.58
C GLU D 675 -7.66 41.42 -20.97
N ASP D 676 -8.66 40.54 -21.00
CA ASP D 676 -8.50 39.18 -20.51
C ASP D 676 -7.35 38.47 -21.20
N LYS D 677 -7.04 38.88 -22.44
CA LYS D 677 -5.86 38.39 -23.12
C LYS D 677 -4.62 38.74 -22.32
N GLN D 678 -4.61 39.95 -21.78
CA GLN D 678 -3.53 40.39 -20.91
C GLN D 678 -3.48 39.51 -19.67
N LYS D 679 -4.63 39.32 -19.02
CA LYS D 679 -4.73 38.44 -17.85
C LYS D 679 -4.17 37.05 -18.14
N ILE D 680 -4.48 36.52 -19.33
CA ILE D 680 -3.91 35.26 -19.76
C ILE D 680 -2.38 35.34 -19.75
N ILE D 681 -1.86 36.47 -20.23
CA ILE D 681 -0.42 36.63 -20.36
C ILE D 681 0.27 36.80 -19.01
N VAL D 682 -0.40 37.43 -18.04
CA VAL D 682 0.17 37.56 -16.70
C VAL D 682 0.26 36.17 -16.07
N THR D 683 -0.77 35.35 -16.28
CA THR D 683 -0.72 33.97 -15.83
C THR D 683 0.37 33.22 -16.59
N LEU D 684 0.42 33.43 -17.90
CA LEU D 684 1.47 32.83 -18.72
C LEU D 684 2.84 33.21 -18.16
N TYR D 685 3.02 34.48 -17.82
CA TYR D 685 4.30 34.93 -17.29
C TYR D 685 4.61 34.25 -15.96
N ASP D 686 3.67 34.31 -15.03
CA ASP D 686 3.87 33.78 -13.69
C ASP D 686 4.20 32.29 -13.71
N LYS D 687 3.41 31.52 -14.45
CA LYS D 687 3.59 30.08 -14.51
C LYS D 687 4.74 29.68 -15.44
N PHE D 688 4.69 30.18 -16.68
CA PHE D 688 5.52 29.65 -17.76
C PHE D 688 6.81 30.45 -18.01
N PHE D 689 6.68 31.69 -18.47
CA PHE D 689 7.84 32.49 -18.88
C PHE D 689 8.87 32.64 -17.76
N LYS D 690 8.43 33.14 -16.61
CA LYS D 690 9.30 33.41 -15.48
C LYS D 690 10.16 32.21 -15.12
N THR D 691 9.57 31.02 -15.23
CA THR D 691 10.26 29.78 -14.88
C THR D 691 11.16 29.29 -16.01
N ALA D 692 10.62 29.32 -17.23
CA ALA D 692 11.26 28.69 -18.38
C ALA D 692 12.52 29.41 -18.86
N PHE D 693 12.56 30.73 -18.68
CA PHE D 693 13.69 31.53 -19.11
C PHE D 693 14.31 32.29 -17.93
N ILE D 702 11.61 41.63 -14.11
CA ILE D 702 10.49 42.33 -14.72
C ILE D 702 9.50 42.80 -13.65
N VAL D 703 8.97 44.00 -13.86
CA VAL D 703 8.02 44.61 -12.95
C VAL D 703 6.75 45.01 -13.68
N PHE D 704 5.61 44.76 -13.03
CA PHE D 704 4.34 45.27 -13.50
C PHE D 704 3.99 46.52 -12.73
N THR D 705 3.80 47.62 -13.42
CA THR D 705 3.40 48.87 -12.78
C THR D 705 1.91 48.80 -12.47
N PRO D 706 1.52 49.01 -11.19
CA PRO D 706 0.09 48.98 -10.88
C PRO D 706 -0.72 50.02 -11.64
N ILE D 707 -1.90 49.62 -12.11
CA ILE D 707 -2.79 50.49 -12.88
C ILE D 707 -3.04 51.83 -12.19
N GLU D 708 -3.23 51.79 -10.87
CA GLU D 708 -3.51 53.00 -10.10
C GLU D 708 -2.42 54.05 -10.29
N VAL D 709 -1.19 53.58 -10.46
CA VAL D 709 -0.07 54.47 -10.67
C VAL D 709 -0.02 54.97 -12.10
N VAL D 710 -0.23 54.06 -13.06
CA VAL D 710 -0.17 54.39 -14.47
C VAL D 710 -1.25 55.40 -14.85
N ASP D 711 -2.49 55.11 -14.48
CA ASP D 711 -3.62 55.99 -14.79
C ASP D 711 -3.42 57.38 -14.16
N PHE D 712 -2.81 57.41 -12.99
CA PHE D 712 -2.55 58.67 -12.31
C PHE D 712 -1.61 59.54 -13.15
N ILE D 713 -0.71 58.90 -13.89
CA ILE D 713 0.25 59.62 -14.71
C ILE D 713 -0.37 60.06 -16.03
N VAL D 714 -1.11 59.16 -16.68
CA VAL D 714 -1.76 59.48 -17.94
C VAL D 714 -2.71 60.66 -17.77
N HIS D 715 -3.58 60.60 -16.75
CA HIS D 715 -4.52 61.70 -16.49
C HIS D 715 -3.80 63.01 -16.21
N SER D 716 -2.81 62.95 -15.32
CA SER D 716 -2.09 64.15 -14.89
C SER D 716 -1.30 64.78 -16.03
N VAL D 717 -0.76 63.97 -16.93
CA VAL D 717 -0.06 64.50 -18.09
C VAL D 717 -1.06 65.23 -19.00
N ASP D 718 -2.21 64.60 -19.20
CA ASP D 718 -3.28 65.18 -20.02
C ASP D 718 -3.77 66.49 -19.41
N ASP D 719 -4.00 66.48 -18.10
CA ASP D 719 -4.48 67.67 -17.40
C ASP D 719 -3.43 68.77 -17.40
N VAL D 720 -2.16 68.36 -17.50
CA VAL D 720 -1.06 69.32 -17.54
C VAL D 720 -0.94 69.93 -18.93
N LEU D 721 -1.11 69.10 -19.96
CA LEU D 721 -1.08 69.59 -21.33
C LEU D 721 -2.18 70.62 -21.54
N LYS D 722 -3.31 70.41 -20.87
CA LYS D 722 -4.43 71.34 -20.94
C LYS D 722 -4.14 72.63 -20.18
N LYS D 723 -3.82 72.48 -18.90
CA LYS D 723 -3.61 73.61 -17.99
C LYS D 723 -2.58 74.61 -18.50
N HIS D 724 -1.49 74.10 -19.08
CA HIS D 724 -0.36 74.95 -19.45
C HIS D 724 -0.27 75.26 -20.93
N PHE D 725 -0.38 74.23 -21.76
CA PHE D 725 -0.16 74.38 -23.19
C PHE D 725 -1.44 74.51 -24.00
N GLY D 726 -2.59 74.39 -23.32
CA GLY D 726 -3.87 74.48 -24.00
C GLY D 726 -4.08 73.36 -25.02
N LYS D 727 -3.26 72.32 -24.92
CA LYS D 727 -3.36 71.15 -25.79
C LYS D 727 -3.73 69.94 -24.93
N SER D 728 -3.60 68.74 -25.48
CA SER D 728 -3.92 67.53 -24.75
C SER D 728 -3.27 66.32 -25.41
N LEU D 729 -3.38 65.17 -24.78
CA LEU D 729 -2.76 63.95 -25.28
C LEU D 729 -3.27 63.60 -26.67
N ALA D 730 -4.44 64.12 -27.03
CA ALA D 730 -5.07 63.79 -28.30
C ALA D 730 -4.80 64.85 -29.36
N SER D 731 -4.37 66.03 -28.92
CA SER D 731 -4.07 67.11 -29.85
C SER D 731 -3.08 66.64 -30.92
N LYS D 732 -3.25 67.12 -32.14
CA LYS D 732 -2.36 66.75 -33.22
C LYS D 732 -0.98 67.34 -32.96
N ASP D 733 0.05 66.69 -33.49
CA ASP D 733 1.44 67.11 -33.30
C ASP D 733 1.87 67.04 -31.83
N VAL D 734 1.15 66.26 -31.04
CA VAL D 734 1.56 65.94 -29.67
C VAL D 734 2.05 64.50 -29.63
N HIS D 735 3.36 64.33 -29.74
CA HIS D 735 3.96 63.01 -29.81
C HIS D 735 4.36 62.51 -28.42
N ILE D 736 3.93 61.30 -28.12
CA ILE D 736 4.12 60.71 -26.80
C ILE D 736 5.09 59.53 -26.90
N LEU D 737 6.05 59.49 -26.00
CA LEU D 737 7.09 58.46 -26.02
C LEU D 737 7.18 57.72 -24.69
N ASP D 738 7.08 56.40 -24.76
CA ASP D 738 7.41 55.53 -23.64
C ASP D 738 8.75 54.87 -23.93
N PRO D 739 9.85 55.44 -23.39
CA PRO D 739 11.16 54.90 -23.77
C PRO D 739 11.42 53.50 -23.22
N PHE D 740 10.61 53.08 -22.25
CA PHE D 740 10.74 51.75 -21.64
C PHE D 740 9.34 51.20 -21.40
N THR D 741 8.76 50.64 -22.47
CA THR D 741 7.34 50.33 -22.48
C THR D 741 7.01 49.04 -21.76
N GLY D 742 8.03 48.24 -21.48
CA GLY D 742 7.84 46.96 -20.82
C GLY D 742 6.85 46.09 -21.58
N THR D 743 5.75 45.75 -20.93
CA THR D 743 4.69 44.99 -21.57
C THR D 743 3.62 45.91 -22.19
N GLY D 744 3.94 47.20 -22.28
CA GLY D 744 3.10 48.15 -22.98
C GLY D 744 1.99 48.77 -22.15
N THR D 745 2.13 48.71 -20.83
CA THR D 745 1.09 49.22 -19.92
C THR D 745 0.73 50.69 -20.18
N PHE D 746 1.74 51.55 -20.25
CA PHE D 746 1.51 52.99 -20.36
C PHE D 746 0.85 53.41 -21.67
N ILE D 747 1.19 52.74 -22.76
CA ILE D 747 0.55 53.02 -24.05
C ILE D 747 -0.88 52.51 -24.03
N VAL D 748 -1.06 51.31 -23.49
CA VAL D 748 -2.38 50.70 -23.37
C VAL D 748 -3.34 51.58 -22.58
N ARG D 749 -2.90 52.05 -21.42
CA ARG D 749 -3.76 52.89 -20.58
C ARG D 749 -4.03 54.25 -21.22
N THR D 750 -3.05 54.78 -21.95
CA THR D 750 -3.24 56.01 -22.70
C THR D 750 -4.35 55.81 -23.74
N LEU D 751 -4.37 54.64 -24.37
CA LEU D 751 -5.38 54.33 -25.37
C LEU D 751 -6.77 54.20 -24.76
N THR D 752 -6.85 53.63 -23.56
CA THR D 752 -8.14 53.46 -22.89
C THR D 752 -8.62 54.79 -22.31
N TYR D 753 -7.69 55.67 -21.98
CA TYR D 753 -8.05 57.01 -21.52
C TYR D 753 -8.70 57.77 -22.66
N LEU D 754 -8.10 57.67 -23.84
CA LEU D 754 -8.65 58.31 -25.04
C LEU D 754 -10.02 57.73 -25.38
N LYS D 755 -10.19 56.43 -25.20
CA LYS D 755 -11.47 55.77 -25.44
C LYS D 755 -12.55 56.35 -24.52
N GLU D 756 -12.18 56.60 -23.27
CA GLU D 756 -13.10 57.18 -22.29
C GLU D 756 -13.49 58.61 -22.69
N GLN D 757 -12.52 59.35 -23.21
CA GLN D 757 -12.76 60.71 -23.68
C GLN D 757 -13.65 60.70 -24.92
N MET D 758 -13.76 59.53 -25.56
CA MET D 758 -14.63 59.37 -26.72
C MET D 758 -16.10 59.13 -26.35
N ASP D 759 -16.33 58.31 -25.33
CA ASP D 759 -17.69 58.07 -24.84
C ASP D 759 -18.23 59.32 -24.17
N ALA D 760 -17.33 60.24 -23.84
CA ALA D 760 -17.69 61.47 -23.14
C ALA D 760 -17.88 62.65 -24.10
N GLY D 761 -17.63 62.44 -25.39
CA GLY D 761 -17.86 63.48 -26.38
C GLY D 761 -16.69 64.40 -26.66
N GLU D 762 -15.61 64.25 -25.89
CA GLU D 762 -14.46 65.15 -26.00
C GLU D 762 -13.66 64.91 -27.26
N ILE D 763 -13.70 63.67 -27.75
CA ILE D 763 -12.81 63.24 -28.82
C ILE D 763 -13.59 62.66 -30.00
N SER D 764 -12.84 62.24 -31.01
CA SER D 764 -13.37 61.39 -32.07
C SER D 764 -12.42 60.21 -32.31
N LEU D 765 -12.96 59.14 -32.86
CA LEU D 765 -12.18 57.93 -33.14
C LEU D 765 -11.01 58.22 -34.08
N SER D 766 -11.20 59.19 -34.98
CA SER D 766 -10.16 59.57 -35.93
C SER D 766 -8.90 60.04 -35.22
N ASP D 767 -9.08 60.79 -34.14
CA ASP D 767 -7.95 61.28 -33.35
C ASP D 767 -7.22 60.12 -32.68
N ILE D 768 -7.98 59.15 -32.16
CA ILE D 768 -7.40 57.98 -31.53
C ILE D 768 -6.61 57.19 -32.57
N THR D 769 -7.19 57.04 -33.75
CA THR D 769 -6.53 56.33 -34.83
C THR D 769 -5.27 57.08 -35.26
N ARG D 770 -5.33 58.41 -35.20
CA ARG D 770 -4.19 59.25 -35.54
C ARG D 770 -3.08 59.06 -34.51
N LYS D 771 -3.46 58.93 -33.24
CA LYS D 771 -2.49 58.69 -32.19
C LYS D 771 -1.81 57.33 -32.36
N PHE D 772 -2.63 56.30 -32.51
CA PHE D 772 -2.13 54.94 -32.65
C PHE D 772 -1.27 54.77 -33.90
N MET D 773 -1.53 55.57 -34.92
CA MET D 773 -0.87 55.39 -36.21
C MET D 773 0.46 56.13 -36.35
N LYS D 774 0.59 57.30 -35.72
CA LYS D 774 1.75 58.15 -35.95
C LYS D 774 2.32 58.85 -34.71
N GLU D 775 1.45 59.25 -33.79
CA GLU D 775 1.88 60.11 -32.67
C GLU D 775 2.10 59.37 -31.35
N LEU D 776 2.06 58.03 -31.39
CA LEU D 776 2.40 57.21 -30.23
C LEU D 776 3.67 56.39 -30.49
N HIS D 777 4.56 56.37 -29.50
CA HIS D 777 5.88 55.74 -29.65
C HIS D 777 6.27 54.95 -28.41
N ALA D 778 6.99 53.85 -28.62
CA ALA D 778 7.37 52.96 -27.52
C ALA D 778 8.67 52.20 -27.83
N ASN D 779 9.51 52.04 -26.81
CA ASN D 779 10.75 51.28 -26.94
C ASN D 779 10.92 50.27 -25.80
N GLU D 780 11.54 49.13 -26.09
CA GLU D 780 11.87 48.14 -25.08
C GLU D 780 13.07 47.30 -25.53
N ILE D 781 13.90 46.91 -24.56
CA ILE D 781 15.09 46.10 -24.86
C ILE D 781 14.76 44.61 -24.88
N VAL D 782 13.96 44.17 -23.92
CA VAL D 782 13.65 42.75 -23.80
C VAL D 782 12.72 42.29 -24.93
N LEU D 783 13.14 41.24 -25.63
CA LEU D 783 12.39 40.70 -26.76
C LEU D 783 10.99 40.26 -26.34
N LEU D 784 10.90 39.50 -25.26
CA LEU D 784 9.62 38.94 -24.84
C LEU D 784 8.66 40.05 -24.43
N SER D 785 9.20 41.10 -23.81
CA SER D 785 8.39 42.24 -23.42
C SER D 785 7.96 43.04 -24.64
N TYR D 786 8.84 43.10 -25.64
CA TYR D 786 8.54 43.79 -26.89
C TYR D 786 7.35 43.15 -27.58
N TYR D 787 7.33 41.81 -27.61
CA TYR D 787 6.25 41.08 -28.27
C TYR D 787 4.91 41.29 -27.54
N ILE D 788 4.91 41.14 -26.23
CA ILE D 788 3.69 41.30 -25.45
C ILE D 788 3.17 42.72 -25.59
N ALA D 789 4.08 43.69 -25.49
CA ALA D 789 3.71 45.10 -25.62
C ALA D 789 3.07 45.37 -26.97
N ALA D 790 3.69 44.83 -28.04
CA ALA D 790 3.17 45.00 -29.38
C ALA D 790 1.74 44.46 -29.48
N ILE D 791 1.56 43.23 -29.00
CA ILE D 791 0.27 42.57 -29.08
C ILE D 791 -0.80 43.28 -28.25
N ASN D 792 -0.49 43.56 -26.99
CA ASN D 792 -1.44 44.21 -26.10
C ASN D 792 -1.85 45.60 -26.61
N ILE D 793 -0.87 46.38 -27.04
CA ILE D 793 -1.14 47.69 -27.62
C ILE D 793 -2.00 47.54 -28.88
N GLU D 794 -1.68 46.57 -29.71
CA GLU D 794 -2.42 46.33 -30.94
C GLU D 794 -3.82 45.80 -30.66
N ALA D 795 -3.96 45.00 -29.61
CA ALA D 795 -5.22 44.37 -29.29
C ALA D 795 -6.25 45.37 -28.75
N THR D 796 -5.79 46.28 -27.89
CA THR D 796 -6.67 47.27 -27.29
C THR D 796 -7.24 48.20 -28.36
N PHE D 797 -6.44 48.46 -29.40
CA PHE D 797 -6.89 49.35 -30.47
C PHE D 797 -8.04 48.73 -31.25
N ASP D 798 -7.89 47.46 -31.62
CA ASP D 798 -8.93 46.72 -32.34
C ASP D 798 -10.26 46.82 -31.60
N GLU D 799 -10.18 46.76 -30.27
CA GLU D 799 -11.38 46.83 -29.44
C GLU D 799 -11.96 48.25 -29.41
N ILE D 800 -11.08 49.25 -29.45
CA ILE D 800 -11.53 50.64 -29.45
C ILE D 800 -12.22 51.00 -30.77
N ASN D 801 -11.59 50.65 -31.89
CA ASN D 801 -12.23 50.88 -33.19
C ASN D 801 -13.41 49.94 -33.41
N GLY D 802 -13.61 49.02 -32.46
CA GLY D 802 -14.73 48.10 -32.52
C GLY D 802 -14.64 47.19 -33.72
N GLU D 803 -15.65 47.27 -34.59
CA GLU D 803 -15.71 46.45 -35.79
C GLU D 803 -15.41 47.27 -37.05
N GLU D 804 -14.92 48.49 -36.86
CA GLU D 804 -14.57 49.34 -38.00
C GLU D 804 -13.36 48.80 -38.74
N GLU D 805 -12.45 48.15 -38.01
CA GLU D 805 -11.23 47.64 -38.59
C GLU D 805 -10.82 46.30 -38.00
N GLY D 806 -10.15 45.49 -38.80
CA GLY D 806 -9.56 44.25 -38.35
C GLY D 806 -8.23 44.54 -37.67
N TYR D 807 -7.39 43.52 -37.55
CA TYR D 807 -6.09 43.68 -36.91
C TYR D 807 -5.23 44.70 -37.64
N VAL D 808 -4.60 45.59 -36.87
CA VAL D 808 -3.68 46.57 -37.39
C VAL D 808 -2.40 46.59 -36.55
N PRO D 809 -1.24 46.34 -37.18
CA PRO D 809 0.00 46.33 -36.40
C PRO D 809 0.39 47.72 -35.90
N PHE D 810 0.97 47.78 -34.70
CA PHE D 810 1.40 49.04 -34.13
C PHE D 810 2.79 49.39 -34.65
N GLU D 811 2.86 50.49 -35.38
CA GLU D 811 4.09 50.87 -36.08
C GLU D 811 5.01 51.74 -35.21
N GLY D 812 4.55 52.07 -34.01
CA GLY D 812 5.26 52.99 -33.15
C GLY D 812 6.20 52.32 -32.16
N ILE D 813 6.12 51.00 -32.05
CA ILE D 813 6.93 50.26 -31.09
C ILE D 813 8.26 49.82 -31.72
N VAL D 814 9.33 49.92 -30.94
CA VAL D 814 10.68 49.62 -31.43
C VAL D 814 11.44 48.74 -30.45
N LEU D 815 12.30 47.88 -30.98
CA LEU D 815 13.19 47.06 -30.16
C LEU D 815 14.57 47.70 -30.08
N THR D 816 14.79 48.51 -29.04
CA THR D 816 16.06 49.20 -28.88
C THR D 816 16.43 49.46 -27.44
N ASP D 817 17.70 49.81 -27.25
CA ASP D 817 18.19 50.39 -26.00
C ASP D 817 18.22 51.90 -26.22
N THR D 818 17.26 52.61 -25.64
CA THR D 818 17.07 54.02 -25.96
C THR D 818 18.27 54.86 -25.53
N PHE D 819 18.99 54.39 -24.51
CA PHE D 819 20.22 55.06 -24.10
C PHE D 819 21.22 54.98 -25.24
N GLU D 820 21.38 53.80 -25.80
CA GLU D 820 22.29 53.58 -26.93
C GLU D 820 21.89 54.37 -28.17
N SER D 821 20.60 54.62 -28.33
CA SER D 821 20.07 55.26 -29.54
C SER D 821 20.70 56.65 -29.78
N THR D 822 21.12 57.30 -28.70
CA THR D 822 21.71 58.64 -28.78
C THR D 822 23.22 58.63 -28.52
N GLU D 823 23.79 57.45 -28.33
CA GLU D 823 25.21 57.35 -27.99
C GLU D 823 26.12 57.53 -29.19
N THR D 824 25.78 56.87 -30.29
CA THR D 824 26.56 57.00 -31.52
C THR D 824 25.78 56.35 -32.66
N GLU D 825 26.27 56.54 -33.88
CA GLU D 825 25.61 55.98 -35.06
C GLU D 825 26.61 55.41 -36.06
N GLU D 826 26.94 54.12 -35.87
CA GLU D 826 27.65 53.37 -36.89
C GLU D 826 26.63 52.85 -37.89
N THR D 827 27.03 52.68 -39.14
CA THR D 827 26.11 52.24 -40.19
C THR D 827 26.32 50.77 -40.54
N LEU D 828 25.26 49.98 -40.39
CA LEU D 828 25.27 48.58 -40.80
C LEU D 828 24.45 48.41 -42.06
N ASP D 829 24.97 47.61 -43.00
CA ASP D 829 24.26 47.29 -44.22
C ASP D 829 23.78 45.84 -44.17
N ASP D 830 22.76 45.54 -44.95
CA ASP D 830 22.12 44.22 -44.92
C ASP D 830 21.67 43.89 -43.50
N ASP D 831 21.28 44.92 -42.77
CA ASP D 831 20.75 44.77 -41.43
C ASP D 831 19.49 43.91 -41.47
N TYR D 832 19.41 42.94 -40.56
CA TYR D 832 18.22 42.09 -40.44
C TYR D 832 17.05 42.90 -39.90
N PHE D 833 17.33 43.79 -38.97
CA PHE D 833 16.31 44.58 -38.30
C PHE D 833 16.20 45.98 -38.90
N GLY D 834 16.61 46.14 -40.15
CA GLY D 834 16.59 47.42 -40.82
C GLY D 834 15.24 48.10 -40.76
N THR D 835 14.17 47.31 -40.86
CA THR D 835 12.82 47.85 -40.79
C THR D 835 12.51 48.34 -39.37
N ASN D 836 12.95 47.57 -38.38
CA ASN D 836 12.83 47.99 -36.99
C ASN D 836 13.71 49.21 -36.74
N ASP D 837 14.89 49.20 -37.37
CA ASP D 837 15.81 50.31 -37.28
C ASP D 837 15.22 51.55 -37.95
N GLU D 838 14.38 51.32 -38.95
CA GLU D 838 13.75 52.43 -39.67
C GLU D 838 12.78 53.15 -38.75
N ARG D 839 11.98 52.38 -38.00
CA ARG D 839 11.06 52.94 -37.03
C ARG D 839 11.80 53.84 -36.05
N LEU D 840 13.00 53.43 -35.66
CA LEU D 840 13.82 54.20 -34.74
C LEU D 840 14.25 55.51 -35.39
N LYS D 841 14.70 55.42 -36.64
CA LYS D 841 15.12 56.60 -37.39
C LYS D 841 14.02 57.65 -37.46
N ARG D 842 12.82 57.21 -37.83
CA ARG D 842 11.71 58.14 -38.00
C ARG D 842 11.27 58.73 -36.66
N GLN D 843 11.46 57.98 -35.58
CA GLN D 843 11.11 58.47 -34.25
C GLN D 843 11.99 59.64 -33.85
N GLN D 844 13.27 59.55 -34.20
CA GLN D 844 14.25 60.57 -33.81
C GLN D 844 14.07 61.88 -34.58
N GLU D 845 13.27 61.84 -35.64
CA GLU D 845 13.00 63.04 -36.44
C GLU D 845 11.82 63.83 -35.86
N VAL D 846 11.18 63.27 -34.84
CA VAL D 846 9.93 63.82 -34.33
C VAL D 846 10.14 64.65 -33.06
N PRO D 847 9.48 65.82 -32.98
CA PRO D 847 9.46 66.55 -31.70
C PRO D 847 8.56 65.87 -30.68
N ILE D 848 9.14 65.47 -29.56
CA ILE D 848 8.41 64.79 -28.50
C ILE D 848 7.99 65.78 -27.42
N THR D 849 6.70 65.88 -27.16
CA THR D 849 6.18 66.82 -26.17
C THR D 849 5.65 66.10 -24.94
N ALA D 850 5.73 64.78 -24.94
CA ALA D 850 5.31 63.99 -23.78
C ALA D 850 6.12 62.71 -23.67
N ILE D 851 6.74 62.50 -22.51
CA ILE D 851 7.46 61.26 -22.23
C ILE D 851 6.95 60.67 -20.92
N ILE D 852 6.36 59.47 -21.02
CA ILE D 852 5.74 58.81 -19.88
C ILE D 852 6.31 57.41 -19.68
N GLY D 853 6.23 56.89 -18.45
CA GLY D 853 6.61 55.51 -18.19
C GLY D 853 7.25 55.25 -16.84
N ASN D 854 7.72 54.01 -16.70
CA ASN D 854 8.39 53.56 -15.47
C ASN D 854 9.79 53.06 -15.82
N PRO D 855 10.77 53.96 -15.85
CA PRO D 855 12.13 53.60 -16.27
C PRO D 855 12.84 52.67 -15.28
N PRO D 856 13.95 52.05 -15.72
CA PRO D 856 14.69 51.10 -14.89
C PRO D 856 15.39 51.75 -13.70
N TYR D 857 15.45 51.04 -12.58
CA TYR D 857 16.22 51.47 -11.42
C TYR D 857 17.43 50.56 -11.26
N SER D 858 18.63 51.16 -11.31
CA SER D 858 19.87 50.44 -10.99
C SER D 858 21.06 51.40 -10.94
N LYS D 859 21.71 51.48 -9.80
CA LYS D 859 22.95 52.25 -9.67
C LYS D 859 24.15 51.33 -9.66
N GLY D 860 23.90 50.04 -9.78
CA GLY D 860 24.96 49.07 -9.85
C GLY D 860 24.55 47.69 -9.39
N GLN D 861 25.54 46.81 -9.34
CA GLN D 861 25.36 45.48 -8.80
C GLN D 861 25.52 45.53 -7.30
N SER D 862 25.09 44.47 -6.63
CA SER D 862 25.58 44.15 -5.30
C SER D 862 26.52 42.97 -5.50
N ASN D 863 27.53 42.85 -4.65
CA ASN D 863 28.47 41.74 -4.71
C ASN D 863 29.22 41.74 -6.04
N GLU D 864 29.84 40.59 -6.37
CA GLU D 864 30.70 40.47 -7.53
C GLU D 864 30.05 39.56 -8.57
N ASN D 865 28.82 39.91 -8.97
CA ASN D 865 28.21 39.28 -10.13
C ASN D 865 28.89 39.82 -11.39
N ASP D 866 30.10 39.32 -11.62
CA ASP D 866 31.11 39.92 -12.50
C ASP D 866 30.59 40.63 -13.75
N ASN D 867 29.44 40.20 -14.26
CA ASN D 867 28.90 40.72 -15.52
C ASN D 867 27.65 41.59 -15.35
N ASN D 868 27.34 41.98 -14.11
CA ASN D 868 26.09 42.68 -13.81
C ASN D 868 26.26 44.17 -13.50
N LYS D 869 27.38 44.76 -13.92
CA LYS D 869 27.51 46.22 -13.87
C LYS D 869 26.56 46.84 -14.87
N ASN D 870 26.31 48.14 -14.73
CA ASN D 870 25.51 48.87 -15.71
C ASN D 870 26.31 49.11 -16.99
N ILE D 871 25.61 49.25 -18.11
CA ILE D 871 26.27 49.44 -19.40
C ILE D 871 26.93 50.82 -19.43
N GLU D 872 27.83 51.05 -20.38
CA GLU D 872 28.68 52.24 -20.38
C GLU D 872 27.98 53.55 -20.76
N TYR D 873 27.40 53.63 -21.94
CA TYR D 873 26.77 54.88 -22.43
C TYR D 873 27.63 56.13 -22.18
N PRO D 874 28.79 56.23 -22.85
CA PRO D 874 29.74 57.32 -22.62
C PRO D 874 29.17 58.73 -22.85
N ARG D 875 28.44 58.93 -23.93
CA ARG D 875 27.94 60.27 -24.26
C ARG D 875 26.89 60.74 -23.26
N LEU D 876 26.02 59.85 -22.83
CA LEU D 876 24.98 60.19 -21.85
C LEU D 876 25.60 60.54 -20.52
N PHE D 877 26.71 59.87 -20.19
CA PHE D 877 27.44 60.16 -18.95
C PHE D 877 27.99 61.58 -18.94
N LYS D 878 28.36 62.07 -20.12
CA LYS D 878 28.89 63.43 -20.23
C LYS D 878 27.86 64.45 -19.79
N SER D 879 26.63 64.28 -20.24
CA SER D 879 25.54 65.19 -19.89
C SER D 879 25.26 65.15 -18.39
N ILE D 880 25.29 63.96 -17.82
CA ILE D 880 25.13 63.80 -16.38
C ILE D 880 26.22 64.59 -15.67
N ALA D 881 27.47 64.38 -16.10
CA ALA D 881 28.63 65.02 -15.50
C ALA D 881 28.55 66.53 -15.58
N ASP D 882 28.04 67.04 -16.70
CA ASP D 882 28.00 68.48 -16.93
C ASP D 882 26.83 69.17 -16.21
N SER D 883 25.91 68.37 -15.68
CA SER D 883 24.70 68.92 -15.05
C SER D 883 24.60 68.51 -13.58
N TYR D 884 24.11 67.29 -13.34
CA TYR D 884 23.77 66.84 -11.99
C TYR D 884 25.00 66.74 -11.09
N VAL D 885 26.08 66.19 -11.63
CA VAL D 885 27.31 66.04 -10.85
C VAL D 885 27.99 67.39 -10.62
N LYS D 886 28.07 68.19 -11.67
CA LYS D 886 28.75 69.48 -11.61
C LYS D 886 28.08 70.43 -10.61
N ASN D 887 26.77 70.37 -10.52
CA ASN D 887 26.00 71.23 -9.62
C ASN D 887 26.03 70.76 -8.17
N SER D 888 26.71 69.64 -7.94
CA SER D 888 26.71 69.01 -6.61
C SER D 888 27.97 69.36 -5.82
N LYS D 889 27.81 69.47 -4.50
CA LYS D 889 28.95 69.77 -3.63
C LYS D 889 29.52 68.51 -3.00
N THR D 890 28.92 67.37 -3.32
CA THR D 890 29.46 66.09 -2.89
C THR D 890 30.50 65.58 -3.90
N THR D 891 31.40 64.72 -3.44
CA THR D 891 32.42 64.12 -4.29
C THR D 891 32.09 62.66 -4.60
N SER D 892 31.03 62.16 -3.99
CA SER D 892 30.52 60.83 -4.30
C SER D 892 29.14 60.92 -4.92
N VAL D 893 29.05 60.61 -6.21
CA VAL D 893 27.82 60.81 -6.99
C VAL D 893 27.39 59.54 -7.70
N LEU D 894 27.61 58.39 -7.06
CA LEU D 894 27.22 57.10 -7.63
C LEU D 894 25.75 57.08 -8.03
N GLY D 895 24.89 57.64 -7.19
CA GLY D 895 23.46 57.64 -7.44
C GLY D 895 23.04 58.41 -8.68
N MET D 896 23.91 59.28 -9.18
CA MET D 896 23.59 60.11 -10.33
C MET D 896 23.75 59.33 -11.63
N TYR D 897 24.47 58.22 -11.59
CA TYR D 897 24.59 57.34 -12.74
C TYR D 897 23.68 56.13 -12.56
N ASP D 898 22.72 56.26 -11.65
CA ASP D 898 21.66 55.28 -11.51
C ASP D 898 20.81 55.32 -12.77
N SER D 899 20.25 54.17 -13.14
CA SER D 899 19.52 54.06 -14.40
C SER D 899 18.33 55.01 -14.47
N TYR D 900 17.67 55.23 -13.34
CA TYR D 900 16.48 56.07 -13.32
C TYR D 900 16.86 57.55 -13.47
N VAL D 901 18.06 57.90 -13.03
CA VAL D 901 18.56 59.26 -13.20
C VAL D 901 19.03 59.48 -14.64
N LEU D 902 19.70 58.48 -15.20
CA LEU D 902 20.07 58.51 -16.61
C LEU D 902 18.81 58.68 -17.46
N SER D 903 17.74 58.03 -17.02
CA SER D 903 16.47 58.10 -17.71
C SER D 903 15.88 59.51 -17.65
N ILE D 904 15.98 60.13 -16.47
CA ILE D 904 15.56 61.52 -16.32
C ILE D 904 16.40 62.43 -17.22
N ARG D 905 17.71 62.25 -17.19
CA ARG D 905 18.63 63.03 -18.01
C ARG D 905 18.33 62.87 -19.49
N TRP D 906 18.24 61.61 -19.94
CA TRP D 906 17.99 61.32 -21.34
C TRP D 906 16.65 61.89 -21.79
N ALA D 907 15.64 61.76 -20.94
CA ALA D 907 14.29 62.22 -21.27
C ALA D 907 14.23 63.74 -21.35
N SER D 908 14.96 64.40 -20.47
CA SER D 908 15.02 65.85 -20.44
C SER D 908 15.62 66.37 -21.74
N ASN D 909 16.66 65.68 -22.22
CA ASN D 909 17.32 66.06 -23.45
C ASN D 909 16.44 65.78 -24.66
N ARG D 910 15.64 64.72 -24.57
CA ARG D 910 14.80 64.31 -25.69
C ARG D 910 13.56 65.20 -25.81
N LEU D 911 13.12 65.73 -24.67
CA LEU D 911 11.96 66.62 -24.63
C LEU D 911 12.21 67.83 -25.53
N ASN D 912 11.19 68.21 -26.30
CA ASN D 912 11.32 69.29 -27.26
C ASN D 912 11.29 70.68 -26.61
N ASP D 913 11.42 70.72 -25.29
CA ASP D 913 11.44 71.98 -24.56
C ASP D 913 10.08 72.68 -24.61
N LYS D 914 9.06 71.92 -25.00
CA LYS D 914 7.68 72.42 -24.99
C LYS D 914 6.77 71.40 -24.32
N GLY D 915 7.37 70.36 -23.75
CA GLY D 915 6.65 69.18 -23.31
C GLY D 915 6.63 68.89 -21.82
N VAL D 916 6.32 67.62 -21.51
CA VAL D 916 6.15 67.16 -20.13
C VAL D 916 6.79 65.79 -19.94
N ILE D 917 7.28 65.55 -18.73
CA ILE D 917 7.78 64.21 -18.35
C ILE D 917 7.00 63.66 -17.16
N GLY D 918 6.26 62.59 -17.40
CA GLY D 918 5.61 61.84 -16.33
C GLY D 918 6.39 60.56 -16.07
N PHE D 919 6.73 60.31 -14.81
CA PHE D 919 7.52 59.14 -14.45
C PHE D 919 7.08 58.51 -13.14
N VAL D 920 7.25 57.19 -13.05
CA VAL D 920 7.37 56.50 -11.78
C VAL D 920 8.84 56.18 -11.61
N SER D 921 9.44 56.57 -10.50
CA SER D 921 10.87 56.34 -10.33
C SER D 921 11.26 56.22 -8.88
N ASN D 922 12.48 55.73 -8.67
CA ASN D 922 13.10 55.78 -7.37
C ASN D 922 13.01 57.22 -6.86
N GLY D 923 12.38 57.41 -5.71
CA GLY D 923 12.14 58.74 -5.17
C GLY D 923 13.27 59.20 -4.27
N SER D 924 14.42 58.54 -4.39
CA SER D 924 15.61 58.87 -3.61
C SER D 924 16.04 60.33 -3.74
N TYR D 925 15.85 60.88 -4.94
CA TYR D 925 16.42 62.18 -5.28
C TYR D 925 15.76 63.34 -4.52
N ILE D 926 14.54 63.14 -4.05
CA ILE D 926 13.81 64.20 -3.33
C ILE D 926 14.64 64.72 -2.17
N ASP D 927 15.27 63.80 -1.43
CA ASP D 927 16.15 64.19 -0.34
C ASP D 927 17.30 63.20 -0.28
N SER D 928 18.51 63.73 -0.45
CA SER D 928 19.68 62.90 -0.67
C SER D 928 20.91 63.79 -0.73
N GLN D 929 22.06 63.24 -0.35
CA GLN D 929 23.29 64.00 -0.28
C GLN D 929 23.83 64.30 -1.68
N SER D 930 23.66 63.35 -2.58
CA SER D 930 24.24 63.45 -3.93
C SER D 930 23.26 63.97 -4.98
N ALA D 931 22.00 64.11 -4.62
CA ALA D 931 20.97 64.59 -5.55
C ALA D 931 20.72 66.09 -5.40
N ASP D 932 21.59 66.78 -4.69
CA ASP D 932 21.48 68.23 -4.54
C ASP D 932 21.67 68.91 -5.89
N GLY D 933 22.61 68.39 -6.67
CA GLY D 933 22.88 68.93 -7.99
C GLY D 933 21.73 68.63 -8.93
N LEU D 934 21.21 67.42 -8.86
CA LEU D 934 20.06 67.02 -9.68
C LEU D 934 18.88 67.92 -9.37
N ARG D 935 18.63 68.15 -8.09
CA ARG D 935 17.55 69.02 -7.65
C ARG D 935 17.74 70.44 -8.18
N LYS D 936 18.99 70.90 -8.18
CA LYS D 936 19.30 72.25 -8.64
C LYS D 936 19.05 72.36 -10.14
N SER D 937 19.49 71.36 -10.89
CA SER D 937 19.32 71.35 -12.34
C SER D 937 17.84 71.33 -12.71
N LEU D 938 17.07 70.46 -12.06
CA LEU D 938 15.64 70.34 -12.37
C LEU D 938 14.90 71.64 -12.12
N PHE D 939 15.33 72.40 -11.11
CA PHE D 939 14.66 73.63 -10.75
C PHE D 939 14.95 74.74 -11.77
N LYS D 940 16.01 74.54 -12.55
CA LYS D 940 16.33 75.43 -13.66
C LYS D 940 15.73 74.93 -14.97
N GLU D 941 16.01 73.67 -15.29
CA GLU D 941 15.61 73.08 -16.57
C GLU D 941 14.10 72.92 -16.72
N PHE D 942 13.37 72.99 -15.61
CA PHE D 942 11.92 72.84 -15.63
C PHE D 942 11.24 73.96 -14.86
N ASN D 943 10.08 74.37 -15.36
CA ASN D 943 9.35 75.48 -14.77
C ASN D 943 8.48 75.03 -13.62
N HIS D 944 7.70 73.97 -13.86
CA HIS D 944 6.83 73.44 -12.82
C HIS D 944 7.10 71.95 -12.57
N LEU D 945 7.43 71.64 -11.31
CA LEU D 945 7.79 70.30 -10.88
C LEU D 945 6.78 69.77 -9.86
N TYR D 946 6.05 68.74 -10.24
CA TYR D 946 5.06 68.11 -9.36
C TYR D 946 5.63 66.81 -8.81
N ILE D 947 6.16 66.87 -7.59
CA ILE D 947 6.77 65.71 -6.95
C ILE D 947 5.80 65.10 -5.92
N PHE D 948 5.39 63.87 -6.19
CA PHE D 948 4.49 63.13 -5.31
C PHE D 948 5.25 61.98 -4.67
N ASN D 949 5.55 62.10 -3.39
CA ASN D 949 6.35 61.11 -2.68
C ASN D 949 5.48 59.98 -2.11
N LEU D 950 5.59 58.81 -2.73
CA LEU D 950 4.86 57.62 -2.29
C LEU D 950 5.65 56.82 -1.25
N ARG D 951 6.93 57.15 -1.12
CA ARG D 951 7.77 56.57 -0.08
C ARG D 951 7.80 55.04 -0.16
N GLY D 952 7.77 54.37 0.98
CA GLY D 952 7.79 52.92 1.01
C GLY D 952 9.18 52.36 0.84
N ASP D 953 10.16 53.03 1.43
CA ASP D 953 11.55 52.55 1.40
C ASP D 953 11.77 51.53 2.50
N GLN D 954 11.92 50.26 2.10
CA GLN D 954 12.03 49.16 3.06
C GLN D 954 13.47 48.66 3.18
N ARG D 955 14.43 49.51 2.84
CA ARG D 955 15.82 49.28 3.22
C ARG D 955 16.13 50.00 4.53
N THR D 956 15.09 50.51 5.17
CA THR D 956 15.17 51.07 6.50
C THR D 956 14.69 50.04 7.52
N GLN D 957 14.64 50.42 8.80
CA GLN D 957 14.11 49.54 9.83
C GLN D 957 13.70 50.34 11.07
N GLY D 958 12.91 49.73 11.93
CA GLY D 958 12.42 50.38 13.14
C GLY D 958 11.26 51.30 12.85
N GLU D 959 11.23 52.44 13.53
CA GLU D 959 10.17 53.42 13.35
C GLU D 959 10.10 53.88 11.90
N THR D 960 11.27 54.04 11.29
CA THR D 960 11.36 54.51 9.91
C THR D 960 10.66 53.57 8.94
N SER D 961 10.94 52.27 9.07
CA SER D 961 10.36 51.28 8.17
C SER D 961 8.83 51.23 8.27
N ARG D 962 8.32 51.29 9.49
CA ARG D 962 6.89 51.27 9.70
C ARG D 962 6.23 52.52 9.12
N LYS D 963 6.97 53.62 9.13
CA LYS D 963 6.47 54.87 8.57
C LYS D 963 6.42 54.84 7.05
N GLU D 964 7.49 54.31 6.44
CA GLU D 964 7.56 54.20 4.99
C GLU D 964 6.38 53.37 4.47
N GLY D 965 5.99 52.38 5.27
CA GLY D 965 4.79 51.62 4.98
C GLY D 965 4.87 50.78 3.72
N GLY D 966 3.74 50.68 3.04
CA GLY D 966 3.58 49.81 1.88
C GLY D 966 4.51 50.13 0.72
N LYS D 967 4.88 49.08 -0.01
CA LYS D 967 5.72 49.21 -1.18
C LYS D 967 4.86 49.23 -2.44
N ILE D 968 4.92 50.32 -3.20
CA ILE D 968 4.13 50.49 -4.40
C ILE D 968 4.27 49.29 -5.35
N PHE D 969 5.47 48.74 -5.45
CA PHE D 969 5.73 47.63 -6.35
C PHE D 969 5.80 46.28 -5.63
N GLY D 970 5.37 46.26 -4.37
CA GLY D 970 5.37 45.03 -3.61
C GLY D 970 6.76 44.45 -3.42
N SER D 971 6.94 43.20 -3.84
CA SER D 971 8.24 42.54 -3.73
C SER D 971 9.15 42.89 -4.90
N GLY D 972 8.64 43.71 -5.82
CA GLY D 972 9.39 44.08 -7.00
C GLY D 972 10.51 45.06 -6.70
N SER D 973 10.26 45.97 -5.75
CA SER D 973 11.22 47.01 -5.40
C SER D 973 11.14 47.38 -3.94
N ARG D 974 12.26 47.84 -3.38
CA ARG D 974 12.35 48.26 -1.99
C ARG D 974 12.69 49.73 -1.85
N THR D 975 12.95 50.39 -2.98
CA THR D 975 13.36 51.79 -2.98
C THR D 975 12.19 52.72 -2.68
N SER D 976 12.52 53.96 -2.29
CA SER D 976 11.53 55.02 -2.24
C SER D 976 10.93 55.17 -3.63
N ILE D 977 9.61 55.11 -3.74
CA ILE D 977 8.94 55.36 -5.01
C ILE D 977 8.28 56.73 -4.96
N ALA D 978 8.33 57.44 -6.08
CA ALA D 978 7.73 58.76 -6.17
C ALA D 978 7.28 59.04 -7.60
N ILE D 979 6.09 59.61 -7.74
CA ILE D 979 5.60 60.05 -9.03
C ILE D 979 6.08 61.47 -9.25
N SER D 980 6.78 61.68 -10.36
CA SER D 980 7.34 62.98 -10.68
C SER D 980 6.84 63.46 -12.04
N ILE D 981 6.25 64.65 -12.06
CA ILE D 981 5.74 65.24 -13.30
C ILE D 981 6.42 66.58 -13.55
N LEU D 982 7.28 66.60 -14.57
CA LEU D 982 8.11 67.74 -14.88
C LEU D 982 7.61 68.45 -16.14
N VAL D 983 7.24 69.72 -16.00
CA VAL D 983 6.66 70.50 -17.08
C VAL D 983 7.66 71.51 -17.63
N LYS D 984 7.63 71.68 -18.96
CA LYS D 984 8.53 72.60 -19.64
C LYS D 984 7.74 73.59 -20.49
N ASP D 985 7.67 74.83 -20.04
CA ASP D 985 7.05 75.91 -20.82
C ASP D 985 8.09 76.98 -21.13
N ASP D 986 7.68 78.07 -21.76
CA ASP D 986 8.60 79.13 -22.17
C ASP D 986 8.70 80.24 -21.13
N SER D 987 7.97 80.10 -20.02
CA SER D 987 7.96 81.12 -18.98
C SER D 987 9.26 81.08 -18.17
N ASP D 988 9.43 82.07 -17.31
CA ASP D 988 10.58 82.14 -16.41
C ASP D 988 10.19 81.66 -15.02
N ASN D 989 8.94 81.22 -14.87
CA ASN D 989 8.46 80.68 -13.61
C ASN D 989 9.20 79.41 -13.19
N HIS D 990 9.52 79.32 -11.91
CA HIS D 990 10.08 78.10 -11.31
C HIS D 990 9.35 77.80 -9.99
N GLU D 991 8.75 76.61 -9.93
CA GLU D 991 7.76 76.28 -8.91
C GLU D 991 7.73 74.78 -8.62
N VAL D 992 8.01 74.45 -7.36
CA VAL D 992 8.03 73.07 -6.90
C VAL D 992 6.80 72.76 -6.07
N HIS D 993 6.02 71.80 -6.56
CA HIS D 993 4.82 71.33 -5.88
C HIS D 993 5.08 69.94 -5.28
N TYR D 994 5.17 69.88 -3.95
CA TYR D 994 5.52 68.64 -3.25
C TYR D 994 4.35 68.10 -2.44
N HIS D 995 4.26 66.78 -2.35
CA HIS D 995 3.30 66.14 -1.46
C HIS D 995 3.83 64.78 -0.97
N ASP D 996 3.86 64.64 0.36
CA ASP D 996 4.20 63.38 0.99
C ASP D 996 2.91 62.63 1.29
N ILE D 997 2.78 61.42 0.76
CA ILE D 997 1.52 60.68 0.87
C ILE D 997 1.20 60.33 2.32
N GLY D 998 2.23 60.29 3.18
CA GLY D 998 2.04 60.19 4.61
C GLY D 998 2.59 58.91 5.24
N ASP D 999 2.80 58.96 6.55
CA ASP D 999 3.32 57.82 7.30
C ASP D 999 2.32 56.68 7.44
N TYR D 1000 2.85 55.49 7.72
CA TYR D 1000 2.05 54.34 8.15
C TYR D 1000 0.93 53.92 7.19
N LEU D 1001 1.09 54.23 5.90
CA LEU D 1001 0.11 53.79 4.91
C LEU D 1001 0.53 52.45 4.31
N THR D 1002 -0.41 51.52 4.24
CA THR D 1002 -0.16 50.24 3.58
C THR D 1002 -0.09 50.44 2.08
N ARG D 1003 0.27 49.38 1.36
CA ARG D 1003 0.36 49.44 -0.10
C ARG D 1003 -1.02 49.74 -0.69
N ASP D 1004 -2.03 49.02 -0.22
CA ASP D 1004 -3.38 49.20 -0.74
C ASP D 1004 -3.96 50.57 -0.40
N ASP D 1005 -3.59 51.11 0.75
CA ASP D 1005 -4.03 52.43 1.15
C ASP D 1005 -3.50 53.48 0.18
N LYS D 1006 -2.23 53.33 -0.19
CA LYS D 1006 -1.59 54.26 -1.12
C LYS D 1006 -2.23 54.18 -2.50
N LEU D 1007 -2.50 52.95 -2.96
CA LEU D 1007 -3.13 52.75 -4.26
C LEU D 1007 -4.55 53.33 -4.29
N ASP D 1008 -5.23 53.26 -3.15
CA ASP D 1008 -6.58 53.80 -3.03
C ASP D 1008 -6.56 55.32 -3.20
N ILE D 1009 -5.53 55.97 -2.67
CA ILE D 1009 -5.38 57.42 -2.80
C ILE D 1009 -5.18 57.80 -4.26
N LEU D 1010 -4.27 57.10 -4.95
CA LEU D 1010 -4.04 57.32 -6.37
C LEU D 1010 -5.34 57.14 -7.16
N ARG D 1011 -6.06 56.09 -6.83
CA ARG D 1011 -7.30 55.75 -7.53
C ARG D 1011 -8.38 56.80 -7.25
N ASP D 1012 -8.38 57.34 -6.04
CA ASP D 1012 -9.40 58.31 -5.63
C ASP D 1012 -9.09 59.70 -6.19
N LYS D 1013 -7.82 60.09 -6.13
CA LYS D 1013 -7.41 61.43 -6.54
C LYS D 1013 -7.27 61.57 -8.06
N GLU D 1014 -7.18 60.42 -8.75
CA GLU D 1014 -7.24 60.37 -10.21
C GLU D 1014 -6.07 61.09 -10.91
N SER D 1015 -5.83 62.34 -10.54
CA SER D 1015 -4.83 63.17 -11.20
C SER D 1015 -4.16 64.09 -10.19
N ILE D 1016 -3.18 64.88 -10.64
CA ILE D 1016 -2.46 65.80 -9.77
C ILE D 1016 -3.24 67.10 -9.56
N LEU D 1017 -4.33 67.26 -10.30
CA LEU D 1017 -5.22 68.39 -10.09
C LEU D 1017 -5.82 68.31 -8.70
N ASN D 1018 -6.12 67.10 -8.25
CA ASN D 1018 -6.84 66.87 -7.02
C ASN D 1018 -5.93 66.68 -5.80
N ILE D 1019 -4.62 66.61 -6.04
CA ILE D 1019 -3.66 66.59 -4.94
C ILE D 1019 -3.49 67.99 -4.37
N ASP D 1020 -3.36 68.07 -3.04
CA ASP D 1020 -3.16 69.34 -2.34
C ASP D 1020 -1.66 69.55 -2.10
N TRP D 1021 -1.04 70.33 -2.97
CA TRP D 1021 0.41 70.49 -2.96
C TRP D 1021 0.90 71.53 -1.95
N GLU D 1022 2.08 71.28 -1.41
CA GLU D 1022 2.82 72.27 -0.64
C GLU D 1022 3.87 72.90 -1.54
N ASN D 1023 3.67 74.17 -1.89
CA ASN D 1023 4.65 74.87 -2.72
C ASN D 1023 5.97 75.02 -2.00
N ILE D 1024 7.00 74.35 -2.53
CA ILE D 1024 8.32 74.36 -1.91
C ILE D 1024 9.19 75.49 -2.47
N SER D 1025 9.95 76.12 -1.59
CA SER D 1025 10.88 77.18 -1.96
C SER D 1025 12.30 76.77 -1.62
N PRO D 1026 13.01 76.12 -2.57
CA PRO D 1026 14.33 75.55 -2.29
C PRO D 1026 15.34 76.54 -1.68
N ASP D 1027 16.33 76.01 -0.96
CA ASP D 1027 17.26 76.83 -0.19
C ASP D 1027 18.64 76.91 -0.84
N GLU D 1028 19.59 77.52 -0.12
CA GLU D 1028 20.96 77.65 -0.60
C GLU D 1028 21.66 76.30 -0.71
N ASN D 1029 21.09 75.28 -0.07
CA ASN D 1029 21.60 73.92 -0.16
C ASN D 1029 20.89 73.10 -1.24
N ASN D 1030 19.91 73.71 -1.89
CA ASN D 1030 19.11 73.05 -2.92
C ASN D 1030 18.38 71.83 -2.37
N ASP D 1031 17.94 71.93 -1.13
CA ASP D 1031 17.11 70.90 -0.50
C ASP D 1031 15.65 71.32 -0.58
N TRP D 1032 14.80 70.41 -1.05
CA TRP D 1032 13.37 70.67 -1.18
C TRP D 1032 12.65 70.44 0.13
N ILE D 1033 13.02 69.36 0.83
CA ILE D 1033 12.41 69.01 2.10
C ILE D 1033 13.45 68.83 3.19
N ASN D 1034 12.99 68.79 4.45
CA ASN D 1034 13.87 68.65 5.60
C ASN D 1034 15.01 69.66 5.55
N GLN D 1035 14.66 70.93 5.48
CA GLN D 1035 15.65 71.99 5.32
C GLN D 1035 16.37 72.31 6.62
N ARG D 1036 17.62 72.74 6.50
CA ARG D 1036 18.46 73.00 7.66
C ARG D 1036 18.21 74.39 8.23
N ASP D 1037 18.56 74.56 9.50
CA ASP D 1037 18.45 75.87 10.16
C ASP D 1037 19.75 76.64 9.96
N GLN D 1038 19.62 77.90 9.54
CA GLN D 1038 20.79 78.71 9.22
C GLN D 1038 21.51 79.17 10.49
N ASN D 1039 20.76 79.27 11.58
CA ASN D 1039 21.34 79.68 12.86
C ASN D 1039 22.29 78.61 13.39
N TYR D 1040 22.06 77.37 12.96
CA TYR D 1040 22.89 76.23 13.34
C TYR D 1040 24.33 76.37 12.85
N LEU D 1041 24.54 77.27 11.90
CA LEU D 1041 25.84 77.42 11.25
C LEU D 1041 26.82 78.29 12.06
N ASN D 1042 26.29 79.02 13.04
CA ASN D 1042 27.14 79.82 13.92
C ASN D 1042 27.83 78.95 14.97
N TYR D 1043 27.31 77.73 15.14
CA TYR D 1043 27.89 76.80 16.10
C TYR D 1043 29.26 76.31 15.63
N ARG D 1044 30.14 76.01 16.58
CA ARG D 1044 31.49 75.58 16.25
C ARG D 1044 31.47 74.22 15.58
N PRO D 1045 32.22 74.07 14.47
CA PRO D 1045 32.25 72.80 13.75
C PRO D 1045 33.14 71.75 14.42
N LEU D 1046 32.92 70.48 14.12
CA LEU D 1046 33.77 69.41 14.61
C LEU D 1046 35.09 69.39 13.86
N ALA D 1047 35.00 69.37 12.54
CA ALA D 1047 36.17 69.24 11.67
C ALA D 1047 35.96 69.90 10.31
N ASP D 1048 37.04 69.99 9.55
CA ASP D 1048 37.02 70.46 8.17
C ASP D 1048 36.69 71.95 8.07
N GLU D 1049 37.01 72.71 9.11
CA GLU D 1049 36.83 74.15 9.12
C GLU D 1049 37.85 74.84 10.03
N ASN D 1050 37.86 76.17 9.99
CA ASN D 1050 38.68 76.96 10.90
C ASN D 1050 38.06 76.97 12.28
N GLY D 1051 38.90 77.12 13.30
CA GLY D 1051 38.43 77.12 14.68
C GLY D 1051 37.72 75.82 15.01
N SER D 1052 38.18 74.75 14.37
CA SER D 1052 37.59 73.44 14.56
C SER D 1052 37.96 72.84 15.92
N ILE D 1053 37.07 72.01 16.45
CA ILE D 1053 37.31 71.31 17.70
C ILE D 1053 38.28 70.17 17.45
N PHE D 1054 37.91 69.27 16.56
CA PHE D 1054 38.78 68.17 16.15
C PHE D 1054 39.62 68.59 14.95
N SER D 1055 40.89 68.21 14.95
CA SER D 1055 41.78 68.53 13.84
C SER D 1055 41.57 67.54 12.70
N VAL D 1056 41.10 66.34 13.03
CA VAL D 1056 40.88 65.28 12.06
C VAL D 1056 39.69 64.41 12.45
N LYS D 1057 38.80 64.19 11.49
CA LYS D 1057 37.72 63.22 11.65
C LYS D 1057 38.01 62.03 10.76
N ASP D 1058 37.15 61.02 10.83
CA ASP D 1058 37.31 59.84 10.02
C ASP D 1058 35.95 59.18 9.82
N ILE D 1059 35.93 58.14 8.99
CA ILE D 1059 34.72 57.37 8.73
C ILE D 1059 34.99 55.89 9.01
N GLY D 1060 33.96 55.16 9.40
CA GLY D 1060 34.12 53.78 9.82
C GLY D 1060 34.59 52.88 8.70
N ILE D 1061 35.26 51.79 9.06
CA ILE D 1061 35.92 50.93 8.09
C ILE D 1061 34.92 50.17 7.22
N VAL D 1062 35.35 49.81 6.00
CA VAL D 1062 34.57 48.98 5.09
C VAL D 1062 35.52 47.99 4.42
N THR D 1063 35.30 46.70 4.67
CA THR D 1063 36.16 45.65 4.12
C THR D 1063 35.70 45.12 2.77
N ASN D 1064 34.38 45.17 2.55
CA ASN D 1064 33.71 44.55 1.40
C ASN D 1064 33.69 43.03 1.46
N ARG D 1065 34.29 42.45 2.50
CA ARG D 1065 34.15 41.02 2.77
C ARG D 1065 34.21 40.77 4.28
N ASP D 1066 33.07 40.92 4.95
CA ASP D 1066 33.01 40.77 6.38
C ASP D 1066 33.06 39.30 6.81
N ALA D 1067 32.43 38.42 6.03
CA ALA D 1067 32.36 37.01 6.37
C ALA D 1067 33.74 36.39 6.49
N TRP D 1068 34.68 36.85 5.67
CA TRP D 1068 36.04 36.32 5.67
C TRP D 1068 36.92 37.02 6.71
N VAL D 1069 36.85 38.35 6.72
CA VAL D 1069 37.78 39.16 7.49
C VAL D 1069 37.30 39.42 8.92
N SER D 1070 36.00 39.26 9.14
CA SER D 1070 35.39 39.55 10.44
C SER D 1070 34.62 38.35 11.01
N ASN D 1071 34.87 38.07 12.28
CA ASN D 1071 34.24 36.94 12.96
C ASN D 1071 34.33 37.10 14.47
N PHE D 1072 33.43 36.43 15.19
CA PHE D 1072 33.49 36.46 16.65
C PHE D 1072 34.70 35.71 17.17
N SER D 1073 35.06 34.61 16.52
CA SER D 1073 36.19 33.79 16.95
C SER D 1073 37.50 34.24 16.31
N LYS D 1074 38.47 34.60 17.14
CA LYS D 1074 39.77 35.06 16.66
C LYS D 1074 40.48 34.04 15.77
N ILE D 1075 40.34 32.76 16.10
CA ILE D 1075 41.01 31.70 15.35
C ILE D 1075 40.35 31.45 14.01
N ASN D 1076 39.02 31.55 13.97
CA ASN D 1076 38.28 31.37 12.72
C ASN D 1076 38.63 32.47 11.71
N VAL D 1077 38.86 33.68 12.21
CA VAL D 1077 39.37 34.76 11.36
C VAL D 1077 40.70 34.33 10.75
N SER D 1078 41.61 33.89 11.61
CA SER D 1078 42.92 33.41 11.17
C SER D 1078 42.79 32.28 10.15
N ASP D 1079 41.93 31.31 10.46
CA ASP D 1079 41.72 30.18 9.57
C ASP D 1079 41.10 30.60 8.24
N ASN D 1080 39.94 31.24 8.31
CA ASN D 1080 39.20 31.61 7.11
C ASN D 1080 39.98 32.57 6.20
N VAL D 1081 40.72 33.50 6.79
CA VAL D 1081 41.52 34.45 5.99
C VAL D 1081 42.59 33.72 5.19
N GLN D 1082 43.29 32.79 5.82
CA GLN D 1082 44.35 32.05 5.14
C GLN D 1082 43.78 31.19 4.01
N ILE D 1083 42.54 30.74 4.17
CA ILE D 1083 41.88 29.99 3.10
C ILE D 1083 41.72 30.87 1.87
N MET D 1084 41.37 32.14 2.09
CA MET D 1084 41.18 33.07 0.98
C MET D 1084 42.52 33.48 0.38
N ILE D 1085 43.51 33.73 1.23
CA ILE D 1085 44.82 34.17 0.76
C ILE D 1085 45.49 33.07 -0.07
N LYS D 1086 45.35 31.83 0.37
CA LYS D 1086 45.86 30.68 -0.40
C LYS D 1086 45.16 30.61 -1.75
N ASN D 1087 43.83 30.59 -1.72
CA ASN D 1087 43.03 30.56 -2.94
C ASN D 1087 43.37 31.73 -3.86
N TYR D 1088 43.45 32.93 -3.30
CA TYR D 1088 43.76 34.12 -4.09
C TYR D 1088 45.12 33.98 -4.78
N ASN D 1089 46.15 33.64 -4.01
CA ASN D 1089 47.49 33.46 -4.55
C ASN D 1089 47.52 32.40 -5.64
N LEU D 1090 46.71 31.34 -5.46
CA LEU D 1090 46.61 30.29 -6.46
C LEU D 1090 46.11 30.84 -7.79
N GLU D 1091 45.14 31.74 -7.73
CA GLU D 1091 44.60 32.37 -8.93
C GLU D 1091 45.69 33.18 -9.61
N VAL D 1092 46.48 33.89 -8.82
CA VAL D 1092 47.55 34.73 -9.35
C VAL D 1092 48.64 33.87 -10.00
N ASP D 1093 48.96 32.74 -9.37
CA ASP D 1093 49.93 31.79 -9.91
C ASP D 1093 49.51 31.32 -11.30
N ARG D 1094 48.23 31.00 -11.44
CA ARG D 1094 47.67 30.60 -12.72
C ARG D 1094 47.85 31.70 -13.77
N LEU D 1095 47.52 32.93 -13.39
CA LEU D 1095 47.65 34.09 -14.28
C LEU D 1095 49.08 34.30 -14.79
N GLU D 1096 50.01 34.48 -13.86
CA GLU D 1096 51.35 34.96 -14.18
C GLU D 1096 52.15 33.94 -15.01
N ASN D 1097 52.09 32.67 -14.64
CA ASN D 1097 52.91 31.66 -15.32
C ASN D 1097 52.31 31.28 -16.66
N ILE D 1098 50.99 31.41 -16.77
CA ILE D 1098 50.26 30.97 -17.96
C ILE D 1098 50.03 32.10 -18.97
N ASP D 1099 49.62 33.26 -18.47
CA ASP D 1099 49.11 34.34 -19.31
C ASP D 1099 50.01 35.59 -19.25
N VAL D 1100 49.54 36.69 -19.85
CA VAL D 1100 50.40 37.82 -20.22
C VAL D 1100 49.86 39.22 -19.84
N LYS D 1101 48.87 39.74 -20.58
CA LYS D 1101 48.50 41.16 -20.48
C LYS D 1101 47.07 41.42 -19.99
N LEU D 1102 46.94 41.79 -18.71
CA LEU D 1102 45.63 41.85 -18.07
C LEU D 1102 45.23 43.23 -17.53
N ASN D 1103 43.97 43.29 -17.15
CA ASN D 1103 43.29 44.52 -16.75
C ASN D 1103 42.24 44.17 -15.69
N ASP D 1104 41.99 45.06 -14.74
CA ASP D 1104 41.06 44.77 -13.64
C ASP D 1104 39.64 44.46 -14.12
N LYS D 1105 39.35 44.86 -15.35
CA LYS D 1105 38.06 44.52 -15.97
C LYS D 1105 38.12 43.15 -16.64
N THR D 1106 39.30 42.80 -17.15
CA THR D 1106 39.44 41.59 -17.95
C THR D 1106 39.90 40.37 -17.15
N VAL D 1107 40.38 40.58 -15.92
CA VAL D 1107 40.76 39.46 -15.07
C VAL D 1107 39.56 38.56 -14.78
N VAL D 1108 38.37 39.16 -14.78
CA VAL D 1108 37.13 38.46 -14.50
C VAL D 1108 37.00 37.16 -15.29
N ASP D 1109 37.38 37.20 -16.56
CA ASP D 1109 37.22 36.06 -17.45
C ASP D 1109 38.32 35.01 -17.25
N TYR D 1110 39.45 35.42 -16.70
CA TYR D 1110 40.59 34.53 -16.51
C TYR D 1110 40.73 34.07 -15.06
N VAL D 1111 39.70 34.32 -14.26
CA VAL D 1111 39.78 34.07 -12.82
C VAL D 1111 38.46 33.50 -12.28
N THR D 1112 38.52 32.76 -11.18
CA THR D 1112 37.35 32.11 -10.60
C THR D 1112 36.33 33.12 -10.08
N ASN D 1113 35.05 32.78 -10.22
CA ASN D 1113 33.96 33.61 -9.72
C ASN D 1113 33.32 33.00 -8.48
N ASP D 1114 33.77 31.80 -8.14
CA ASP D 1114 33.16 31.03 -7.06
C ASP D 1114 33.38 31.67 -5.70
N GLU D 1115 32.29 31.99 -5.03
CA GLU D 1115 32.35 32.37 -3.63
C GLU D 1115 32.55 31.05 -2.87
N ARG D 1116 32.85 31.15 -1.57
CA ARG D 1116 33.40 30.04 -0.78
C ARG D 1116 34.90 29.89 -1.06
N LYS D 1117 35.40 30.62 -2.05
CA LYS D 1117 36.82 30.64 -2.37
C LYS D 1117 37.39 32.03 -2.18
N ILE D 1118 36.80 33.00 -2.90
CA ILE D 1118 37.21 34.39 -2.82
C ILE D 1118 36.02 35.33 -2.97
N SER D 1119 35.96 36.34 -2.11
CA SER D 1119 35.06 37.47 -2.30
C SER D 1119 35.84 38.59 -2.99
N TRP D 1120 35.60 38.76 -4.28
CA TRP D 1120 36.32 39.74 -5.06
C TRP D 1120 35.80 41.15 -4.79
N SER D 1121 36.68 42.12 -5.00
CA SER D 1121 36.33 43.53 -4.92
C SER D 1121 37.22 44.26 -5.91
N ARG D 1122 36.88 45.52 -6.20
CA ARG D 1122 37.63 46.29 -7.20
C ARG D 1122 39.13 46.28 -6.90
N SER D 1123 39.50 46.52 -5.65
CA SER D 1123 40.91 46.55 -5.26
C SER D 1123 41.59 45.22 -5.52
N LEU D 1124 40.97 44.14 -5.05
CA LEU D 1124 41.58 42.82 -5.13
C LEU D 1124 41.80 42.39 -6.58
N LYS D 1125 40.92 42.87 -7.47
CA LYS D 1125 41.02 42.53 -8.89
C LYS D 1125 42.15 43.32 -9.55
N GLN D 1126 42.36 44.55 -9.11
CA GLN D 1126 43.49 45.34 -9.58
C GLN D 1126 44.80 44.66 -9.23
N ARG D 1127 44.90 44.23 -7.97
CA ARG D 1127 46.11 43.59 -7.48
C ARG D 1127 46.35 42.27 -8.21
N ALA D 1128 45.26 41.62 -8.61
CA ALA D 1128 45.36 40.35 -9.32
C ALA D 1128 45.82 40.58 -10.75
N ALA D 1129 45.43 41.72 -11.33
CA ALA D 1129 45.81 42.06 -12.69
C ALA D 1129 47.30 42.40 -12.75
N ARG D 1130 47.79 43.05 -11.70
CA ARG D 1130 49.22 43.31 -11.57
C ARG D 1130 49.93 42.05 -11.11
N ARG D 1131 49.15 41.02 -10.80
CA ARG D 1131 49.69 39.74 -10.34
C ARG D 1131 50.46 39.93 -9.04
N GLU D 1132 49.95 40.80 -8.18
CA GLU D 1132 50.50 40.98 -6.85
C GLU D 1132 49.98 39.88 -5.93
N LYS D 1133 50.89 39.11 -5.37
CA LYS D 1133 50.54 38.13 -4.35
C LYS D 1133 50.54 38.79 -2.97
N THR D 1134 50.07 38.06 -1.98
CA THR D 1134 50.14 38.51 -0.59
C THR D 1134 50.36 37.30 0.31
N GLN D 1135 50.42 37.53 1.61
CA GLN D 1135 50.50 36.41 2.55
C GLN D 1135 49.95 36.83 3.91
N PHE D 1136 49.50 35.84 4.66
CA PHE D 1136 48.83 36.08 5.93
C PHE D 1136 49.79 36.58 7.01
N SER D 1137 49.33 37.52 7.81
CA SER D 1137 50.08 38.03 8.96
C SER D 1137 49.20 38.04 10.20
N HIS D 1138 49.47 37.12 11.13
CA HIS D 1138 48.63 36.94 12.31
C HIS D 1138 48.67 38.15 13.25
N SER D 1139 49.62 39.04 13.04
CA SER D 1139 49.73 40.24 13.86
C SER D 1139 48.69 41.28 13.45
N ASP D 1140 48.13 41.12 12.25
CA ASP D 1140 47.18 42.10 11.73
C ASP D 1140 45.77 41.92 12.29
N ILE D 1141 45.44 40.74 12.81
CA ILE D 1141 44.11 40.54 13.38
C ILE D 1141 44.00 41.19 14.75
N MET D 1142 42.94 41.97 14.94
CA MET D 1142 42.77 42.76 16.17
C MET D 1142 41.30 42.84 16.55
N LEU D 1143 41.02 43.52 17.66
CA LEU D 1143 39.64 43.71 18.10
C LEU D 1143 39.07 45.00 17.55
N ALA D 1144 37.83 44.93 17.08
CA ALA D 1144 37.14 46.09 16.54
C ALA D 1144 35.67 46.06 16.92
N MET D 1145 35.03 47.23 16.85
CA MET D 1145 33.61 47.37 17.14
C MET D 1145 32.80 47.26 15.86
N TYR D 1146 32.06 46.17 15.72
CA TYR D 1146 31.33 45.87 14.50
C TYR D 1146 29.97 46.57 14.49
N ARG D 1147 29.12 46.23 15.47
CA ARG D 1147 27.83 46.89 15.66
C ARG D 1147 27.83 47.43 17.10
N PRO D 1148 26.78 48.16 17.50
CA PRO D 1148 26.94 48.75 18.83
C PRO D 1148 26.85 47.70 19.93
N PHE D 1149 27.72 47.84 20.94
CA PHE D 1149 27.79 46.92 22.07
C PHE D 1149 28.14 45.49 21.65
N THR D 1150 28.63 45.33 20.43
CA THR D 1150 29.21 44.06 20.01
C THR D 1150 30.51 44.28 19.25
N LYS D 1151 31.56 43.61 19.72
CA LYS D 1151 32.87 43.70 19.09
C LYS D 1151 33.35 42.33 18.63
N LYS D 1152 34.02 42.32 17.50
CA LYS D 1152 34.49 41.09 16.87
C LYS D 1152 36.00 41.15 16.63
N TYR D 1153 36.54 40.07 16.06
CA TYR D 1153 37.93 40.03 15.66
C TYR D 1153 38.05 40.34 14.17
N LEU D 1154 38.88 41.33 13.86
CA LEU D 1154 39.01 41.85 12.50
C LEU D 1154 40.42 41.63 11.97
N TYR D 1155 40.53 41.12 10.75
CA TYR D 1155 41.80 41.06 10.05
C TYR D 1155 42.04 42.37 9.31
N ARG D 1156 42.71 43.30 9.99
CA ARG D 1156 42.91 44.64 9.47
C ARG D 1156 44.13 44.66 8.54
N ASN D 1157 43.85 44.59 7.25
CA ASN D 1157 44.89 44.47 6.23
C ASN D 1157 44.61 45.42 5.07
N ARG D 1158 45.60 46.22 4.69
CA ARG D 1158 45.45 47.15 3.57
C ARG D 1158 45.18 46.38 2.27
N PHE D 1159 45.54 45.09 2.28
CA PHE D 1159 45.38 44.22 1.12
C PHE D 1159 43.98 43.61 1.03
N LEU D 1160 43.45 43.14 2.15
CA LEU D 1160 42.16 42.46 2.16
C LEU D 1160 41.02 43.34 2.70
N ASN D 1161 41.33 44.59 3.02
CA ASN D 1161 40.30 45.57 3.36
C ASN D 1161 40.22 46.63 2.27
N GLU D 1162 39.05 46.74 1.65
CA GLU D 1162 38.83 47.67 0.55
C GLU D 1162 39.14 49.10 0.98
N ASN D 1163 38.63 49.47 2.15
CA ASN D 1163 38.85 50.79 2.70
C ASN D 1163 39.29 50.73 4.16
N VAL D 1164 40.59 50.93 4.37
CA VAL D 1164 41.19 50.89 5.69
C VAL D 1164 41.01 52.24 6.37
N ARG D 1165 40.87 53.29 5.56
CA ARG D 1165 40.58 54.63 6.07
C ARG D 1165 41.76 55.13 6.89
N LYS D 1166 41.49 56.00 7.86
CA LYS D 1166 42.54 56.59 8.69
C LYS D 1166 42.85 55.72 9.91
N THR D 1167 42.45 54.46 9.87
CA THR D 1167 42.50 53.63 11.07
C THR D 1167 43.92 53.28 11.50
N TYR D 1168 44.88 53.43 10.59
CA TYR D 1168 46.28 53.19 10.94
C TYR D 1168 46.86 54.36 11.71
N GLN D 1169 46.20 55.51 11.61
CA GLN D 1169 46.62 56.72 12.31
C GLN D 1169 45.89 56.86 13.65
N THR D 1170 44.97 55.93 13.92
CA THR D 1170 44.23 55.92 15.18
C THR D 1170 44.54 54.67 16.03
N PHE D 1171 44.62 53.52 15.36
CA PHE D 1171 44.96 52.26 16.02
C PHE D 1171 46.05 51.50 15.25
N PRO D 1172 47.29 52.00 15.27
CA PRO D 1172 48.42 51.42 14.51
C PRO D 1172 48.56 49.90 14.58
N ASP D 1173 48.38 49.31 15.76
CA ASP D 1173 48.40 47.86 15.91
C ASP D 1173 47.32 47.39 16.88
N LYS D 1174 47.32 46.10 17.21
CA LYS D 1174 46.28 45.55 18.08
C LYS D 1174 46.38 46.03 19.53
N ASN D 1175 47.54 46.58 19.89
CA ASN D 1175 47.79 47.02 21.26
C ASN D 1175 47.64 48.53 21.44
N SER D 1176 47.44 49.25 20.34
CA SER D 1176 47.29 50.69 20.39
C SER D 1176 46.01 51.08 21.14
N LYS D 1177 46.03 52.23 21.79
CA LYS D 1177 44.91 52.71 22.59
C LYS D 1177 44.44 54.07 22.12
N ASN D 1178 43.13 54.20 21.89
CA ASN D 1178 42.54 55.47 21.48
C ASN D 1178 41.05 55.48 21.78
N LEU D 1179 40.48 56.67 21.92
CA LEU D 1179 39.04 56.85 22.09
C LEU D 1179 38.45 57.58 20.88
N LEU D 1180 37.39 57.02 20.31
CA LEU D 1180 36.70 57.69 19.21
C LEU D 1180 35.19 57.76 19.47
N ILE D 1181 34.60 58.91 19.15
CA ILE D 1181 33.16 59.10 19.26
C ILE D 1181 32.51 58.81 17.91
N ASN D 1182 31.78 57.70 17.84
CA ASN D 1182 31.08 57.34 16.62
C ASN D 1182 29.74 58.08 16.54
N ILE D 1183 29.48 58.68 15.39
CA ILE D 1183 28.24 59.42 15.16
C ILE D 1183 27.52 58.87 13.95
N SER D 1184 26.20 59.07 13.90
CA SER D 1184 25.44 58.79 12.69
C SER D 1184 26.00 59.66 11.57
N GLY D 1185 25.99 59.12 10.36
CA GLY D 1185 26.56 59.81 9.21
C GLY D 1185 25.59 60.71 8.49
N GLN D 1186 26.13 61.61 7.68
CA GLN D 1186 25.31 62.49 6.87
C GLN D 1186 24.64 61.68 5.76
N GLY D 1187 23.31 61.69 5.75
CA GLY D 1187 22.53 60.98 4.75
C GLY D 1187 21.68 59.88 5.38
N ASP D 1188 21.95 59.57 6.64
CA ASP D 1188 21.26 58.49 7.33
C ASP D 1188 19.82 58.89 7.65
N LYS D 1189 18.88 57.99 7.38
CA LYS D 1189 17.45 58.30 7.54
C LYS D 1189 16.98 58.13 8.98
N ALA D 1190 17.65 57.28 9.74
CA ALA D 1190 17.23 57.01 11.12
C ALA D 1190 17.59 58.17 12.05
N ASP D 1191 17.06 58.13 13.26
CA ASP D 1191 17.32 59.16 14.25
C ASP D 1191 18.81 59.20 14.61
N PHE D 1192 19.32 60.40 14.82
CA PHE D 1192 20.73 60.59 15.15
C PHE D 1192 21.10 59.86 16.43
N ALA D 1193 22.29 59.27 16.44
CA ALA D 1193 22.78 58.54 17.59
C ALA D 1193 24.31 58.63 17.65
N THR D 1194 24.85 58.54 18.86
CA THR D 1194 26.29 58.57 19.05
C THR D 1194 26.70 57.56 20.12
N LEU D 1195 27.84 56.92 19.91
CA LEU D 1195 28.34 55.91 20.83
C LEU D 1195 29.86 55.88 20.82
N ILE D 1196 30.47 56.03 21.99
CA ILE D 1196 31.92 56.03 22.10
C ILE D 1196 32.44 54.60 22.08
N SER D 1197 33.67 54.44 21.59
CA SER D 1197 34.27 53.12 21.45
C SER D 1197 35.74 53.15 21.83
N GLU D 1198 36.21 52.04 22.39
CA GLU D 1198 37.60 51.90 22.80
C GLU D 1198 38.43 51.24 21.72
N TYR D 1199 37.75 50.73 20.68
CA TYR D 1199 38.40 49.98 19.61
C TYR D 1199 38.13 50.54 18.22
N LEU D 1200 38.86 50.02 17.24
CA LEU D 1200 38.58 50.26 15.83
C LEU D 1200 37.12 49.98 15.54
N SER D 1201 36.50 50.78 14.69
CA SER D 1201 35.05 50.70 14.47
C SER D 1201 34.65 50.60 13.00
N ASP D 1202 33.57 49.87 12.76
CA ASP D 1202 33.04 49.67 11.42
C ASP D 1202 32.30 50.91 10.92
N MET D 1203 31.90 50.88 9.66
CA MET D 1203 31.13 51.97 9.10
C MET D 1203 29.67 51.83 9.49
N HIS D 1204 29.27 50.61 9.83
CA HIS D 1204 27.89 50.30 10.14
C HIS D 1204 27.67 50.09 11.64
N VAL D 1205 28.51 50.74 12.45
CA VAL D 1205 28.34 50.68 13.90
C VAL D 1205 27.05 51.40 14.29
N ILE D 1206 26.79 52.53 13.64
CA ILE D 1206 25.57 53.30 13.90
C ILE D 1206 24.68 53.30 12.65
N GLY D 1207 24.99 54.18 11.71
CA GLY D 1207 24.14 54.36 10.54
C GLY D 1207 24.53 53.45 9.40
N GLY D 1208 24.31 53.93 8.18
CA GLY D 1208 24.81 53.28 6.99
C GLY D 1208 26.22 53.77 6.68
N GLN D 1209 26.57 54.93 7.23
CA GLN D 1209 27.88 55.55 6.96
C GLN D 1209 28.43 56.32 8.17
N ALA D 1210 28.91 55.57 9.18
CA ALA D 1210 29.31 56.17 10.45
C ALA D 1210 30.63 56.94 10.38
N ARG D 1211 30.73 58.02 11.15
CA ARG D 1211 31.95 58.84 11.20
C ARG D 1211 32.59 58.72 12.57
N ASN D 1212 33.90 58.95 12.64
CA ASN D 1212 34.66 58.89 13.90
C ASN D 1212 35.17 60.25 14.34
N LEU D 1213 35.22 60.45 15.65
CA LEU D 1213 35.87 61.61 16.23
C LEU D 1213 36.94 61.14 17.21
N PRO D 1214 38.13 60.79 16.70
CA PRO D 1214 39.17 60.17 17.52
C PRO D 1214 39.77 61.14 18.55
N ARG D 1215 40.22 60.58 19.67
CA ARG D 1215 40.82 61.38 20.73
C ARG D 1215 42.31 61.61 20.49
N PHE D 1216 42.94 60.67 19.78
CA PHE D 1216 44.38 60.74 19.52
C PHE D 1216 44.74 60.44 18.07
N THR D 1217 45.97 60.78 17.72
CA THR D 1217 46.52 60.57 16.37
C THR D 1217 47.95 60.07 16.46
N TYR D 1218 48.26 59.00 15.72
CA TYR D 1218 49.59 58.39 15.78
C TYR D 1218 50.30 58.43 14.43
N GLU D 1219 51.59 58.75 14.46
CA GLU D 1219 52.44 58.68 13.27
C GLU D 1219 53.67 57.81 13.53
N GLY D 1226 54.41 57.93 18.32
CA GLY D 1226 54.25 59.36 18.48
C GLY D 1226 52.79 59.79 18.42
N ARG D 1227 52.11 59.73 19.57
CA ARG D 1227 50.69 60.03 19.64
C ARG D 1227 50.48 61.55 19.74
N THR D 1228 49.31 62.02 19.32
CA THR D 1228 49.06 63.45 19.19
C THR D 1228 47.62 63.78 19.56
N ASP D 1229 47.44 64.94 20.20
CA ASP D 1229 46.11 65.38 20.62
C ASP D 1229 45.30 65.88 19.43
N ASN D 1230 44.20 65.19 19.16
CA ASN D 1230 43.28 65.60 18.12
C ASN D 1230 42.28 66.65 18.62
N ILE D 1231 42.42 66.99 19.90
CA ILE D 1231 41.53 67.96 20.54
C ILE D 1231 42.27 68.58 21.72
N VAL D 1232 41.85 69.77 22.15
CA VAL D 1232 42.56 70.48 23.20
C VAL D 1232 42.62 69.72 24.52
N SER D 1233 41.51 69.11 24.93
CA SER D 1233 41.46 68.44 26.24
C SER D 1233 40.36 67.39 26.33
N ASP D 1234 40.50 66.50 27.32
CA ASP D 1234 39.46 65.52 27.61
C ASP D 1234 38.17 66.24 27.95
N ASP D 1235 38.29 67.34 28.68
CA ASP D 1235 37.14 68.13 29.10
C ASP D 1235 36.30 68.54 27.89
N GLU D 1236 36.98 68.99 26.84
CA GLU D 1236 36.30 69.37 25.61
C GLU D 1236 35.75 68.13 24.91
N PHE D 1237 36.52 67.05 24.96
CA PHE D 1237 36.14 65.79 24.33
C PHE D 1237 34.82 65.27 24.90
N TYR D 1238 34.70 65.27 26.22
CA TYR D 1238 33.51 64.75 26.89
C TYR D 1238 32.35 65.75 26.86
N TYR D 1239 32.68 67.03 26.68
CA TYR D 1239 31.65 68.04 26.47
C TYR D 1239 30.86 67.73 25.20
N VAL D 1240 31.59 67.47 24.11
CA VAL D 1240 30.98 67.06 22.86
C VAL D 1240 30.05 65.87 23.07
N TYR D 1241 30.56 64.83 23.74
CA TYR D 1241 29.79 63.61 23.95
C TYR D 1241 28.52 63.89 24.74
N GLY D 1242 28.59 64.82 25.68
CA GLY D 1242 27.44 65.20 26.47
C GLY D 1242 26.39 65.89 25.64
N VAL D 1243 26.80 66.90 24.87
CA VAL D 1243 25.89 67.68 24.05
C VAL D 1243 25.11 66.81 23.07
N LEU D 1244 25.81 65.91 22.39
CA LEU D 1244 25.20 65.08 21.36
C LEU D 1244 24.13 64.15 21.93
N HIS D 1245 24.06 64.05 23.26
CA HIS D 1245 23.03 63.27 23.93
C HIS D 1245 21.84 64.13 24.35
N SER D 1246 22.01 65.45 24.32
CA SER D 1246 20.93 66.38 24.67
C SER D 1246 19.72 66.14 23.79
N SER D 1247 18.61 65.70 24.41
CA SER D 1247 17.43 65.30 23.67
C SER D 1247 16.74 66.49 22.99
N ALA D 1248 17.05 67.71 23.43
CA ALA D 1248 16.50 68.90 22.80
C ALA D 1248 17.33 69.27 21.58
N TYR D 1249 18.65 69.14 21.71
CA TYR D 1249 19.57 69.39 20.61
C TYR D 1249 19.25 68.50 19.42
N ARG D 1250 18.82 67.28 19.71
CA ARG D 1250 18.50 66.30 18.67
C ARG D 1250 17.16 66.58 18.01
N LYS D 1251 16.26 67.20 18.76
CA LYS D 1251 14.91 67.47 18.26
C LYS D 1251 14.90 68.69 17.35
N ARG D 1252 15.57 69.75 17.79
CA ARG D 1252 15.55 71.01 17.07
C ARG D 1252 16.38 70.95 15.80
N TYR D 1253 17.59 70.40 15.91
CA TYR D 1253 18.52 70.38 14.80
C TYR D 1253 18.59 69.00 14.17
N ALA D 1254 17.46 68.29 14.19
CA ALA D 1254 17.37 66.94 13.64
C ALA D 1254 17.81 66.89 12.18
N ASN D 1255 17.39 67.88 11.40
CA ASN D 1255 17.69 67.92 9.97
C ASN D 1255 19.18 68.11 9.69
N ASP D 1256 19.78 69.09 10.35
CA ASP D 1256 21.22 69.33 10.21
C ASP D 1256 22.01 68.08 10.57
N LEU D 1257 21.55 67.37 11.60
CA LEU D 1257 22.22 66.16 12.06
C LEU D 1257 22.13 65.03 11.03
N LYS D 1258 21.19 65.17 10.09
CA LYS D 1258 21.03 64.18 9.04
C LYS D 1258 21.93 64.47 7.83
N LYS D 1259 22.16 65.75 7.56
CA LYS D 1259 22.71 66.15 6.26
C LYS D 1259 24.15 66.66 6.29
N ASP D 1260 24.80 66.58 7.45
CA ASP D 1260 26.21 66.97 7.56
C ASP D 1260 26.76 66.62 8.94
N LEU D 1261 28.06 66.82 9.13
CA LEU D 1261 28.66 66.66 10.45
C LEU D 1261 27.93 67.55 11.46
N PRO D 1262 27.77 67.06 12.70
CA PRO D 1262 27.10 67.93 13.69
C PRO D 1262 27.96 69.11 14.10
N ARG D 1263 27.31 70.16 14.60
CA ARG D 1263 27.99 71.33 15.15
C ARG D 1263 27.50 71.51 16.58
N ILE D 1264 28.33 72.11 17.44
CA ILE D 1264 27.94 72.31 18.83
C ILE D 1264 28.22 73.74 19.31
N PRO D 1265 27.27 74.34 20.07
CA PRO D 1265 27.51 75.67 20.65
C PRO D 1265 28.04 75.62 22.06
N LEU D 1266 28.58 76.73 22.56
CA LEU D 1266 28.80 76.88 23.99
C LEU D 1266 27.43 77.01 24.65
N LEU D 1267 27.24 76.29 25.75
CA LEU D 1267 25.95 76.26 26.41
C LEU D 1267 26.06 76.59 27.89
N LYS D 1268 24.96 77.08 28.46
CA LYS D 1268 24.89 77.33 29.89
C LYS D 1268 25.12 76.02 30.63
N ASN D 1269 25.78 76.12 31.79
CA ASN D 1269 26.12 74.92 32.58
C ASN D 1269 26.99 73.97 31.76
N LYS D 1270 28.03 74.51 31.13
CA LYS D 1270 28.92 73.72 30.28
C LYS D 1270 29.63 72.61 31.06
N ASP D 1271 30.15 72.95 32.24
CA ASP D 1271 30.89 71.99 33.04
C ASP D 1271 30.01 70.81 33.45
N LYS D 1272 28.70 71.04 33.43
CA LYS D 1272 27.73 69.98 33.75
C LYS D 1272 27.61 69.01 32.58
N TYR D 1273 27.73 69.50 31.36
CA TYR D 1273 27.70 68.66 30.17
C TYR D 1273 28.88 67.68 30.19
N VAL D 1274 30.04 68.19 30.58
CA VAL D 1274 31.23 67.36 30.70
C VAL D 1274 30.99 66.24 31.70
N GLU D 1275 30.43 66.59 32.85
CA GLU D 1275 30.16 65.66 33.94
C GLU D 1275 29.38 64.45 33.45
N ILE D 1276 28.23 64.69 32.83
CA ILE D 1276 27.43 63.59 32.29
C ILE D 1276 28.16 62.94 31.11
N GLY D 1277 28.89 63.74 30.34
CA GLY D 1277 29.67 63.22 29.23
C GLY D 1277 30.70 62.22 29.69
N ARG D 1278 31.30 62.49 30.85
CA ARG D 1278 32.27 61.58 31.45
C ARG D 1278 31.59 60.29 31.91
N LYS D 1279 30.39 60.43 32.45
CA LYS D 1279 29.63 59.29 32.95
C LYS D 1279 29.13 58.42 31.81
N LEU D 1280 28.63 59.05 30.76
CA LEU D 1280 28.12 58.33 29.60
C LEU D 1280 29.23 57.53 28.93
N SER D 1281 30.41 58.13 28.81
CA SER D 1281 31.55 57.44 28.22
C SER D 1281 31.96 56.25 29.07
N ASP D 1282 32.16 56.48 30.36
CA ASP D 1282 32.58 55.44 31.29
C ASP D 1282 31.55 54.32 31.36
N LEU D 1283 30.29 54.67 31.13
CA LEU D 1283 29.21 53.69 31.15
C LEU D 1283 29.21 52.85 29.88
N HIS D 1284 29.46 53.48 28.74
CA HIS D 1284 29.37 52.83 27.44
C HIS D 1284 30.64 52.05 27.09
N LEU D 1285 31.76 52.43 27.70
CA LEU D 1285 33.00 51.69 27.51
C LEU D 1285 33.00 50.40 28.32
N ASN D 1286 32.37 50.45 29.49
CA ASN D 1286 32.27 49.31 30.38
C ASN D 1286 30.95 48.56 30.21
N TYR D 1287 30.41 48.60 28.99
CA TYR D 1287 29.08 48.06 28.72
C TYR D 1287 28.93 46.57 28.99
N GLU D 1288 30.06 45.87 29.07
CA GLU D 1288 30.03 44.42 29.24
C GLU D 1288 29.63 43.98 30.65
N ASN D 1289 30.18 44.65 31.65
CA ASN D 1289 29.90 44.33 33.05
C ASN D 1289 29.31 45.52 33.80
N GLN D 1290 28.04 45.42 34.15
CA GLN D 1290 27.34 46.49 34.86
C GLN D 1290 26.32 45.86 35.82
N PRO D 1291 26.16 46.46 37.02
CA PRO D 1291 25.25 45.86 38.02
C PRO D 1291 23.82 45.71 37.53
N ILE D 1292 23.31 44.48 37.56
CA ILE D 1292 21.96 44.16 37.09
C ILE D 1292 20.89 45.06 37.70
N TRP D 1293 19.87 45.37 36.91
CA TRP D 1293 18.79 46.27 37.35
C TRP D 1293 17.88 45.58 38.37
N ASP D 1294 17.12 46.38 39.10
CA ASP D 1294 16.23 45.86 40.13
C ASP D 1294 15.09 45.04 39.53
N GLY D 1295 14.79 43.90 40.17
CA GLY D 1295 13.60 43.13 39.84
C GLY D 1295 13.78 42.17 38.68
N ILE D 1296 14.88 42.27 37.98
CA ILE D 1296 15.19 41.31 36.91
C ILE D 1296 15.55 39.98 37.55
N GLU D 1297 14.96 38.91 37.05
CA GLU D 1297 15.19 37.57 37.56
C GLU D 1297 15.73 36.65 36.47
N VAL D 1298 16.93 36.13 36.70
CA VAL D 1298 17.57 35.20 35.78
C VAL D 1298 17.35 33.77 36.26
N GLU D 1299 16.51 33.03 35.54
CA GLU D 1299 16.17 31.66 35.90
C GLU D 1299 16.98 30.66 35.10
N ILE D 1300 18.00 30.08 35.73
CA ILE D 1300 18.86 29.08 35.09
C ILE D 1300 18.48 27.69 35.57
N SER D 1301 18.12 26.83 34.62
CA SER D 1301 17.70 25.46 34.94
C SER D 1301 18.90 24.50 34.83
N GLN D 1302 19.54 24.50 33.68
CA GLN D 1302 20.80 23.79 33.49
C GLN D 1302 21.90 24.82 33.21
N PRO D 1303 23.16 24.45 33.46
CA PRO D 1303 24.25 25.40 33.17
C PRO D 1303 24.67 25.37 31.69
N ASP D 1304 23.69 25.45 30.80
CA ASP D 1304 23.95 25.58 29.36
C ASP D 1304 23.91 27.05 28.97
N TYR D 1305 25.07 27.61 28.69
CA TYR D 1305 25.18 29.03 28.39
C TYR D 1305 25.38 29.27 26.89
N ARG D 1306 25.18 28.24 26.09
CA ARG D 1306 25.31 28.35 24.64
C ARG D 1306 24.10 29.06 24.04
N VAL D 1307 24.35 30.01 23.15
CA VAL D 1307 23.27 30.69 22.43
C VAL D 1307 23.08 30.10 21.04
N LYS D 1308 21.84 29.77 20.71
CA LYS D 1308 21.46 29.53 19.33
C LYS D 1308 20.86 30.82 18.81
N LYS D 1309 19.79 31.27 19.48
CA LYS D 1309 19.14 32.52 19.15
C LYS D 1309 18.30 33.00 20.32
N MET D 1310 18.48 34.25 20.69
CA MET D 1310 17.69 34.87 21.76
C MET D 1310 16.40 35.40 21.18
N LYS D 1311 15.32 35.33 21.96
CA LYS D 1311 14.00 35.73 21.48
C LYS D 1311 13.04 36.07 22.60
N HIS D 1312 12.02 36.85 22.27
CA HIS D 1312 10.90 37.07 23.19
C HIS D 1312 9.93 35.92 23.06
N PRO D 1313 9.24 35.56 24.16
CA PRO D 1313 8.34 34.39 24.13
C PRO D 1313 7.24 34.52 23.09
N LYS D 1314 6.65 35.71 23.03
CA LYS D 1314 5.74 36.07 21.95
C LYS D 1314 6.25 37.39 21.37
N LYS D 1315 5.56 37.93 20.37
CA LYS D 1315 6.00 39.18 19.77
C LYS D 1315 5.57 40.37 20.61
N GLY D 1316 6.49 41.30 20.83
CA GLY D 1316 6.16 42.57 21.48
C GLY D 1316 6.11 42.50 23.00
N VAL D 1317 6.42 41.34 23.58
CA VAL D 1317 6.53 41.25 25.03
C VAL D 1317 7.96 41.62 25.37
N LEU D 1318 8.12 42.76 26.04
CA LEU D 1318 9.42 43.34 26.28
C LEU D 1318 9.94 43.05 27.69
N ASP D 1319 9.14 42.32 28.47
CA ASP D 1319 9.47 42.04 29.86
C ASP D 1319 10.23 40.72 30.00
N THR D 1320 10.39 40.01 28.88
CA THR D 1320 10.98 38.67 28.90
C THR D 1320 11.89 38.43 27.69
N ILE D 1321 13.11 37.97 27.98
CA ILE D 1321 14.03 37.49 26.96
C ILE D 1321 14.43 36.05 27.27
N ILE D 1322 14.33 35.19 26.26
CA ILE D 1322 14.72 33.79 26.39
C ILE D 1322 16.11 33.59 25.82
N TYR D 1323 17.11 33.55 26.69
CA TYR D 1323 18.51 33.38 26.28
C TYR D 1323 18.68 32.08 25.50
N ASN D 1324 18.24 30.99 26.10
CA ASN D 1324 18.17 29.70 25.43
C ASN D 1324 17.11 28.83 26.11
N GLU D 1325 17.15 27.53 25.90
CA GLU D 1325 16.14 26.64 26.46
C GLU D 1325 16.31 26.50 27.97
N SER D 1326 17.54 26.70 28.45
CA SER D 1326 17.85 26.55 29.87
C SER D 1326 17.68 27.85 30.65
N ILE D 1327 17.94 28.98 29.98
CA ILE D 1327 17.95 30.28 30.65
C ILE D 1327 16.88 31.22 30.09
N THR D 1328 16.24 31.97 30.99
CA THR D 1328 15.30 33.00 30.60
C THR D 1328 15.43 34.19 31.56
N ILE D 1329 15.33 35.40 31.02
CA ILE D 1329 15.38 36.62 31.81
C ILE D 1329 13.97 37.19 31.92
N LYS D 1330 13.58 37.58 33.14
CA LYS D 1330 12.21 38.00 33.41
C LYS D 1330 12.13 39.33 34.16
N ASN D 1331 10.99 39.99 34.05
CA ASN D 1331 10.74 41.27 34.73
C ASN D 1331 11.80 42.33 34.43
N ILE D 1332 12.08 42.56 33.15
CA ILE D 1332 12.97 43.63 32.75
C ILE D 1332 12.14 44.87 32.40
N PRO D 1333 12.63 46.07 32.75
CA PRO D 1333 11.85 47.30 32.53
C PRO D 1333 11.70 47.65 31.05
N GLU D 1334 10.47 47.89 30.62
CA GLU D 1334 10.17 48.17 29.22
C GLU D 1334 10.72 49.54 28.80
N ARG D 1335 10.99 50.40 29.77
CA ARG D 1335 11.55 51.71 29.48
C ARG D 1335 12.98 51.59 28.95
N ALA D 1336 13.62 50.47 29.26
CA ALA D 1336 15.00 50.24 28.84
C ALA D 1336 15.14 50.20 27.32
N TYR D 1337 14.08 49.76 26.64
CA TYR D 1337 14.12 49.66 25.18
C TYR D 1337 14.07 51.02 24.50
N GLU D 1338 13.86 52.08 25.28
CA GLU D 1338 13.78 53.41 24.71
C GLU D 1338 15.17 53.92 24.29
N TYR D 1339 16.21 53.37 24.90
CA TYR D 1339 17.58 53.70 24.47
C TYR D 1339 17.85 53.06 23.13
N VAL D 1340 18.09 53.90 22.13
CA VAL D 1340 18.21 53.45 20.74
C VAL D 1340 19.50 53.91 20.10
N VAL D 1341 20.17 52.97 19.42
CA VAL D 1341 21.30 53.29 18.57
C VAL D 1341 20.87 53.01 17.14
N ASN D 1342 21.18 53.93 16.22
CA ASN D 1342 20.56 53.93 14.91
C ASN D 1342 19.05 54.06 15.11
N GLY D 1343 18.29 53.02 14.74
CA GLY D 1343 16.85 52.99 15.00
C GLY D 1343 16.45 51.79 15.85
N ARG D 1344 17.44 51.12 16.41
CA ARG D 1344 17.22 49.85 17.11
C ARG D 1344 17.55 49.97 18.60
N PRO D 1345 16.74 49.34 19.48
CA PRO D 1345 17.09 49.32 20.90
C PRO D 1345 18.44 48.66 21.18
N ALA D 1346 19.18 49.18 22.15
CA ALA D 1346 20.47 48.62 22.51
C ALA D 1346 20.35 47.16 22.91
N ILE D 1347 19.22 46.81 23.52
CA ILE D 1347 18.97 45.43 23.94
C ILE D 1347 18.80 44.53 22.72
N GLU D 1348 18.07 45.02 21.73
CA GLU D 1348 17.78 44.23 20.53
C GLU D 1348 19.03 44.05 19.66
N TRP D 1349 20.04 44.89 19.86
CA TRP D 1349 21.30 44.73 19.15
C TRP D 1349 21.98 43.44 19.63
N ILE D 1350 22.03 43.27 20.94
CA ILE D 1350 22.59 42.05 21.53
C ILE D 1350 21.80 40.83 21.05
N ILE D 1351 20.47 40.95 21.04
CA ILE D 1351 19.62 39.90 20.49
C ILE D 1351 19.96 39.67 19.03
N ASP D 1352 20.07 40.76 18.28
CA ASP D 1352 20.26 40.70 16.84
C ASP D 1352 21.63 40.14 16.47
N GLN D 1353 22.67 40.58 17.17
CA GLN D 1353 24.04 40.26 16.80
C GLN D 1353 24.57 38.97 17.44
N TYR D 1354 24.26 38.76 18.71
CA TYR D 1354 24.72 37.55 19.40
C TYR D 1354 23.77 36.40 19.13
N GLN D 1355 24.07 35.72 18.04
CA GLN D 1355 23.20 34.74 17.42
C GLN D 1355 24.05 33.91 16.48
N VAL D 1356 23.72 32.64 16.33
CA VAL D 1356 24.47 31.77 15.43
C VAL D 1356 23.98 31.96 14.00
N LYS D 1357 24.85 32.47 13.15
CA LYS D 1357 24.53 32.68 11.74
C LYS D 1357 25.60 32.06 10.85
N THR D 1358 25.27 31.92 9.57
CA THR D 1358 26.21 31.42 8.57
C THR D 1358 25.98 32.16 7.25
N ASP D 1359 27.04 32.78 6.72
CA ASP D 1359 26.94 33.54 5.48
C ASP D 1359 26.59 32.64 4.30
N LYS D 1360 25.48 32.95 3.63
CA LYS D 1360 24.95 32.11 2.57
C LYS D 1360 25.97 31.90 1.44
N LYS D 1361 26.56 32.99 0.97
CA LYS D 1361 27.48 32.94 -0.15
C LYS D 1361 28.76 32.16 0.14
N SER D 1362 29.45 32.53 1.22
CA SER D 1362 30.73 31.93 1.54
C SER D 1362 30.58 30.61 2.29
N GLY D 1363 29.43 30.41 2.92
CA GLY D 1363 29.20 29.23 3.72
C GLY D 1363 29.96 29.29 5.04
N ILE D 1364 30.48 30.46 5.37
CA ILE D 1364 31.25 30.65 6.60
C ILE D 1364 30.35 30.83 7.81
N THR D 1365 30.65 30.10 8.88
CA THR D 1365 29.86 30.17 10.11
C THR D 1365 30.45 31.20 11.06
N ASP D 1366 29.57 31.84 11.84
CA ASP D 1366 30.01 32.80 12.85
C ASP D 1366 29.30 32.53 14.17
N ASP D 1367 30.07 32.11 15.18
CA ASP D 1367 29.53 31.70 16.46
C ASP D 1367 29.91 32.69 17.56
N PRO D 1368 28.91 33.34 18.19
CA PRO D 1368 29.24 34.32 19.25
C PRO D 1368 29.85 33.66 20.48
N ASN D 1369 29.46 32.42 20.76
CA ASN D 1369 29.92 31.69 21.93
C ASN D 1369 31.45 31.54 21.97
N GLU D 1370 32.08 31.61 20.80
CA GLU D 1370 33.52 31.43 20.66
C GLU D 1370 34.28 32.75 20.81
N PHE D 1371 33.57 33.84 21.08
CA PHE D 1371 34.22 35.13 21.23
C PHE D 1371 35.06 35.19 22.50
N SER D 1372 34.53 34.63 23.59
CA SER D 1372 35.16 34.77 24.90
C SER D 1372 35.43 33.43 25.60
N ASP D 1373 36.47 33.44 26.43
CA ASP D 1373 36.77 32.34 27.34
C ASP D 1373 35.56 32.01 28.21
N ASN D 1374 34.90 33.06 28.71
CA ASN D 1374 33.80 32.92 29.66
C ASN D 1374 32.51 32.44 28.97
N PRO D 1375 31.96 31.29 29.41
CA PRO D 1375 30.63 30.85 28.94
C PRO D 1375 29.53 31.87 29.24
N LYS D 1376 29.67 32.62 30.33
CA LYS D 1376 28.65 33.56 30.76
C LYS D 1376 28.85 34.97 30.20
N TYR D 1377 29.70 35.10 29.18
CA TYR D 1377 30.01 36.41 28.62
C TYR D 1377 28.76 37.08 28.04
N ILE D 1378 28.07 36.37 27.15
CA ILE D 1378 26.94 36.94 26.42
C ILE D 1378 25.77 37.24 27.36
N LEU D 1379 25.54 36.35 28.33
CA LEU D 1379 24.45 36.56 29.27
C LEU D 1379 24.73 37.78 30.15
N ASN D 1380 25.97 37.92 30.60
CA ASN D 1380 26.36 39.10 31.37
C ASN D 1380 26.25 40.36 30.52
N LEU D 1381 26.64 40.25 29.26
CA LEU D 1381 26.55 41.36 28.32
C LEU D 1381 25.11 41.86 28.22
N LEU D 1382 24.20 40.96 27.86
CA LEU D 1382 22.77 41.27 27.79
C LEU D 1382 22.28 41.94 29.07
N LEU D 1383 22.51 41.28 30.20
CA LEU D 1383 22.08 41.80 31.49
C LEU D 1383 22.66 43.19 31.72
N SER D 1384 23.93 43.37 31.38
CA SER D 1384 24.60 44.64 31.56
C SER D 1384 23.97 45.73 30.70
N VAL D 1385 23.80 45.47 29.41
CA VAL D 1385 23.28 46.47 28.47
C VAL D 1385 21.90 46.97 28.88
N ILE D 1386 21.08 46.11 29.47
CA ILE D 1386 19.76 46.52 29.94
C ILE D 1386 19.90 47.66 30.95
N THR D 1387 20.95 47.60 31.76
CA THR D 1387 21.20 48.62 32.77
C THR D 1387 21.92 49.81 32.17
N VAL D 1388 22.75 49.55 31.15
CA VAL D 1388 23.37 50.61 30.37
C VAL D 1388 22.28 51.46 29.74
N SER D 1389 21.25 50.78 29.24
CA SER D 1389 20.10 51.45 28.65
C SER D 1389 19.40 52.33 29.69
N MET D 1390 18.96 51.71 30.78
CA MET D 1390 18.25 52.42 31.85
C MET D 1390 19.04 53.63 32.34
N ARG D 1391 20.33 53.42 32.60
CA ARG D 1391 21.18 54.47 33.17
C ARG D 1391 21.43 55.58 32.18
N THR D 1392 21.59 55.22 30.90
CA THR D 1392 21.83 56.20 29.86
C THR D 1392 20.64 57.14 29.74
N LEU D 1393 19.43 56.59 29.84
CA LEU D 1393 18.21 57.38 29.78
C LEU D 1393 18.13 58.32 30.97
N GLU D 1394 18.61 57.87 32.12
CA GLU D 1394 18.62 58.69 33.32
C GLU D 1394 19.61 59.83 33.18
N LEU D 1395 20.82 59.50 32.71
CA LEU D 1395 21.85 60.51 32.50
C LEU D 1395 21.40 61.53 31.45
N ILE D 1396 20.56 61.10 30.52
CA ILE D 1396 20.10 61.96 29.43
C ILE D 1396 19.14 63.03 29.94
N GLU D 1397 18.16 62.62 30.74
CA GLU D 1397 17.20 63.56 31.31
C GLU D 1397 17.85 64.38 32.43
N GLU D 1398 19.07 64.00 32.80
CA GLU D 1398 19.81 64.69 33.83
C GLU D 1398 20.58 65.89 33.25
N LEU D 1399 20.67 65.95 31.92
CA LEU D 1399 21.35 67.07 31.26
C LEU D 1399 20.67 68.40 31.58
N PRO D 1400 21.43 69.50 31.50
CA PRO D 1400 20.83 70.83 31.60
C PRO D 1400 19.84 71.09 30.47
N GLU D 1401 18.89 72.00 30.68
CA GLU D 1401 18.02 72.44 29.60
C GLU D 1401 18.85 73.21 28.58
N PHE D 1402 18.44 73.15 27.32
CA PHE D 1402 19.22 73.73 26.24
C PHE D 1402 19.18 75.27 26.28
N GLU D 1403 20.34 75.87 26.54
CA GLU D 1403 20.48 77.33 26.55
C GLU D 1403 21.84 77.73 25.98
N ILE D 1404 21.84 78.77 25.14
CA ILE D 1404 23.01 79.13 24.35
C ILE D 1404 23.88 80.19 25.05
N GLN D 1405 25.15 80.27 24.64
CA GLN D 1405 26.08 81.31 25.09
C GLN D 1405 26.53 81.07 26.53
#